data_8P5O
#
_entry.id   8P5O
#
_cell.length_a   195.021
_cell.length_b   195.021
_cell.length_c   346.460
_cell.angle_alpha   90.000
_cell.angle_beta   90.000
_cell.angle_gamma   120.000
#
_symmetry.space_group_name_H-M   'H 3 2'
#
loop_
_entity.id
_entity.type
_entity.pdbx_description
1 polymer 'Gramicidin S synthase 2'
2 water water
#
_entity_poly.entity_id   1
_entity_poly.type   'polypeptide(L)'
_entity_poly.pdbx_seq_one_letter_code
;GPDSITEYPDKTIHQLFTEQVEKTPEHVAVVFEDEKVTYRELHERSNQLARFLREKGVKKESIIGIMMERSVEMIVGILG
ILKAGGAFVPIDPEYPKERIGYMLDSVRLVLTQRHLKDKFAFTKETIVIEDPSISHELTEEIDYINESEDLFYIIYTSGT
TGKPKGVMLEHKNIVNLLHFTFEKTNINFSDKVLQYTTCSFDVCYQEIFSTLLSGGQLYLIRKETQRDVEQLFDLVKREN
IEVLSFPVAFLKFIFNEREFINRFPTCVKHIITAGEQLVVNNEFKRYLHEHNVHLHNHYGPSETHVVTTYTINPEAEIPE
LPPIGKPISNTWIYILDQEQQLQPQGIVGELYISGANVGRGYLNNQELTAEKFFADPFRPNERMYRTGDLARWLPDGNIE
FLGRA
;
_entity_poly.pdbx_strand_id   A,B,C,D
#
# COMPACT_ATOMS: atom_id res chain seq x y z
N TYR A 8 7.17 -18.63 9.84
CA TYR A 8 8.58 -19.00 9.73
C TYR A 8 9.07 -19.67 11.01
N PRO A 9 9.96 -20.64 10.88
CA PRO A 9 10.44 -21.37 12.05
C PRO A 9 11.13 -20.44 13.05
N ASP A 10 10.77 -20.60 14.33
CA ASP A 10 11.42 -19.89 15.42
C ASP A 10 12.74 -20.60 15.77
N LYS A 11 13.63 -20.65 14.79
CA LYS A 11 14.85 -21.42 14.88
C LYS A 11 16.05 -20.57 14.49
N THR A 12 17.21 -20.98 14.97
CA THR A 12 18.47 -20.35 14.62
C THR A 12 19.02 -20.94 13.33
N ILE A 13 20.01 -20.26 12.76
CA ILE A 13 20.58 -20.70 11.49
C ILE A 13 21.28 -22.05 11.65
N HIS A 14 22.05 -22.21 12.74
CA HIS A 14 22.75 -23.47 12.94
C HIS A 14 21.79 -24.60 13.31
N GLN A 15 20.69 -24.27 13.99
CA GLN A 15 19.66 -25.28 14.26
C GLN A 15 19.05 -25.80 12.97
N LEU A 16 18.68 -24.89 12.07
CA LEU A 16 18.11 -25.30 10.79
C LEU A 16 19.14 -26.04 9.94
N PHE A 17 20.40 -25.62 10.00
CA PHE A 17 21.45 -26.34 9.26
C PHE A 17 21.60 -27.77 9.76
N THR A 18 21.51 -27.96 11.09
CA THR A 18 21.59 -29.31 11.65
C THR A 18 20.50 -30.20 11.09
N GLU A 19 19.26 -29.68 11.02
CA GLU A 19 18.16 -30.46 10.47
C GLU A 19 18.38 -30.80 9.01
N GLN A 20 19.11 -29.95 8.27
CA GLN A 20 19.41 -30.25 6.88
C GLN A 20 20.44 -31.37 6.77
N VAL A 21 21.40 -31.41 7.71
CA VAL A 21 22.39 -32.50 7.71
C VAL A 21 21.70 -33.83 7.96
N GLU A 22 20.65 -33.83 8.79
CA GLU A 22 19.86 -35.04 9.00
C GLU A 22 19.25 -35.53 7.69
N LYS A 23 18.74 -34.60 6.88
CA LYS A 23 18.06 -34.98 5.64
C LYS A 23 19.05 -35.50 4.59
N THR A 24 20.16 -34.78 4.40
CA THR A 24 21.12 -35.10 3.34
C THR A 24 22.54 -35.14 3.89
N PRO A 25 22.84 -36.10 4.77
CA PRO A 25 24.18 -36.14 5.37
C PRO A 25 25.29 -36.44 4.37
N GLU A 26 25.02 -37.26 3.34
CA GLU A 26 26.05 -37.65 2.39
C GLU A 26 26.10 -36.76 1.17
N HIS A 27 25.20 -35.79 1.05
CA HIS A 27 25.23 -34.87 -0.07
C HIS A 27 26.38 -33.89 0.09
N VAL A 28 26.96 -33.50 -1.06
CA VAL A 28 28.05 -32.53 -1.05
C VAL A 28 27.51 -31.17 -0.66
N ALA A 29 28.07 -30.59 0.40
CA ALA A 29 27.63 -29.28 0.87
C ALA A 29 28.48 -28.15 0.32
N VAL A 30 29.80 -28.34 0.28
CA VAL A 30 30.74 -27.31 -0.16
C VAL A 30 31.68 -27.90 -1.19
N VAL A 31 31.89 -27.18 -2.29
CA VAL A 31 32.90 -27.54 -3.29
C VAL A 31 33.89 -26.40 -3.38
N PHE A 32 35.18 -26.73 -3.27
CA PHE A 32 36.26 -25.75 -3.42
C PHE A 32 37.34 -26.42 -4.26
N GLU A 33 37.27 -26.21 -5.58
CA GLU A 33 38.22 -26.80 -6.53
C GLU A 33 38.29 -28.32 -6.37
N ASP A 34 39.41 -28.81 -5.84
CA ASP A 34 39.54 -30.24 -5.60
C ASP A 34 38.65 -30.70 -4.46
N GLU A 35 38.55 -29.90 -3.40
CA GLU A 35 37.90 -30.32 -2.16
C GLU A 35 36.38 -30.31 -2.31
N LYS A 36 35.75 -31.42 -1.95
CA LYS A 36 34.29 -31.54 -1.91
C LYS A 36 33.90 -32.06 -0.54
N VAL A 37 33.11 -31.28 0.20
CA VAL A 37 32.81 -31.55 1.60
C VAL A 37 31.32 -31.86 1.73
N THR A 38 31.01 -32.98 2.38
CA THR A 38 29.62 -33.38 2.59
C THR A 38 29.03 -32.63 3.78
N TYR A 39 27.71 -32.73 3.90
CA TYR A 39 27.02 -32.07 5.01
C TYR A 39 27.45 -32.65 6.35
N ARG A 40 27.63 -33.97 6.41
CA ARG A 40 28.13 -34.58 7.64
C ARG A 40 29.54 -34.12 7.96
N GLU A 41 30.41 -34.03 6.95
CA GLU A 41 31.76 -33.52 7.16
C GLU A 41 31.71 -32.09 7.69
N LEU A 42 30.89 -31.24 7.05
CA LEU A 42 30.78 -29.86 7.49
C LEU A 42 30.18 -29.76 8.89
N HIS A 43 29.17 -30.59 9.18
CA HIS A 43 28.55 -30.58 10.50
C HIS A 43 29.54 -31.02 11.57
N GLU A 44 30.26 -32.12 11.33
CA GLU A 44 31.18 -32.65 12.33
C GLU A 44 32.36 -31.71 12.56
N ARG A 45 32.93 -31.16 11.48
CA ARG A 45 34.08 -30.27 11.63
C ARG A 45 33.71 -29.00 12.39
N SER A 46 32.53 -28.43 12.12
CA SER A 46 32.10 -27.26 12.88
C SER A 46 31.71 -27.63 14.29
N ASN A 47 31.23 -28.86 14.52
CA ASN A 47 30.98 -29.32 15.88
C ASN A 47 32.27 -29.34 16.70
N GLN A 48 33.36 -29.83 16.11
CA GLN A 48 34.65 -29.84 16.80
C GLN A 48 35.11 -28.42 17.12
N LEU A 49 34.99 -27.52 16.14
CA LEU A 49 35.37 -26.12 16.36
C LEU A 49 34.48 -25.49 17.43
N ALA A 50 33.18 -25.78 17.40
CA ALA A 50 32.28 -25.21 18.39
C ALA A 50 32.66 -25.63 19.80
N ARG A 51 33.01 -26.90 19.98
CA ARG A 51 33.51 -27.36 21.27
C ARG A 51 34.78 -26.61 21.66
N PHE A 52 35.71 -26.46 20.71
CA PHE A 52 36.93 -25.72 20.97
C PHE A 52 36.64 -24.27 21.33
N LEU A 53 35.69 -23.64 20.62
CA LEU A 53 35.36 -22.25 20.89
C LEU A 53 34.75 -22.09 22.28
N ARG A 54 33.87 -23.00 22.68
CA ARG A 54 33.30 -22.94 24.02
C ARG A 54 34.37 -23.20 25.08
N GLU A 55 35.32 -24.09 24.77
CA GLU A 55 36.45 -24.31 25.67
C GLU A 55 37.29 -23.04 25.85
N LYS A 56 37.29 -22.16 24.85
CA LYS A 56 38.08 -20.94 24.89
C LYS A 56 37.26 -19.73 25.33
N GLY A 57 36.05 -19.94 25.85
CA GLY A 57 35.29 -18.88 26.46
C GLY A 57 34.10 -18.37 25.67
N VAL A 58 33.88 -18.88 24.45
CA VAL A 58 32.73 -18.43 23.67
C VAL A 58 31.44 -18.82 24.38
N LYS A 59 30.59 -17.84 24.64
CA LYS A 59 29.32 -18.07 25.33
C LYS A 59 28.17 -17.49 24.51
N LYS A 60 26.97 -17.48 25.10
CA LYS A 60 25.80 -16.92 24.43
C LYS A 60 26.05 -15.49 24.01
N GLU A 61 25.86 -15.22 22.71
CA GLU A 61 25.97 -13.88 22.13
C GLU A 61 27.36 -13.27 22.25
N SER A 62 28.39 -14.10 22.40
CA SER A 62 29.74 -13.59 22.35
C SER A 62 30.05 -13.13 20.93
N ILE A 63 30.74 -11.98 20.83
CA ILE A 63 31.09 -11.41 19.53
C ILE A 63 32.47 -11.93 19.14
N ILE A 64 32.53 -12.68 18.05
CA ILE A 64 33.76 -13.33 17.61
C ILE A 64 34.11 -12.81 16.23
N GLY A 65 35.31 -12.25 16.09
CA GLY A 65 35.80 -11.85 14.79
C GLY A 65 36.25 -13.08 14.01
N ILE A 66 35.96 -13.07 12.71
CA ILE A 66 36.36 -14.14 11.82
C ILE A 66 36.99 -13.51 10.58
N MET A 67 38.26 -13.85 10.32
CA MET A 67 38.99 -13.31 9.18
C MET A 67 39.70 -14.47 8.48
N MET A 68 39.15 -14.90 7.34
CA MET A 68 39.71 -15.99 6.58
C MET A 68 39.60 -15.69 5.10
N GLU A 69 40.45 -16.35 4.31
CA GLU A 69 40.29 -16.33 2.88
C GLU A 69 39.09 -17.18 2.48
N ARG A 70 38.68 -17.03 1.21
CA ARG A 70 37.63 -17.89 0.68
C ARG A 70 38.08 -19.34 0.76
N SER A 71 37.40 -20.14 1.57
CA SER A 71 37.87 -21.49 1.86
C SER A 71 36.76 -22.27 2.54
N VAL A 72 36.90 -23.60 2.51
CA VAL A 72 36.04 -24.45 3.33
C VAL A 72 36.22 -24.11 4.81
N GLU A 73 37.43 -23.70 5.20
CA GLU A 73 37.68 -23.31 6.58
C GLU A 73 36.81 -22.14 7.01
N MET A 74 36.51 -21.23 6.08
CA MET A 74 35.62 -20.11 6.41
C MET A 74 34.22 -20.61 6.73
N ILE A 75 33.72 -21.58 5.95
CA ILE A 75 32.38 -22.11 6.20
C ILE A 75 32.32 -22.81 7.55
N VAL A 76 33.34 -23.61 7.86
CA VAL A 76 33.40 -24.27 9.16
C VAL A 76 33.48 -23.23 10.27
N GLY A 77 34.28 -22.19 10.08
CA GLY A 77 34.41 -21.17 11.10
C GLY A 77 33.09 -20.50 11.44
N ILE A 78 32.35 -20.10 10.42
CA ILE A 78 31.06 -19.44 10.65
C ILE A 78 30.11 -20.36 11.39
N LEU A 79 30.01 -21.62 10.94
CA LEU A 79 29.13 -22.57 11.60
C LEU A 79 29.58 -22.85 13.03
N GLY A 80 30.89 -22.99 13.24
CA GLY A 80 31.39 -23.23 14.58
C GLY A 80 31.09 -22.08 15.54
N ILE A 81 31.25 -20.85 15.06
CA ILE A 81 30.97 -19.68 15.90
C ILE A 81 29.50 -19.63 16.28
N LEU A 82 28.61 -19.94 15.33
CA LEU A 82 27.18 -19.91 15.62
C LEU A 82 26.77 -21.08 16.51
N LYS A 83 27.32 -22.27 16.26
CA LYS A 83 26.99 -23.43 17.08
C LYS A 83 27.40 -23.21 18.53
N ALA A 84 28.61 -22.66 18.75
CA ALA A 84 29.07 -22.40 20.10
C ALA A 84 28.17 -21.43 20.84
N GLY A 85 27.45 -20.58 20.11
CA GLY A 85 26.50 -19.66 20.70
C GLY A 85 26.75 -18.20 20.42
N GLY A 86 27.82 -17.84 19.71
CA GLY A 86 28.15 -16.46 19.46
C GLY A 86 27.75 -15.97 18.06
N ALA A 87 27.99 -14.69 17.84
CA ALA A 87 27.81 -14.05 16.55
C ALA A 87 29.17 -13.64 16.00
N PHE A 88 29.30 -13.69 14.68
CA PHE A 88 30.59 -13.45 14.04
C PHE A 88 30.66 -12.06 13.44
N VAL A 89 31.88 -11.53 13.36
CA VAL A 89 32.14 -10.24 12.72
C VAL A 89 33.04 -10.50 11.52
N PRO A 90 32.51 -10.44 10.29
CA PRO A 90 33.35 -10.72 9.12
C PRO A 90 34.36 -9.60 8.89
N ILE A 91 35.62 -10.00 8.75
CA ILE A 91 36.72 -9.08 8.49
C ILE A 91 37.42 -9.50 7.20
N ASP A 92 37.56 -8.57 6.28
CA ASP A 92 38.29 -8.83 5.04
C ASP A 92 39.77 -8.95 5.34
N PRO A 93 40.43 -10.05 4.96
CA PRO A 93 41.89 -10.13 5.15
C PRO A 93 42.66 -9.13 4.30
N GLU A 94 42.02 -8.50 3.31
CA GLU A 94 42.66 -7.50 2.46
C GLU A 94 42.51 -6.09 3.01
N TYR A 95 41.83 -5.91 4.12
CA TYR A 95 41.58 -4.58 4.64
C TYR A 95 42.83 -4.03 5.36
N PRO A 96 43.01 -2.71 5.37
CA PRO A 96 44.13 -2.13 6.12
C PRO A 96 44.02 -2.49 7.60
N LYS A 97 45.18 -2.71 8.23
CA LYS A 97 45.16 -3.19 9.60
C LYS A 97 44.75 -2.12 10.61
N GLU A 98 44.61 -0.87 10.20
CA GLU A 98 43.92 0.11 11.03
C GLU A 98 42.40 -0.03 10.89
N ARG A 99 41.93 -0.32 9.68
CA ARG A 99 40.52 -0.61 9.47
C ARG A 99 40.09 -1.86 10.23
N ILE A 100 41.00 -2.82 10.40
CA ILE A 100 40.70 -3.99 11.23
C ILE A 100 40.41 -3.56 12.66
N GLY A 101 41.28 -2.71 13.22
CA GLY A 101 41.16 -2.33 14.62
C GLY A 101 39.79 -1.76 14.98
N TYR A 102 39.17 -1.05 14.03
CA TYR A 102 37.79 -0.60 14.22
C TYR A 102 36.87 -1.78 14.53
N MET A 103 37.01 -2.87 13.78
CA MET A 103 36.10 -4.00 13.88
C MET A 103 36.33 -4.87 15.11
N LEU A 104 37.50 -4.78 15.74
CA LEU A 104 37.72 -5.52 16.98
C LEU A 104 37.03 -4.90 18.18
N ASP A 105 36.17 -3.91 17.95
CA ASP A 105 35.41 -3.27 19.01
C ASP A 105 34.51 -4.29 19.70
N SER A 106 34.79 -4.58 20.98
CA SER A 106 33.96 -5.43 21.84
C SER A 106 33.98 -6.90 21.41
N VAL A 107 34.94 -7.30 20.57
CA VAL A 107 35.03 -8.69 20.12
C VAL A 107 35.75 -9.52 21.16
N ARG A 108 35.22 -10.70 21.47
CA ARG A 108 35.83 -11.57 22.47
C ARG A 108 37.18 -12.10 21.98
N LEU A 109 37.22 -12.65 20.77
CA LEU A 109 38.45 -13.19 20.21
C LEU A 109 38.32 -13.24 18.70
N VAL A 110 39.42 -13.57 18.04
CA VAL A 110 39.50 -13.59 16.58
C VAL A 110 39.76 -15.01 16.12
N LEU A 111 38.90 -15.50 15.23
CA LEU A 111 39.10 -16.78 14.56
C LEU A 111 39.64 -16.50 13.15
N THR A 112 40.81 -17.04 12.83
CA THR A 112 41.48 -16.70 11.60
C THR A 112 42.28 -17.91 11.11
N GLN A 113 43.07 -17.70 10.06
CA GLN A 113 43.92 -18.73 9.49
C GLN A 113 45.38 -18.51 9.87
N ARG A 114 46.21 -19.48 9.50
CA ARG A 114 47.62 -19.45 9.89
C ARG A 114 48.33 -18.21 9.38
N HIS A 115 48.20 -17.91 8.09
CA HIS A 115 48.97 -16.83 7.49
C HIS A 115 48.42 -15.46 7.88
N LEU A 116 47.13 -15.37 8.19
CA LEU A 116 46.55 -14.10 8.60
C LEU A 116 46.80 -13.83 10.09
N LYS A 117 46.94 -14.89 10.90
CA LYS A 117 47.47 -14.71 12.24
C LYS A 117 48.86 -14.07 12.21
N ASP A 118 49.63 -14.36 11.16
CA ASP A 118 50.95 -13.78 10.97
C ASP A 118 50.87 -12.34 10.49
N LYS A 119 49.97 -12.06 9.54
CA LYS A 119 49.99 -10.77 8.84
C LYS A 119 49.69 -9.61 9.77
N PHE A 120 48.79 -9.80 10.73
CA PHE A 120 48.22 -8.68 11.47
C PHE A 120 48.72 -8.54 12.89
N ALA A 121 49.02 -9.64 13.58
CA ALA A 121 49.45 -9.61 14.98
C ALA A 121 48.45 -8.82 15.83
N PHE A 122 47.23 -9.39 15.90
CA PHE A 122 46.08 -8.70 16.46
C PHE A 122 46.32 -8.25 17.90
N THR A 123 45.55 -7.25 18.32
CA THR A 123 45.49 -6.81 19.71
C THR A 123 44.42 -7.53 20.49
N LYS A 124 44.01 -8.72 20.04
CA LYS A 124 43.00 -9.52 20.70
C LYS A 124 43.43 -10.98 20.68
N GLU A 125 42.79 -11.78 21.52
CA GLU A 125 43.05 -13.21 21.54
C GLU A 125 42.68 -13.83 20.19
N THR A 126 43.56 -14.68 19.66
CA THR A 126 43.43 -15.17 18.31
C THR A 126 43.46 -16.70 18.30
N ILE A 127 42.52 -17.30 17.57
CA ILE A 127 42.46 -18.74 17.36
C ILE A 127 42.64 -19.02 15.88
N VAL A 128 43.49 -19.98 15.56
CA VAL A 128 43.71 -20.41 14.18
C VAL A 128 42.82 -21.61 13.90
N ILE A 129 42.26 -21.66 12.69
CA ILE A 129 41.41 -22.78 12.31
C ILE A 129 42.24 -24.03 12.10
N GLU A 130 43.50 -23.87 11.72
CA GLU A 130 44.40 -24.99 11.48
C GLU A 130 45.02 -25.56 12.76
N ASP A 131 44.62 -25.05 13.92
CA ASP A 131 45.12 -25.55 15.19
C ASP A 131 44.81 -27.04 15.32
N PRO A 132 45.81 -27.90 15.51
CA PRO A 132 45.53 -29.34 15.61
C PRO A 132 44.73 -29.73 16.84
N SER A 133 44.67 -28.87 17.86
CA SER A 133 43.85 -29.17 19.03
C SER A 133 42.37 -29.26 18.67
N ILE A 134 41.92 -28.47 17.70
CA ILE A 134 40.50 -28.46 17.31
C ILE A 134 40.08 -29.84 16.81
N SER A 135 40.94 -30.49 16.03
CA SER A 135 40.58 -31.78 15.43
C SER A 135 40.49 -32.91 16.44
N HIS A 136 40.92 -32.69 17.69
CA HIS A 136 40.81 -33.70 18.73
C HIS A 136 39.49 -33.63 19.49
N GLU A 137 38.71 -32.58 19.29
CA GLU A 137 37.41 -32.47 19.96
C GLU A 137 36.42 -33.48 19.39
N LEU A 138 35.37 -33.73 20.16
CA LEU A 138 34.34 -34.67 19.73
C LEU A 138 33.63 -34.14 18.48
N THR A 139 33.34 -35.04 17.55
CA THR A 139 32.57 -34.71 16.37
C THR A 139 31.07 -34.89 16.60
N GLU A 140 30.67 -35.25 17.81
CA GLU A 140 29.26 -35.43 18.12
C GLU A 140 28.55 -34.08 18.24
N GLU A 141 27.23 -34.14 18.26
CA GLU A 141 26.43 -32.93 18.37
C GLU A 141 26.60 -32.27 19.73
N ILE A 142 26.08 -31.06 19.85
CA ILE A 142 26.13 -30.29 21.09
C ILE A 142 24.74 -29.72 21.36
N ASP A 143 24.56 -29.23 22.58
CA ASP A 143 23.35 -28.52 22.95
C ASP A 143 23.47 -27.07 22.48
N TYR A 144 22.51 -26.63 21.66
CA TYR A 144 22.52 -25.26 21.17
C TYR A 144 21.91 -24.34 22.23
N ILE A 145 22.49 -23.14 22.34
CA ILE A 145 22.19 -22.23 23.44
C ILE A 145 21.53 -20.94 22.97
N ASN A 146 21.22 -20.80 21.70
CA ASN A 146 20.72 -19.54 21.15
C ASN A 146 19.21 -19.59 20.93
N GLU A 147 18.58 -18.44 21.11
CA GLU A 147 17.20 -18.22 20.73
C GLU A 147 17.14 -17.55 19.36
N SER A 148 15.92 -17.35 18.85
CA SER A 148 15.76 -16.77 17.52
C SER A 148 16.28 -15.35 17.47
N GLU A 149 16.10 -14.60 18.55
CA GLU A 149 16.42 -13.17 18.59
C GLU A 149 17.88 -12.92 18.96
N ASP A 150 18.68 -13.97 19.12
CA ASP A 150 20.11 -13.79 19.38
C ASP A 150 20.81 -13.25 18.14
N LEU A 151 21.89 -12.51 18.38
CA LEU A 151 22.67 -11.92 17.30
C LEU A 151 23.21 -13.01 16.37
N PHE A 152 23.16 -12.74 15.06
CA PHE A 152 23.69 -13.65 14.05
C PHE A 152 25.06 -13.20 13.57
N TYR A 153 25.18 -11.97 13.06
CA TYR A 153 26.48 -11.36 12.83
C TYR A 153 26.42 -9.88 13.18
N ILE A 154 27.59 -9.25 13.15
CA ILE A 154 27.72 -7.79 13.17
C ILE A 154 28.56 -7.42 11.95
N ILE A 155 27.94 -6.75 10.98
CA ILE A 155 28.61 -6.38 9.73
C ILE A 155 28.84 -4.89 9.73
N TYR A 156 30.02 -4.48 9.29
CA TYR A 156 30.42 -3.08 9.32
C TYR A 156 30.23 -2.45 7.94
N THR A 157 29.84 -1.18 7.94
CA THR A 157 29.61 -0.44 6.69
C THR A 157 30.43 0.85 6.68
N PRO A 164 32.55 4.12 10.12
CA PRO A 164 32.17 2.70 10.02
C PRO A 164 31.33 2.23 11.21
N LYS A 165 30.13 1.75 10.93
CA LYS A 165 29.19 1.33 11.96
C LYS A 165 28.98 -0.18 11.90
N GLY A 166 28.95 -0.81 13.07
CA GLY A 166 28.72 -2.24 13.15
C GLY A 166 27.25 -2.59 13.17
N VAL A 167 26.73 -3.06 12.04
CA VAL A 167 25.31 -3.35 11.92
C VAL A 167 25.01 -4.71 12.53
N MET A 168 24.05 -4.75 13.44
CA MET A 168 23.73 -5.95 14.19
C MET A 168 22.49 -6.62 13.59
N LEU A 169 22.63 -7.89 13.24
CA LEU A 169 21.53 -8.69 12.70
C LEU A 169 21.36 -9.94 13.54
N GLU A 170 20.11 -10.29 13.82
CA GLU A 170 19.77 -11.44 14.64
C GLU A 170 19.46 -12.65 13.76
N HIS A 171 19.49 -13.83 14.39
CA HIS A 171 19.11 -15.06 13.69
C HIS A 171 17.71 -14.95 13.09
N LYS A 172 16.80 -14.30 13.81
CA LYS A 172 15.42 -14.17 13.35
C LYS A 172 15.34 -13.44 12.00
N ASN A 173 16.15 -12.39 11.84
CA ASN A 173 16.07 -11.58 10.63
C ASN A 173 16.50 -12.36 9.39
N ILE A 174 17.63 -13.07 9.48
CA ILE A 174 18.13 -13.80 8.33
C ILE A 174 17.27 -15.03 8.04
N VAL A 175 16.74 -15.66 9.08
CA VAL A 175 15.89 -16.84 8.89
C VAL A 175 14.62 -16.47 8.14
N ASN A 176 14.03 -15.33 8.48
CA ASN A 176 12.80 -14.91 7.82
C ASN A 176 13.02 -14.69 6.32
N LEU A 177 14.12 -14.04 5.95
CA LEU A 177 14.43 -13.86 4.53
C LEU A 177 14.65 -15.20 3.84
N LEU A 178 15.41 -16.10 4.48
CA LEU A 178 15.64 -17.41 3.91
C LEU A 178 14.35 -18.22 3.81
N HIS A 179 13.51 -18.15 4.83
CA HIS A 179 12.25 -18.90 4.80
C HIS A 179 11.35 -18.42 3.66
N PHE A 180 11.28 -17.11 3.46
CA PHE A 180 10.54 -16.59 2.31
C PHE A 180 11.14 -17.08 1.01
N THR A 181 12.47 -17.18 0.96
CA THR A 181 13.14 -17.62 -0.26
C THR A 181 12.78 -19.07 -0.57
N PHE A 182 12.69 -19.91 0.45
CA PHE A 182 12.33 -21.31 0.22
C PHE A 182 10.84 -21.46 -0.11
N GLU A 183 9.97 -20.80 0.67
CA GLU A 183 8.54 -21.03 0.53
C GLU A 183 7.94 -20.32 -0.68
N LYS A 184 8.38 -19.10 -0.97
CA LYS A 184 7.70 -18.26 -1.95
C LYS A 184 8.50 -18.03 -3.23
N THR A 185 9.57 -18.81 -3.44
CA THR A 185 10.32 -18.76 -4.69
C THR A 185 10.75 -20.16 -5.06
N ASN A 186 10.98 -20.37 -6.35
CA ASN A 186 11.45 -21.66 -6.87
C ASN A 186 12.86 -21.54 -7.44
N ILE A 187 13.71 -20.75 -6.79
CA ILE A 187 15.14 -20.79 -7.09
C ILE A 187 15.69 -22.10 -6.53
N ASN A 188 16.33 -22.89 -7.40
CA ASN A 188 16.78 -24.23 -7.01
C ASN A 188 18.07 -24.13 -6.20
N PHE A 189 17.90 -23.70 -4.95
CA PHE A 189 19.04 -23.61 -4.04
C PHE A 189 19.54 -24.99 -3.60
N SER A 190 18.72 -26.03 -3.79
CA SER A 190 19.17 -27.40 -3.53
C SER A 190 20.11 -27.92 -4.62
N ASP A 191 20.23 -27.19 -5.73
CA ASP A 191 21.21 -27.50 -6.76
C ASP A 191 22.49 -26.72 -6.49
N LYS A 192 23.39 -26.67 -7.48
CA LYS A 192 24.68 -26.02 -7.31
C LYS A 192 24.53 -24.50 -7.38
N VAL A 193 25.13 -23.80 -6.41
CA VAL A 193 25.02 -22.36 -6.26
C VAL A 193 26.42 -21.77 -6.12
N LEU A 194 26.67 -20.67 -6.82
CA LEU A 194 27.98 -20.02 -6.82
C LEU A 194 28.06 -19.00 -5.69
N GLN A 195 29.13 -19.10 -4.89
CA GLN A 195 29.38 -18.18 -3.79
C GLN A 195 30.33 -17.09 -4.26
N TYR A 196 29.76 -16.05 -4.87
CA TYR A 196 30.54 -14.99 -5.50
C TYR A 196 30.85 -13.83 -4.56
N THR A 197 29.89 -13.41 -3.75
CA THR A 197 29.99 -12.15 -3.03
C THR A 197 31.08 -12.20 -1.97
N THR A 198 31.81 -11.09 -1.83
CA THR A 198 32.87 -10.98 -0.84
C THR A 198 32.30 -11.10 0.58
N CYS A 199 33.09 -11.71 1.46
CA CYS A 199 32.63 -12.06 2.80
C CYS A 199 32.30 -10.85 3.67
N SER A 200 32.67 -9.64 3.26
CA SER A 200 32.35 -8.44 4.02
C SER A 200 31.00 -7.84 3.62
N PHE A 201 30.27 -8.47 2.71
CA PHE A 201 28.94 -8.03 2.32
C PHE A 201 27.90 -9.01 2.84
N ASP A 202 26.70 -8.50 3.09
CA ASP A 202 25.64 -9.33 3.66
C ASP A 202 25.06 -10.33 2.67
N VAL A 203 25.18 -10.06 1.37
CA VAL A 203 24.65 -10.98 0.36
C VAL A 203 25.42 -12.30 0.38
N CYS A 204 26.71 -12.26 0.75
CA CYS A 204 27.52 -13.46 0.81
C CYS A 204 26.87 -14.54 1.66
N TYR A 205 26.30 -14.16 2.80
CA TYR A 205 25.67 -15.12 3.70
C TYR A 205 24.27 -15.51 3.26
N GLN A 206 23.62 -14.67 2.46
CA GLN A 206 22.41 -15.11 1.77
C GLN A 206 22.73 -16.23 0.79
N GLU A 207 23.83 -16.11 0.05
CA GLU A 207 24.26 -17.18 -0.84
C GLU A 207 24.63 -18.43 -0.06
N ILE A 208 25.40 -18.27 1.02
CA ILE A 208 25.92 -19.43 1.74
C ILE A 208 24.79 -20.23 2.38
N PHE A 209 23.91 -19.56 3.12
CA PHE A 209 22.98 -20.27 3.98
C PHE A 209 21.67 -20.64 3.30
N SER A 210 21.27 -19.94 2.23
CA SER A 210 20.12 -20.41 1.47
C SER A 210 20.46 -21.70 0.72
N THR A 211 21.74 -21.90 0.39
CA THR A 211 22.18 -23.16 -0.18
C THR A 211 22.34 -24.23 0.90
N LEU A 212 23.02 -23.89 2.00
CA LEU A 212 23.30 -24.86 3.04
C LEU A 212 22.03 -25.33 3.75
N LEU A 213 21.01 -24.47 3.82
CA LEU A 213 19.78 -24.80 4.53
C LEU A 213 18.72 -25.41 3.61
N SER A 214 19.03 -25.61 2.33
CA SER A 214 18.13 -26.28 1.41
C SER A 214 18.77 -27.49 0.75
N GLY A 215 19.94 -27.92 1.21
CA GLY A 215 20.54 -29.16 0.74
C GLY A 215 21.35 -29.04 -0.54
N GLY A 216 21.76 -27.83 -0.92
CA GLY A 216 22.46 -27.63 -2.18
C GLY A 216 23.97 -27.72 -2.03
N GLN A 217 24.64 -27.53 -3.17
CA GLN A 217 26.09 -27.52 -3.24
C GLN A 217 26.58 -26.09 -3.31
N LEU A 218 27.36 -25.67 -2.32
CA LEU A 218 27.91 -24.33 -2.26
C LEU A 218 29.29 -24.33 -2.93
N TYR A 219 29.41 -23.61 -4.03
CA TYR A 219 30.66 -23.54 -4.79
C TYR A 219 31.42 -22.28 -4.40
N LEU A 220 32.57 -22.46 -3.76
CA LEU A 220 33.45 -21.36 -3.42
C LEU A 220 34.54 -21.23 -4.48
N ILE A 221 35.11 -20.02 -4.57
CA ILE A 221 36.09 -19.70 -5.58
C ILE A 221 37.26 -18.98 -4.92
N ARG A 222 38.43 -19.10 -5.53
CA ARG A 222 39.57 -18.33 -5.07
C ARG A 222 39.39 -16.86 -5.43
N LYS A 223 40.10 -16.00 -4.68
CA LYS A 223 40.03 -14.57 -4.90
C LYS A 223 40.34 -14.21 -6.34
N GLU A 224 41.31 -14.89 -6.95
CA GLU A 224 41.71 -14.57 -8.31
C GLU A 224 40.68 -15.04 -9.33
N THR A 225 40.01 -16.17 -9.06
CA THR A 225 38.94 -16.62 -9.96
C THR A 225 37.76 -15.65 -9.93
N GLN A 226 37.43 -15.13 -8.75
CA GLN A 226 36.34 -14.16 -8.63
C GLN A 226 36.63 -12.88 -9.42
N ARG A 227 37.91 -12.52 -9.54
CA ARG A 227 38.31 -11.35 -10.29
C ARG A 227 38.60 -11.64 -11.76
N ASP A 228 38.56 -12.91 -12.17
CA ASP A 228 38.78 -13.32 -13.55
C ASP A 228 37.44 -13.72 -14.15
N VAL A 229 36.88 -12.82 -14.97
CA VAL A 229 35.56 -13.08 -15.56
C VAL A 229 35.60 -14.30 -16.47
N GLU A 230 36.64 -14.41 -17.30
CA GLU A 230 36.75 -15.57 -18.18
C GLU A 230 36.79 -16.87 -17.39
N GLN A 231 37.61 -16.92 -16.34
CA GLN A 231 37.68 -18.12 -15.51
C GLN A 231 36.38 -18.37 -14.76
N LEU A 232 35.66 -17.30 -14.41
CA LEU A 232 34.45 -17.46 -13.61
C LEU A 232 33.31 -18.07 -14.43
N PHE A 233 33.01 -17.49 -15.60
CA PHE A 233 31.94 -18.01 -16.44
C PHE A 233 32.20 -19.46 -16.83
N ASP A 234 33.48 -19.82 -16.98
CA ASP A 234 33.82 -21.18 -17.40
C ASP A 234 33.57 -22.19 -16.28
N LEU A 235 33.91 -21.83 -15.03
CA LEU A 235 33.64 -22.73 -13.91
C LEU A 235 32.15 -23.01 -13.77
N VAL A 236 31.32 -21.99 -13.99
CA VAL A 236 29.87 -22.19 -13.97
C VAL A 236 29.46 -23.19 -15.05
N LYS A 237 30.14 -23.15 -16.20
CA LYS A 237 29.76 -24.00 -17.32
C LYS A 237 30.13 -25.47 -17.07
N ARG A 238 31.36 -25.74 -16.60
CA ARG A 238 31.75 -27.13 -16.39
C ARG A 238 30.91 -27.77 -15.29
N GLU A 239 30.70 -27.06 -14.18
CA GLU A 239 29.99 -27.61 -13.05
C GLU A 239 28.48 -27.47 -13.15
N ASN A 240 27.98 -26.78 -14.19
CA ASN A 240 26.56 -26.52 -14.35
C ASN A 240 25.98 -25.88 -13.09
N ILE A 241 26.63 -24.80 -12.65
CA ILE A 241 26.08 -24.00 -11.56
C ILE A 241 24.86 -23.26 -12.08
N GLU A 242 23.69 -23.57 -11.53
CA GLU A 242 22.43 -23.07 -12.08
C GLU A 242 21.87 -21.87 -11.32
N VAL A 243 22.42 -21.54 -10.15
CA VAL A 243 22.01 -20.36 -9.40
C VAL A 243 23.23 -19.45 -9.30
N LEU A 244 23.08 -18.21 -9.77
CA LEU A 244 24.14 -17.22 -9.76
C LEU A 244 23.70 -15.99 -8.98
N SER A 245 24.65 -15.38 -8.28
CA SER A 245 24.40 -14.16 -7.51
C SER A 245 25.52 -13.18 -7.78
N PHE A 246 25.19 -12.07 -8.43
CA PHE A 246 26.13 -11.03 -8.78
C PHE A 246 25.59 -9.67 -8.36
N PRO A 247 26.45 -8.73 -8.02
CA PRO A 247 26.00 -7.35 -7.80
C PRO A 247 25.52 -6.73 -9.11
N VAL A 248 24.68 -5.71 -8.98
CA VAL A 248 24.09 -5.06 -10.15
C VAL A 248 25.19 -4.49 -11.06
N ALA A 249 26.24 -3.93 -10.46
CA ALA A 249 27.33 -3.37 -11.26
C ALA A 249 28.03 -4.45 -12.09
N PHE A 250 28.08 -5.68 -11.59
CA PHE A 250 28.66 -6.78 -12.35
C PHE A 250 27.87 -7.06 -13.62
N LEU A 251 26.54 -7.14 -13.50
CA LEU A 251 25.71 -7.44 -14.66
C LEU A 251 25.76 -6.31 -15.68
N LYS A 252 25.79 -5.06 -15.22
CA LYS A 252 25.98 -3.94 -16.14
C LYS A 252 27.30 -4.04 -16.87
N PHE A 253 28.36 -4.44 -16.15
CA PHE A 253 29.68 -4.61 -16.75
C PHE A 253 29.66 -5.71 -17.80
N ILE A 254 28.98 -6.83 -17.50
CA ILE A 254 28.98 -7.97 -18.41
C ILE A 254 28.31 -7.62 -19.73
N PHE A 255 27.15 -6.98 -19.67
CA PHE A 255 26.32 -6.76 -20.84
C PHE A 255 26.61 -5.43 -21.53
N ASN A 256 27.71 -4.77 -21.18
CA ASN A 256 28.25 -3.67 -21.96
C ASN A 256 29.41 -4.10 -22.84
N GLU A 257 29.86 -5.35 -22.73
CA GLU A 257 30.99 -5.86 -23.48
C GLU A 257 30.52 -7.04 -24.34
N ARG A 258 30.76 -6.95 -25.65
CA ARG A 258 30.42 -8.04 -26.56
C ARG A 258 31.20 -9.30 -26.22
N GLU A 259 32.46 -9.15 -25.81
CA GLU A 259 33.28 -10.29 -25.47
C GLU A 259 32.67 -11.11 -24.34
N PHE A 260 32.16 -10.43 -23.31
CA PHE A 260 31.63 -11.11 -22.14
C PHE A 260 30.22 -11.64 -22.36
N ILE A 261 29.41 -10.94 -23.16
CA ILE A 261 28.09 -11.44 -23.50
C ILE A 261 28.20 -12.79 -24.21
N ASN A 262 29.21 -12.93 -25.07
CA ASN A 262 29.40 -14.19 -25.80
C ASN A 262 29.73 -15.34 -24.86
N ARG A 263 30.55 -15.08 -23.83
CA ARG A 263 30.99 -16.12 -22.92
C ARG A 263 30.08 -16.30 -21.71
N PHE A 264 29.03 -15.52 -21.58
CA PHE A 264 28.17 -15.61 -20.40
C PHE A 264 27.43 -16.95 -20.40
N PRO A 265 27.40 -17.67 -19.27
CA PRO A 265 26.70 -18.95 -19.24
C PRO A 265 25.23 -18.80 -19.59
N THR A 266 24.70 -19.77 -20.34
CA THR A 266 23.36 -19.67 -20.88
C THR A 266 22.36 -20.66 -20.28
N CYS A 267 22.82 -21.73 -19.63
CA CYS A 267 21.93 -22.68 -18.97
C CYS A 267 21.85 -22.44 -17.47
N VAL A 268 22.02 -21.20 -17.03
CA VAL A 268 21.77 -20.83 -15.64
C VAL A 268 20.28 -20.68 -15.44
N LYS A 269 19.77 -21.20 -14.32
CA LYS A 269 18.34 -21.16 -14.07
C LYS A 269 17.90 -19.87 -13.39
N HIS A 270 18.70 -19.35 -12.46
CA HIS A 270 18.32 -18.16 -11.70
C HIS A 270 19.54 -17.27 -11.49
N ILE A 271 19.35 -15.97 -11.69
CA ILE A 271 20.34 -14.96 -11.37
C ILE A 271 19.73 -14.01 -10.34
N ILE A 272 20.39 -13.86 -9.20
CA ILE A 272 19.96 -12.97 -8.13
C ILE A 272 20.91 -11.78 -8.10
N THR A 273 20.35 -10.58 -8.04
CA THR A 273 21.16 -9.35 -8.09
C THR A 273 20.68 -8.36 -7.04
N ALA A 274 21.61 -7.53 -6.59
CA ALA A 274 21.32 -6.49 -5.62
C ALA A 274 22.36 -5.38 -5.78
N GLY A 275 22.06 -4.23 -5.19
CA GLY A 275 22.94 -3.08 -5.29
C GLY A 275 22.21 -1.82 -5.73
N GLU A 276 22.82 -1.04 -6.62
CA GLU A 276 22.14 0.11 -7.18
C GLU A 276 21.03 -0.33 -8.12
N GLN A 277 20.33 0.64 -8.70
CA GLN A 277 19.20 0.32 -9.57
C GLN A 277 19.65 -0.53 -10.75
N LEU A 278 18.92 -1.63 -10.99
CA LEU A 278 19.25 -2.55 -12.06
C LEU A 278 18.85 -1.95 -13.40
N VAL A 279 19.76 -2.03 -14.38
CA VAL A 279 19.50 -1.57 -15.74
C VAL A 279 19.69 -2.76 -16.67
N VAL A 280 18.63 -3.08 -17.42
CA VAL A 280 18.60 -4.23 -18.31
C VAL A 280 18.52 -3.70 -19.73
N ASN A 281 19.65 -3.62 -20.42
CA ASN A 281 19.64 -3.16 -21.81
C ASN A 281 19.07 -4.26 -22.70
N ASN A 282 19.03 -3.98 -24.01
CA ASN A 282 18.37 -4.88 -24.94
C ASN A 282 19.08 -6.24 -25.01
N GLU A 283 20.41 -6.24 -25.01
CA GLU A 283 21.14 -7.51 -25.05
C GLU A 283 20.89 -8.32 -23.78
N PHE A 284 20.83 -7.65 -22.63
CA PHE A 284 20.43 -8.34 -21.40
C PHE A 284 18.98 -8.83 -21.50
N LYS A 285 18.10 -8.01 -22.05
CA LYS A 285 16.73 -8.45 -22.29
C LYS A 285 16.69 -9.64 -23.24
N ARG A 286 17.51 -9.58 -24.30
CA ARG A 286 17.57 -10.70 -25.25
C ARG A 286 18.08 -11.97 -24.55
N TYR A 287 19.08 -11.83 -23.68
CA TYR A 287 19.62 -13.00 -22.99
C TYR A 287 18.56 -13.68 -22.12
N LEU A 288 17.84 -12.89 -21.32
CA LEU A 288 16.84 -13.47 -20.42
C LEU A 288 15.74 -14.18 -21.20
N HIS A 289 15.24 -13.55 -22.26
CA HIS A 289 14.19 -14.18 -23.06
C HIS A 289 14.70 -15.41 -23.79
N GLU A 290 15.91 -15.33 -24.36
CA GLU A 290 16.43 -16.41 -25.20
C GLU A 290 16.53 -17.72 -24.41
N HIS A 291 17.08 -17.66 -23.21
CA HIS A 291 17.45 -18.87 -22.47
C HIS A 291 16.55 -19.14 -21.27
N ASN A 292 15.47 -18.36 -21.11
CA ASN A 292 14.49 -18.58 -20.04
C ASN A 292 15.15 -18.51 -18.67
N VAL A 293 15.96 -17.47 -18.47
CA VAL A 293 16.67 -17.24 -17.22
C VAL A 293 15.86 -16.24 -16.39
N HIS A 294 15.59 -16.60 -15.14
CA HIS A 294 14.82 -15.76 -14.23
C HIS A 294 15.77 -14.84 -13.47
N LEU A 295 15.69 -13.54 -13.74
CA LEU A 295 16.47 -12.55 -13.02
C LEU A 295 15.65 -12.00 -11.86
N HIS A 296 16.24 -12.03 -10.66
CA HIS A 296 15.57 -11.59 -9.44
C HIS A 296 16.25 -10.34 -8.93
N ASN A 297 15.47 -9.28 -8.75
CA ASN A 297 15.97 -8.01 -8.23
C ASN A 297 15.69 -7.95 -6.73
N HIS A 298 16.74 -7.77 -5.94
CA HIS A 298 16.63 -7.77 -4.49
C HIS A 298 17.08 -6.42 -3.95
N TYR A 299 16.43 -5.96 -2.88
CA TYR A 299 16.77 -4.72 -2.23
C TYR A 299 16.76 -4.90 -0.73
N GLY A 300 17.72 -4.25 -0.05
CA GLY A 300 17.71 -4.17 1.38
C GLY A 300 19.02 -3.66 1.94
N PRO A 301 18.95 -2.79 2.93
CA PRO A 301 20.16 -2.33 3.61
C PRO A 301 20.70 -3.42 4.52
N SER A 302 21.93 -3.21 5.00
CA SER A 302 22.55 -4.15 5.91
C SER A 302 21.77 -4.25 7.22
N GLU A 303 21.05 -3.20 7.59
CA GLU A 303 20.30 -3.19 8.84
C GLU A 303 19.12 -4.16 8.84
N THR A 304 18.62 -4.52 7.65
CA THR A 304 17.47 -5.41 7.55
C THR A 304 17.65 -6.54 6.55
N HIS A 305 18.76 -6.57 5.80
CA HIS A 305 18.96 -7.50 4.70
C HIS A 305 17.88 -7.35 3.64
N VAL A 306 17.80 -8.30 2.71
CA VAL A 306 16.85 -8.21 1.61
C VAL A 306 15.42 -8.28 2.16
N VAL A 307 14.62 -7.27 1.82
CA VAL A 307 13.23 -7.20 2.30
C VAL A 307 12.23 -7.09 1.17
N THR A 308 12.63 -6.73 -0.05
CA THR A 308 11.75 -6.72 -1.20
C THR A 308 12.43 -7.45 -2.34
N THR A 309 11.63 -8.16 -3.15
CA THR A 309 12.13 -8.90 -4.30
C THR A 309 11.25 -8.64 -5.51
N TYR A 310 11.84 -8.75 -6.69
CA TYR A 310 11.09 -8.66 -7.93
C TYR A 310 11.72 -9.61 -8.93
N THR A 311 10.94 -10.57 -9.41
CA THR A 311 11.41 -11.57 -10.35
C THR A 311 10.95 -11.21 -11.75
N ILE A 312 11.89 -11.02 -12.66
CA ILE A 312 11.57 -10.71 -14.05
C ILE A 312 11.09 -11.98 -14.73
N ASN A 313 9.89 -11.93 -15.29
CA ASN A 313 9.40 -13.04 -16.08
C ASN A 313 10.02 -12.96 -17.47
N PRO A 314 10.85 -13.93 -17.87
CA PRO A 314 11.56 -13.80 -19.15
C PRO A 314 10.67 -13.97 -20.37
N GLU A 315 9.46 -14.51 -20.20
CA GLU A 315 8.53 -14.67 -21.31
C GLU A 315 7.62 -13.47 -21.51
N ALA A 316 7.55 -12.57 -20.53
CA ALA A 316 6.83 -11.31 -20.67
C ALA A 316 7.81 -10.21 -21.08
N GLU A 317 7.28 -9.01 -21.30
CA GLU A 317 8.15 -7.88 -21.59
C GLU A 317 8.98 -7.53 -20.37
N ILE A 318 10.25 -7.24 -20.60
CA ILE A 318 11.24 -7.06 -19.54
C ILE A 318 11.48 -5.57 -19.35
N PRO A 319 11.22 -5.01 -18.17
CA PRO A 319 11.51 -3.59 -17.95
C PRO A 319 13.01 -3.33 -17.91
N GLU A 320 13.43 -2.26 -18.59
CA GLU A 320 14.85 -1.90 -18.59
C GLU A 320 15.30 -1.40 -17.23
N LEU A 321 14.37 -0.87 -16.42
CA LEU A 321 14.66 -0.46 -15.05
C LEU A 321 13.63 -1.16 -14.16
N PRO A 322 13.83 -2.45 -13.91
CA PRO A 322 12.83 -3.22 -13.15
C PRO A 322 12.70 -2.71 -11.73
N PRO A 323 11.49 -2.70 -11.18
CA PRO A 323 11.31 -2.27 -9.79
C PRO A 323 11.96 -3.25 -8.83
N ILE A 324 12.10 -2.81 -7.58
CA ILE A 324 12.61 -3.70 -6.54
C ILE A 324 11.52 -4.58 -5.95
N GLY A 325 10.28 -4.44 -6.39
CA GLY A 325 9.23 -5.38 -6.07
C GLY A 325 8.41 -5.09 -4.84
N LYS A 326 8.08 -6.15 -4.11
CA LYS A 326 7.12 -6.10 -3.01
C LYS A 326 7.74 -6.70 -1.76
N PRO A 327 7.26 -6.30 -0.58
CA PRO A 327 7.85 -6.80 0.67
C PRO A 327 7.75 -8.31 0.79
N ILE A 328 8.80 -8.91 1.37
CA ILE A 328 8.82 -10.33 1.70
C ILE A 328 7.92 -10.58 2.90
N SER A 329 7.66 -11.84 3.20
CA SER A 329 6.77 -12.21 4.30
C SER A 329 7.20 -11.54 5.61
N ASN A 330 6.20 -11.21 6.44
CA ASN A 330 6.42 -10.63 7.76
C ASN A 330 7.21 -9.33 7.68
N THR A 331 7.13 -8.64 6.55
CA THR A 331 7.84 -7.39 6.34
C THR A 331 6.88 -6.38 5.72
N TRP A 332 6.89 -5.16 6.24
CA TRP A 332 6.04 -4.10 5.73
C TRP A 332 6.90 -2.90 5.36
N ILE A 333 6.56 -2.28 4.24
CA ILE A 333 7.35 -1.20 3.66
C ILE A 333 6.48 0.05 3.61
N TYR A 334 6.99 1.15 4.16
CA TYR A 334 6.29 2.43 4.12
C TYR A 334 7.16 3.44 3.38
N ILE A 335 6.51 4.24 2.55
CA ILE A 335 7.16 5.35 1.85
C ILE A 335 6.62 6.62 2.48
N LEU A 336 7.41 7.22 3.37
CA LEU A 336 6.98 8.31 4.22
C LEU A 336 7.53 9.64 3.75
N ASP A 337 6.91 10.72 4.22
CA ASP A 337 7.40 12.07 4.01
C ASP A 337 8.31 12.47 5.18
N GLN A 338 8.68 13.75 5.25
CA GLN A 338 9.56 14.21 6.31
C GLN A 338 8.86 14.23 7.67
N GLU A 339 7.53 14.15 7.70
CA GLU A 339 6.78 14.04 8.93
C GLU A 339 6.38 12.60 9.22
N GLN A 340 6.97 11.64 8.52
CA GLN A 340 6.67 10.21 8.67
C GLN A 340 5.20 9.92 8.35
N GLN A 341 4.59 10.75 7.50
CA GLN A 341 3.27 10.51 6.99
C GLN A 341 3.34 9.75 5.67
N LEU A 342 2.36 8.90 5.44
CA LEU A 342 2.36 8.06 4.24
C LEU A 342 2.20 8.88 2.98
N GLN A 343 2.93 8.50 1.94
CA GLN A 343 2.84 9.18 0.65
C GLN A 343 1.87 8.46 -0.27
N PRO A 344 1.08 9.21 -1.05
CA PRO A 344 0.23 8.58 -2.06
C PRO A 344 1.07 7.92 -3.14
N GLN A 345 0.45 6.98 -3.85
CA GLN A 345 1.12 6.26 -4.92
C GLN A 345 1.69 7.23 -5.94
N GLY A 346 2.95 7.01 -6.32
CA GLY A 346 3.62 7.84 -7.30
C GLY A 346 4.37 9.02 -6.75
N ILE A 347 4.32 9.28 -5.45
CA ILE A 347 4.97 10.43 -4.84
C ILE A 347 6.24 9.97 -4.14
N VAL A 348 7.37 10.60 -4.50
CA VAL A 348 8.66 10.19 -3.96
C VAL A 348 8.70 10.39 -2.46
N GLY A 349 9.20 9.39 -1.75
CA GLY A 349 9.37 9.48 -0.31
C GLY A 349 10.52 8.63 0.18
N GLU A 350 10.69 8.54 1.49
CA GLU A 350 11.82 7.84 2.09
C GLU A 350 11.39 6.44 2.54
N LEU A 351 12.22 5.45 2.22
CA LEU A 351 11.90 4.06 2.48
C LEU A 351 12.06 3.73 3.96
N TYR A 352 11.00 3.22 4.58
CA TYR A 352 11.03 2.69 5.94
C TYR A 352 10.70 1.21 5.90
N ILE A 353 11.45 0.41 6.66
CA ILE A 353 11.32 -1.04 6.65
C ILE A 353 10.92 -1.51 8.05
N SER A 354 9.86 -2.31 8.12
CA SER A 354 9.37 -2.84 9.38
C SER A 354 9.09 -4.34 9.24
N GLY A 355 9.19 -5.05 10.37
CA GLY A 355 8.82 -6.44 10.42
C GLY A 355 9.93 -7.30 10.96
N ALA A 356 9.89 -8.59 10.59
CA ALA A 356 10.78 -9.59 11.17
C ALA A 356 12.24 -9.41 10.76
N ASN A 357 12.52 -8.66 9.70
CA ASN A 357 13.88 -8.51 9.21
C ASN A 357 14.66 -7.41 9.92
N VAL A 358 13.99 -6.51 10.62
CA VAL A 358 14.66 -5.35 11.19
C VAL A 358 15.64 -5.80 12.27
N GLY A 359 16.89 -5.36 12.14
CA GLY A 359 17.95 -5.76 13.03
C GLY A 359 17.90 -5.08 14.37
N ARG A 360 18.95 -5.32 15.16
CA ARG A 360 19.04 -4.79 16.51
C ARG A 360 19.64 -3.39 16.59
N GLY A 361 20.31 -2.93 15.53
CA GLY A 361 20.89 -1.60 15.55
C GLY A 361 22.39 -1.58 15.32
N TYR A 362 23.04 -0.51 15.78
CA TYR A 362 24.46 -0.30 15.56
C TYR A 362 25.23 -0.61 16.85
N LEU A 363 26.29 -1.41 16.71
CA LEU A 363 27.06 -1.88 17.86
C LEU A 363 27.67 -0.71 18.62
N ASN A 364 27.36 -0.63 19.92
CA ASN A 364 27.96 0.33 20.85
C ASN A 364 27.71 1.78 20.45
N ASN A 365 26.68 2.03 19.65
CA ASN A 365 26.29 3.40 19.29
C ASN A 365 24.77 3.38 19.10
N GLN A 366 24.04 3.74 20.15
CA GLN A 366 22.58 3.77 20.08
C GLN A 366 22.03 5.17 20.03
N GLU A 367 22.87 6.20 20.06
CA GLU A 367 22.41 7.52 19.62
C GLU A 367 22.12 7.51 18.13
N LEU A 368 22.99 6.87 17.34
CA LEU A 368 22.71 6.64 15.93
C LEU A 368 21.54 5.69 15.75
N THR A 369 21.44 4.66 16.59
CA THR A 369 20.33 3.72 16.49
C THR A 369 19.01 4.41 16.75
N ALA A 370 18.97 5.34 17.72
CA ALA A 370 17.74 6.07 18.01
C ALA A 370 17.33 6.95 16.84
N GLU A 371 18.30 7.42 16.04
CA GLU A 371 17.99 8.21 14.86
C GLU A 371 17.47 7.39 13.70
N LYS A 372 17.79 6.09 13.65
CA LYS A 372 17.49 5.28 12.49
C LYS A 372 16.47 4.17 12.74
N PHE A 373 16.25 3.77 13.99
CA PHE A 373 15.32 2.70 14.31
C PHE A 373 14.18 3.27 15.15
N PHE A 374 12.96 3.05 14.71
CA PHE A 374 11.77 3.60 15.35
C PHE A 374 10.80 2.47 15.68
N ALA A 375 9.74 2.83 16.40
CA ALA A 375 8.60 1.95 16.60
C ALA A 375 7.61 2.16 15.47
N ASP A 376 7.05 1.06 14.97
CA ASP A 376 6.12 1.15 13.85
C ASP A 376 4.83 1.82 14.30
N PRO A 377 4.50 3.02 13.79
CA PRO A 377 3.25 3.67 14.21
C PRO A 377 2.01 2.91 13.76
N PHE A 378 2.08 2.18 12.66
CA PHE A 378 0.93 1.45 12.14
C PHE A 378 0.83 0.04 12.67
N ARG A 379 1.94 -0.57 13.05
CA ARG A 379 1.97 -1.91 13.65
C ARG A 379 2.79 -1.81 14.93
N PRO A 380 2.16 -1.38 16.03
CA PRO A 380 2.94 -0.99 17.23
C PRO A 380 3.89 -2.05 17.76
N ASN A 381 3.61 -3.33 17.49
CA ASN A 381 4.51 -4.39 17.96
C ASN A 381 5.82 -4.43 17.16
N GLU A 382 5.89 -3.77 16.01
CA GLU A 382 6.98 -3.97 15.08
C GLU A 382 8.04 -2.89 15.20
N ARG A 383 9.26 -3.24 14.80
CA ARG A 383 10.38 -2.32 14.73
C ARG A 383 10.51 -1.77 13.32
N MET A 384 10.81 -0.48 13.20
CA MET A 384 10.91 0.20 11.92
C MET A 384 12.31 0.76 11.74
N TYR A 385 12.86 0.60 10.54
CA TYR A 385 14.18 1.13 10.21
C TYR A 385 14.06 2.12 9.06
N ARG A 386 14.76 3.25 9.21
CA ARG A 386 14.73 4.34 8.23
C ARG A 386 15.99 4.26 7.37
N THR A 387 15.80 4.05 6.06
CA THR A 387 16.92 3.72 5.17
C THR A 387 17.61 4.94 4.58
N GLY A 388 16.89 6.03 4.37
CA GLY A 388 17.43 7.15 3.62
C GLY A 388 17.35 7.00 2.11
N ASP A 389 16.75 5.92 1.62
CA ASP A 389 16.59 5.71 0.19
C ASP A 389 15.24 6.25 -0.27
N LEU A 390 15.20 6.73 -1.51
CA LEU A 390 14.01 7.34 -2.08
C LEU A 390 13.33 6.36 -3.02
N ALA A 391 12.00 6.31 -2.95
CA ALA A 391 11.24 5.32 -3.71
C ALA A 391 9.84 5.84 -4.00
N ARG A 392 9.14 5.12 -4.88
CA ARG A 392 7.76 5.42 -5.24
C ARG A 392 6.96 4.13 -5.25
N TRP A 393 5.71 4.21 -4.78
CA TRP A 393 4.77 3.12 -4.96
C TRP A 393 4.24 3.14 -6.38
N LEU A 394 4.28 2.00 -7.05
CA LEU A 394 3.69 1.88 -8.37
C LEU A 394 2.24 1.43 -8.25
N PRO A 395 1.42 1.68 -9.28
CA PRO A 395 -0.01 1.29 -9.18
C PRO A 395 -0.23 -0.20 -9.04
N ASP A 396 0.74 -1.04 -9.41
CA ASP A 396 0.62 -2.47 -9.27
C ASP A 396 1.16 -2.99 -7.94
N GLY A 397 1.54 -2.10 -7.02
CA GLY A 397 2.05 -2.48 -5.73
C GLY A 397 3.54 -2.66 -5.63
N ASN A 398 4.26 -2.65 -6.76
CA ASN A 398 5.71 -2.75 -6.74
C ASN A 398 6.34 -1.42 -6.35
N ILE A 399 7.49 -1.50 -5.71
CA ILE A 399 8.24 -0.31 -5.30
C ILE A 399 9.25 0.05 -6.37
N GLU A 400 9.28 1.31 -6.77
CA GLU A 400 10.27 1.83 -7.69
C GLU A 400 11.39 2.49 -6.88
N PHE A 401 12.59 1.92 -6.96
CA PHE A 401 13.73 2.40 -6.19
C PHE A 401 14.47 3.47 -7.00
N LEU A 402 14.75 4.59 -6.36
CA LEU A 402 15.37 5.74 -7.04
C LEU A 402 16.72 6.13 -6.49
N GLY A 403 16.90 6.12 -5.17
CA GLY A 403 18.16 6.51 -4.57
C GLY A 403 18.15 6.43 -3.06
N TYR B 8 -32.33 -27.45 28.78
CA TYR B 8 -32.98 -26.16 28.95
C TYR B 8 -34.43 -26.33 29.39
N PRO B 9 -34.95 -25.35 30.13
CA PRO B 9 -36.30 -25.49 30.67
C PRO B 9 -37.35 -25.53 29.56
N ASP B 10 -38.29 -26.45 29.70
CA ASP B 10 -39.43 -26.56 28.78
C ASP B 10 -40.55 -25.61 29.21
N LYS B 11 -40.23 -24.33 29.22
CA LYS B 11 -41.15 -23.29 29.67
C LYS B 11 -41.25 -22.19 28.63
N THR B 12 -42.34 -21.44 28.70
CA THR B 12 -42.57 -20.31 27.80
C THR B 12 -41.88 -19.06 28.35
N ILE B 13 -41.79 -18.05 27.49
CA ILE B 13 -41.12 -16.80 27.85
C ILE B 13 -41.84 -16.12 29.02
N HIS B 14 -43.18 -16.03 28.93
CA HIS B 14 -43.93 -15.34 29.97
C HIS B 14 -43.96 -16.14 31.27
N GLN B 15 -43.91 -17.47 31.18
CA GLN B 15 -43.78 -18.27 32.39
C GLN B 15 -42.44 -18.02 33.08
N LEU B 16 -41.36 -17.97 32.30
CA LEU B 16 -40.05 -17.67 32.86
C LEU B 16 -40.01 -16.26 33.45
N PHE B 17 -40.65 -15.30 32.78
CA PHE B 17 -40.71 -13.94 33.29
C PHE B 17 -41.45 -13.90 34.63
N THR B 18 -42.57 -14.62 34.74
CA THR B 18 -43.32 -14.64 35.99
C THR B 18 -42.48 -15.21 37.13
N GLU B 19 -41.72 -16.27 36.85
CA GLU B 19 -40.82 -16.80 37.87
C GLU B 19 -39.74 -15.79 38.24
N GLN B 20 -39.35 -14.92 37.30
CA GLN B 20 -38.41 -13.85 37.63
C GLN B 20 -39.06 -12.77 38.49
N VAL B 21 -40.34 -12.49 38.24
CA VAL B 21 -41.06 -11.51 39.07
C VAL B 21 -41.09 -11.97 40.52
N GLU B 22 -41.25 -13.27 40.74
CA GLU B 22 -41.24 -13.80 42.11
C GLU B 22 -39.91 -13.53 42.79
N LYS B 23 -38.80 -13.74 42.08
CA LYS B 23 -37.48 -13.60 42.70
C LYS B 23 -37.20 -12.15 43.08
N THR B 24 -37.47 -11.21 42.16
CA THR B 24 -37.14 -9.80 42.34
C THR B 24 -38.34 -8.92 42.04
N PRO B 25 -39.41 -9.03 42.84
CA PRO B 25 -40.62 -8.22 42.56
C PRO B 25 -40.41 -6.73 42.66
N GLU B 26 -39.57 -6.26 43.59
CA GLU B 26 -39.38 -4.83 43.80
C GLU B 26 -38.22 -4.26 43.00
N HIS B 27 -37.46 -5.09 42.30
CA HIS B 27 -36.40 -4.58 41.44
C HIS B 27 -36.99 -3.85 40.24
N VAL B 28 -36.24 -2.85 39.77
CA VAL B 28 -36.66 -2.10 38.59
C VAL B 28 -36.42 -2.95 37.35
N ALA B 29 -37.47 -3.16 36.55
CA ALA B 29 -37.39 -3.95 35.33
C ALA B 29 -37.20 -3.10 34.09
N VAL B 30 -37.90 -1.97 33.99
CA VAL B 30 -37.88 -1.12 32.80
C VAL B 30 -37.67 0.32 33.25
N VAL B 31 -36.74 1.00 32.59
CA VAL B 31 -36.49 2.42 32.82
C VAL B 31 -36.70 3.15 31.50
N PHE B 32 -37.52 4.20 31.52
CA PHE B 32 -37.78 5.03 30.34
C PHE B 32 -37.85 6.48 30.83
N GLU B 33 -36.72 7.17 30.74
CA GLU B 33 -36.61 8.57 31.19
C GLU B 33 -37.04 8.70 32.64
N ASP B 34 -38.14 9.42 32.88
CA ASP B 34 -38.65 9.57 34.24
C ASP B 34 -39.19 8.25 34.78
N GLU B 35 -39.90 7.49 33.94
CA GLU B 35 -40.61 6.30 34.39
C GLU B 35 -39.63 5.20 34.75
N LYS B 36 -39.79 4.64 35.95
CA LYS B 36 -39.07 3.44 36.38
C LYS B 36 -40.11 2.45 36.87
N VAL B 37 -40.17 1.29 36.21
CA VAL B 37 -41.23 0.31 36.45
C VAL B 37 -40.60 -0.92 37.08
N THR B 38 -41.15 -1.35 38.21
CA THR B 38 -40.68 -2.54 38.88
C THR B 38 -41.24 -3.79 38.21
N TYR B 39 -40.64 -4.94 38.54
CA TYR B 39 -41.10 -6.21 37.97
C TYR B 39 -42.54 -6.48 38.37
N ARG B 40 -42.91 -6.19 39.62
CA ARG B 40 -44.29 -6.35 40.05
C ARG B 40 -45.23 -5.43 39.28
N GLU B 41 -44.81 -4.18 39.08
CA GLU B 41 -45.62 -3.24 38.30
C GLU B 41 -45.78 -3.73 36.86
N LEU B 42 -44.68 -4.16 36.24
CA LEU B 42 -44.76 -4.69 34.88
C LEU B 42 -45.62 -5.95 34.84
N HIS B 43 -45.46 -6.84 35.81
CA HIS B 43 -46.26 -8.06 35.86
C HIS B 43 -47.74 -7.74 36.03
N GLU B 44 -48.07 -6.82 36.93
CA GLU B 44 -49.47 -6.52 37.21
C GLU B 44 -50.13 -5.81 36.02
N ARG B 45 -49.41 -4.90 35.37
CA ARG B 45 -49.99 -4.17 34.25
C ARG B 45 -50.22 -5.08 33.04
N SER B 46 -49.26 -5.97 32.75
CA SER B 46 -49.46 -6.92 31.66
C SER B 46 -50.50 -7.97 32.03
N ASN B 47 -50.66 -8.24 33.33
CA ASN B 47 -51.74 -9.13 33.76
C ASN B 47 -53.10 -8.55 33.39
N GLN B 48 -53.31 -7.25 33.64
CA GLN B 48 -54.57 -6.61 33.32
C GLN B 48 -54.84 -6.64 31.82
N LEU B 49 -53.81 -6.37 31.02
CA LEU B 49 -53.97 -6.41 29.57
C LEU B 49 -54.33 -7.81 29.08
N ALA B 50 -53.71 -8.83 29.68
CA ALA B 50 -54.01 -10.20 29.28
C ALA B 50 -55.48 -10.54 29.53
N ARG B 51 -56.02 -10.14 30.68
CA ARG B 51 -57.43 -10.35 30.94
C ARG B 51 -58.29 -9.61 29.91
N PHE B 52 -57.92 -8.37 29.58
CA PHE B 52 -58.66 -7.62 28.58
C PHE B 52 -58.51 -8.25 27.19
N LEU B 53 -57.31 -8.70 26.85
CA LEU B 53 -57.12 -9.38 25.57
C LEU B 53 -57.91 -10.68 25.50
N ARG B 54 -57.90 -11.44 26.59
CA ARG B 54 -58.68 -12.68 26.63
C ARG B 54 -60.17 -12.38 26.57
N GLU B 55 -60.60 -11.29 27.21
CA GLU B 55 -61.99 -10.86 27.12
C GLU B 55 -62.38 -10.54 25.68
N LYS B 56 -61.42 -10.12 24.85
CA LYS B 56 -61.69 -9.72 23.47
C LYS B 56 -61.45 -10.84 22.47
N GLY B 57 -61.20 -12.07 22.93
CA GLY B 57 -61.12 -13.21 22.05
C GLY B 57 -59.74 -13.81 21.86
N VAL B 58 -58.69 -13.21 22.44
CA VAL B 58 -57.34 -13.75 22.26
C VAL B 58 -57.25 -15.10 22.93
N LYS B 59 -56.85 -16.11 22.16
CA LYS B 59 -56.76 -17.49 22.65
C LYS B 59 -55.39 -18.07 22.37
N LYS B 60 -55.24 -19.38 22.59
CA LYS B 60 -53.99 -20.07 22.30
C LYS B 60 -53.55 -19.84 20.86
N GLU B 61 -52.31 -19.36 20.70
CA GLU B 61 -51.67 -19.16 19.40
C GLU B 61 -52.40 -18.17 18.51
N SER B 62 -53.15 -17.23 19.10
CA SER B 62 -53.71 -16.14 18.32
C SER B 62 -52.58 -15.26 17.80
N ILE B 63 -52.75 -14.75 16.59
CA ILE B 63 -51.80 -13.85 15.97
C ILE B 63 -52.28 -12.44 16.21
N ILE B 64 -51.55 -11.67 17.01
CA ILE B 64 -51.95 -10.33 17.42
C ILE B 64 -50.89 -9.36 16.93
N GLY B 65 -51.29 -8.41 16.08
CA GLY B 65 -50.39 -7.34 15.71
C GLY B 65 -50.20 -6.36 16.85
N ILE B 66 -48.99 -5.82 16.94
CA ILE B 66 -48.65 -4.81 17.94
C ILE B 66 -47.84 -3.72 17.27
N MET B 67 -48.23 -2.47 17.48
CA MET B 67 -47.57 -1.32 16.88
C MET B 67 -47.57 -0.18 17.90
N MET B 68 -46.44 0.03 18.54
CA MET B 68 -46.29 1.09 19.53
C MET B 68 -44.91 1.72 19.39
N GLU B 69 -44.81 2.96 19.85
CA GLU B 69 -43.52 3.60 19.95
C GLU B 69 -42.70 2.95 21.06
N ARG B 70 -41.41 3.25 21.08
CA ARG B 70 -40.56 2.80 22.18
C ARG B 70 -41.07 3.40 23.47
N SER B 71 -41.54 2.54 24.38
CA SER B 71 -42.21 2.99 25.59
C SER B 71 -42.39 1.80 26.51
N VAL B 72 -42.78 2.10 27.76
CA VAL B 72 -43.16 1.05 28.70
C VAL B 72 -44.37 0.29 28.17
N GLU B 73 -45.28 1.02 27.51
CA GLU B 73 -46.48 0.39 26.94
C GLU B 73 -46.12 -0.77 26.01
N MET B 74 -45.02 -0.64 25.27
CA MET B 74 -44.60 -1.70 24.36
C MET B 74 -44.24 -2.97 25.11
N ILE B 75 -43.53 -2.83 26.24
CA ILE B 75 -43.18 -4.00 27.04
C ILE B 75 -44.43 -4.62 27.64
N VAL B 76 -45.34 -3.78 28.15
CA VAL B 76 -46.59 -4.29 28.70
C VAL B 76 -47.41 -5.00 27.62
N GLY B 77 -47.46 -4.41 26.43
CA GLY B 77 -48.24 -5.01 25.36
C GLY B 77 -47.73 -6.38 24.96
N ILE B 78 -46.41 -6.51 24.81
CA ILE B 78 -45.83 -7.79 24.40
C ILE B 78 -46.07 -8.85 25.46
N LEU B 79 -45.81 -8.51 26.72
CA LEU B 79 -46.06 -9.46 27.80
C LEU B 79 -47.54 -9.82 27.88
N GLY B 80 -48.43 -8.84 27.72
CA GLY B 80 -49.85 -9.12 27.77
C GLY B 80 -50.31 -10.06 26.68
N ILE B 81 -49.79 -9.87 25.46
CA ILE B 81 -50.16 -10.76 24.35
C ILE B 81 -49.72 -12.18 24.64
N LEU B 82 -48.48 -12.36 25.11
CA LEU B 82 -47.98 -13.69 25.43
C LEU B 82 -48.77 -14.33 26.57
N LYS B 83 -49.07 -13.55 27.62
CA LYS B 83 -49.81 -14.09 28.75
C LYS B 83 -51.21 -14.56 28.32
N ALA B 84 -51.88 -13.79 27.47
CA ALA B 84 -53.20 -14.17 27.00
C ALA B 84 -53.15 -15.49 26.23
N GLY B 85 -52.01 -15.81 25.62
CA GLY B 85 -51.82 -17.06 24.90
C GLY B 85 -51.43 -16.89 23.44
N GLY B 86 -51.35 -15.68 22.92
CA GLY B 86 -51.08 -15.45 21.52
C GLY B 86 -49.61 -15.14 21.24
N ALA B 87 -49.32 -14.98 19.95
CA ALA B 87 -48.02 -14.53 19.48
C ALA B 87 -48.17 -13.16 18.85
N PHE B 88 -47.17 -12.32 19.01
CA PHE B 88 -47.25 -10.93 18.57
C PHE B 88 -46.54 -10.73 17.23
N VAL B 89 -47.07 -9.83 16.42
CA VAL B 89 -46.45 -9.46 15.16
C VAL B 89 -45.98 -8.01 15.28
N PRO B 90 -44.68 -7.77 15.47
CA PRO B 90 -44.21 -6.40 15.65
C PRO B 90 -44.25 -5.61 14.36
N ILE B 91 -44.82 -4.41 14.43
CA ILE B 91 -44.93 -3.51 13.29
C ILE B 91 -44.26 -2.19 13.63
N ASP B 92 -43.41 -1.72 12.73
CA ASP B 92 -42.73 -0.45 12.95
C ASP B 92 -43.71 0.71 12.77
N PRO B 93 -43.79 1.64 13.72
CA PRO B 93 -44.68 2.80 13.54
C PRO B 93 -44.31 3.68 12.36
N GLU B 94 -43.11 3.55 11.81
CA GLU B 94 -42.65 4.38 10.70
C GLU B 94 -42.74 3.67 9.37
N TYR B 95 -43.38 2.50 9.30
CA TYR B 95 -43.56 1.79 8.05
C TYR B 95 -44.68 2.43 7.23
N PRO B 96 -44.61 2.32 5.90
CA PRO B 96 -45.75 2.75 5.07
C PRO B 96 -46.98 1.90 5.37
N LYS B 97 -48.15 2.53 5.27
CA LYS B 97 -49.38 1.86 5.68
C LYS B 97 -49.87 0.83 4.66
N GLU B 98 -49.31 0.78 3.46
CA GLU B 98 -49.57 -0.37 2.60
C GLU B 98 -48.66 -1.54 2.94
N ARG B 99 -47.43 -1.25 3.37
CA ARG B 99 -46.60 -2.29 3.99
C ARG B 99 -47.26 -2.81 5.26
N ILE B 100 -48.00 -1.96 5.97
CA ILE B 100 -48.74 -2.40 7.16
C ILE B 100 -49.73 -3.49 6.77
N GLY B 101 -50.45 -3.29 5.66
CA GLY B 101 -51.48 -4.23 5.25
C GLY B 101 -50.95 -5.64 5.05
N TYR B 102 -49.75 -5.77 4.50
CA TYR B 102 -49.10 -7.07 4.41
C TYR B 102 -49.06 -7.77 5.76
N MET B 103 -48.74 -7.02 6.81
CA MET B 103 -48.54 -7.60 8.13
C MET B 103 -49.83 -7.96 8.85
N LEU B 104 -50.97 -7.38 8.47
CA LEU B 104 -52.24 -7.80 9.06
C LEU B 104 -52.74 -9.12 8.48
N ASP B 105 -51.90 -9.82 7.73
CA ASP B 105 -52.27 -11.11 7.15
C ASP B 105 -52.48 -12.11 8.29
N SER B 106 -53.74 -12.48 8.53
CA SER B 106 -54.14 -13.53 9.45
C SER B 106 -53.97 -13.15 10.92
N VAL B 107 -53.86 -11.86 11.24
CA VAL B 107 -53.81 -11.44 12.64
C VAL B 107 -55.23 -11.32 13.18
N ARG B 108 -55.40 -11.68 14.45
CA ARG B 108 -56.74 -11.60 15.05
C ARG B 108 -57.15 -10.14 15.27
N LEU B 109 -56.26 -9.34 15.85
CA LEU B 109 -56.54 -7.93 16.12
C LEU B 109 -55.21 -7.19 16.20
N VAL B 110 -55.29 -5.87 16.34
CA VAL B 110 -54.11 -5.02 16.44
C VAL B 110 -54.12 -4.32 17.80
N LEU B 111 -53.04 -4.46 18.54
CA LEU B 111 -52.83 -3.73 19.78
C LEU B 111 -51.89 -2.56 19.48
N THR B 112 -52.34 -1.34 19.74
CA THR B 112 -51.58 -0.16 19.36
C THR B 112 -51.82 0.94 20.38
N GLN B 113 -51.29 2.12 20.10
CA GLN B 113 -51.50 3.30 20.92
C GLN B 113 -52.52 4.22 20.27
N ARG B 114 -52.98 5.20 21.06
CA ARG B 114 -54.05 6.09 20.62
C ARG B 114 -53.69 6.81 19.33
N HIS B 115 -52.52 7.45 19.29
CA HIS B 115 -52.14 8.27 18.15
C HIS B 115 -51.82 7.42 16.92
N LEU B 116 -51.43 6.17 17.12
CA LEU B 116 -51.17 5.30 15.99
C LEU B 116 -52.45 4.63 15.49
N LYS B 117 -53.37 4.33 16.41
CA LYS B 117 -54.73 3.97 16.01
C LYS B 117 -55.32 5.08 15.14
N ASP B 118 -55.02 6.33 15.47
CA ASP B 118 -55.51 7.46 14.68
C ASP B 118 -54.74 7.63 13.37
N LYS B 119 -53.45 7.30 13.36
CA LYS B 119 -52.62 7.54 12.19
C LYS B 119 -52.95 6.61 11.03
N PHE B 120 -53.36 5.37 11.31
CA PHE B 120 -53.43 4.35 10.27
C PHE B 120 -54.84 3.88 9.94
N ALA B 121 -55.77 3.88 10.90
CA ALA B 121 -57.10 3.35 10.70
C ALA B 121 -57.03 1.93 10.12
N PHE B 122 -56.45 1.03 10.90
CA PHE B 122 -56.14 -0.31 10.44
C PHE B 122 -57.40 -1.02 9.94
N THR B 123 -57.20 -1.94 8.99
CA THR B 123 -58.27 -2.75 8.46
C THR B 123 -58.54 -3.98 9.32
N LYS B 124 -58.12 -3.94 10.58
CA LYS B 124 -58.37 -5.01 11.53
C LYS B 124 -58.88 -4.40 12.83
N GLU B 125 -59.49 -5.25 13.65
CA GLU B 125 -59.98 -4.82 14.96
C GLU B 125 -58.82 -4.28 15.78
N THR B 126 -59.03 -3.13 16.42
CA THR B 126 -57.97 -2.36 17.04
C THR B 126 -58.27 -2.16 18.52
N ILE B 127 -57.29 -2.46 19.37
CA ILE B 127 -57.35 -2.18 20.79
C ILE B 127 -56.25 -1.18 21.11
N VAL B 128 -56.60 -0.13 21.85
CA VAL B 128 -55.64 0.89 22.27
C VAL B 128 -55.17 0.56 23.67
N ILE B 129 -53.85 0.65 23.89
CA ILE B 129 -53.29 0.35 25.21
C ILE B 129 -53.77 1.34 26.26
N GLU B 130 -54.18 2.54 25.86
CA GLU B 130 -54.65 3.56 26.78
C GLU B 130 -56.14 3.42 27.11
N ASP B 131 -56.78 2.36 26.64
CA ASP B 131 -58.18 2.11 26.94
C ASP B 131 -58.39 2.04 28.44
N PRO B 132 -59.27 2.87 29.02
CA PRO B 132 -59.49 2.81 30.48
C PRO B 132 -60.08 1.50 30.96
N SER B 133 -60.71 0.71 30.08
CA SER B 133 -61.26 -0.57 30.49
C SER B 133 -60.17 -1.53 30.95
N ILE B 134 -58.98 -1.43 30.37
CA ILE B 134 -57.88 -2.33 30.73
C ILE B 134 -57.49 -2.13 32.19
N SER B 135 -57.44 -0.88 32.66
CA SER B 135 -56.98 -0.60 34.01
C SER B 135 -57.99 -1.01 35.06
N HIS B 136 -59.23 -1.31 34.68
CA HIS B 136 -60.19 -1.88 35.62
C HIS B 136 -60.04 -3.38 35.79
N GLU B 137 -59.27 -4.03 34.92
CA GLU B 137 -59.04 -5.46 35.05
C GLU B 137 -58.21 -5.75 36.29
N LEU B 138 -58.39 -6.97 36.80
CA LEU B 138 -57.65 -7.41 37.98
C LEU B 138 -56.16 -7.51 37.68
N THR B 139 -55.34 -7.36 38.73
CA THR B 139 -53.90 -7.42 38.59
C THR B 139 -53.30 -8.74 39.06
N GLU B 140 -54.12 -9.71 39.45
CA GLU B 140 -53.58 -11.00 39.88
C GLU B 140 -53.16 -11.82 38.65
N GLU B 141 -52.52 -12.95 38.94
CA GLU B 141 -52.06 -13.83 37.88
C GLU B 141 -53.23 -14.50 37.19
N ILE B 142 -52.95 -15.07 36.02
CA ILE B 142 -53.86 -15.96 35.32
C ILE B 142 -53.10 -17.24 35.01
N ASP B 143 -53.86 -18.30 34.70
CA ASP B 143 -53.24 -19.54 34.27
C ASP B 143 -52.82 -19.39 32.81
N TYR B 144 -51.59 -19.80 32.52
CA TYR B 144 -51.08 -19.71 31.15
C TYR B 144 -51.51 -20.94 30.36
N ILE B 145 -51.66 -20.76 29.05
CA ILE B 145 -52.25 -21.77 28.19
C ILE B 145 -51.31 -22.20 27.07
N ASN B 146 -50.04 -21.79 27.13
CA ASN B 146 -49.11 -22.05 26.05
C ASN B 146 -48.14 -23.17 26.43
N GLU B 147 -47.77 -23.96 25.42
CA GLU B 147 -46.69 -24.94 25.54
C GLU B 147 -45.40 -24.33 25.01
N SER B 148 -44.31 -25.10 25.13
CA SER B 148 -43.02 -24.62 24.66
C SER B 148 -43.01 -24.40 23.15
N GLU B 149 -43.71 -25.25 22.41
CA GLU B 149 -43.70 -25.23 20.96
C GLU B 149 -44.69 -24.24 20.37
N ASP B 150 -45.44 -23.52 21.20
CA ASP B 150 -46.38 -22.54 20.70
C ASP B 150 -45.64 -21.34 20.10
N LEU B 151 -46.32 -20.66 19.17
CA LEU B 151 -45.73 -19.50 18.52
C LEU B 151 -45.40 -18.41 19.53
N PHE B 152 -44.24 -17.77 19.35
CA PHE B 152 -43.82 -16.65 20.18
C PHE B 152 -44.03 -15.32 19.47
N TYR B 153 -43.47 -15.16 18.27
CA TYR B 153 -43.79 -14.03 17.44
C TYR B 153 -43.73 -14.45 15.98
N ILE B 154 -44.23 -13.58 15.12
CA ILE B 154 -44.04 -13.68 13.67
C ILE B 154 -43.39 -12.37 13.23
N ILE B 155 -42.13 -12.45 12.79
CA ILE B 155 -41.37 -11.28 12.37
C ILE B 155 -41.21 -11.33 10.86
N TYR B 156 -41.44 -10.20 10.22
CA TYR B 156 -41.43 -10.12 8.77
C TYR B 156 -40.09 -9.59 8.27
N THR B 157 -39.69 -10.08 7.10
CA THR B 157 -38.43 -9.67 6.49
C THR B 157 -38.65 -9.10 5.09
N PRO B 164 -42.23 -9.86 1.11
CA PRO B 164 -42.13 -9.89 2.57
C PRO B 164 -42.74 -11.16 3.18
N LYS B 165 -41.93 -11.94 3.87
CA LYS B 165 -42.34 -13.23 4.43
C LYS B 165 -42.41 -13.15 5.94
N GLY B 166 -43.47 -13.73 6.51
CA GLY B 166 -43.65 -13.76 7.95
C GLY B 166 -42.95 -14.94 8.58
N VAL B 167 -41.85 -14.71 9.28
CA VAL B 167 -41.04 -15.76 9.86
C VAL B 167 -41.60 -16.11 11.23
N MET B 168 -41.89 -17.39 11.44
CA MET B 168 -42.57 -17.87 12.64
C MET B 168 -41.55 -18.48 13.60
N LEU B 169 -41.50 -17.95 14.82
CA LEU B 169 -40.61 -18.45 15.86
C LEU B 169 -41.44 -18.86 17.07
N GLU B 170 -41.07 -19.98 17.68
CA GLU B 170 -41.77 -20.52 18.82
C GLU B 170 -41.06 -20.15 20.12
N HIS B 171 -41.81 -20.23 21.23
CA HIS B 171 -41.24 -19.98 22.55
C HIS B 171 -39.99 -20.84 22.77
N LYS B 172 -40.05 -22.10 22.32
CA LYS B 172 -38.92 -23.01 22.50
C LYS B 172 -37.64 -22.47 21.88
N ASN B 173 -37.74 -21.89 20.68
CA ASN B 173 -36.55 -21.44 19.97
C ASN B 173 -35.83 -20.32 20.72
N ILE B 174 -36.58 -19.29 21.13
CA ILE B 174 -35.95 -18.15 21.81
C ILE B 174 -35.49 -18.54 23.20
N VAL B 175 -36.20 -19.46 23.87
CA VAL B 175 -35.81 -19.88 25.21
C VAL B 175 -34.44 -20.56 25.19
N ASN B 176 -34.19 -21.39 24.18
CA ASN B 176 -32.90 -22.05 24.08
C ASN B 176 -31.76 -21.05 23.92
N LEU B 177 -31.97 -20.03 23.08
CA LEU B 177 -30.95 -19.00 22.91
C LEU B 177 -30.70 -18.25 24.22
N LEU B 178 -31.76 -17.88 24.92
CA LEU B 178 -31.61 -17.18 26.19
C LEU B 178 -30.96 -18.08 27.24
N HIS B 179 -31.36 -19.36 27.29
CA HIS B 179 -30.79 -20.27 28.28
C HIS B 179 -29.29 -20.46 28.06
N PHE B 180 -28.86 -20.62 26.81
CA PHE B 180 -27.44 -20.71 26.52
C PHE B 180 -26.71 -19.44 26.96
N THR B 181 -27.34 -18.28 26.71
CA THR B 181 -26.75 -17.01 27.09
C THR B 181 -26.55 -16.92 28.60
N PHE B 182 -27.53 -17.41 29.38
CA PHE B 182 -27.40 -17.34 30.84
C PHE B 182 -26.37 -18.33 31.35
N GLU B 183 -26.39 -19.57 30.85
CA GLU B 183 -25.57 -20.62 31.43
C GLU B 183 -24.14 -20.62 30.92
N LYS B 184 -23.94 -20.36 29.62
CA LYS B 184 -22.62 -20.49 29.00
C LYS B 184 -21.98 -19.14 28.74
N THR B 185 -22.47 -18.08 29.37
CA THR B 185 -21.94 -16.74 29.16
C THR B 185 -22.16 -15.93 30.43
N ASN B 186 -21.21 -15.06 30.75
CA ASN B 186 -21.27 -14.22 31.95
C ASN B 186 -21.51 -12.76 31.60
N ILE B 187 -22.34 -12.51 30.57
CA ILE B 187 -22.84 -11.16 30.34
C ILE B 187 -23.84 -10.84 31.44
N ASN B 188 -23.59 -9.76 32.17
CA ASN B 188 -24.38 -9.42 33.35
C ASN B 188 -25.71 -8.83 32.91
N PHE B 189 -26.61 -9.71 32.47
CA PHE B 189 -27.95 -9.28 32.09
C PHE B 189 -28.80 -8.92 33.31
N SER B 190 -28.37 -9.30 34.51
CA SER B 190 -29.04 -8.87 35.72
C SER B 190 -28.72 -7.43 36.10
N ASP B 191 -27.74 -6.82 35.42
CA ASP B 191 -27.44 -5.41 35.56
C ASP B 191 -28.21 -4.62 34.50
N LYS B 192 -27.86 -3.36 34.33
CA LYS B 192 -28.54 -2.50 33.36
C LYS B 192 -28.18 -2.88 31.93
N VAL B 193 -29.19 -2.97 31.08
CA VAL B 193 -29.04 -3.34 29.67
C VAL B 193 -29.77 -2.32 28.82
N LEU B 194 -29.12 -1.87 27.74
CA LEU B 194 -29.70 -0.88 26.84
C LEU B 194 -30.51 -1.57 25.75
N GLN B 195 -31.75 -1.12 25.57
CA GLN B 195 -32.63 -1.64 24.53
C GLN B 195 -32.53 -0.74 23.31
N TYR B 196 -31.53 -1.01 22.47
CA TYR B 196 -31.24 -0.17 21.31
C TYR B 196 -32.04 -0.55 20.08
N THR B 197 -32.13 -1.85 19.79
CA THR B 197 -32.58 -2.31 18.48
C THR B 197 -34.06 -2.02 18.26
N THR B 198 -34.40 -1.64 17.02
CA THR B 198 -35.77 -1.33 16.64
C THR B 198 -36.66 -2.57 16.78
N CYS B 199 -37.92 -2.34 17.13
CA CYS B 199 -38.85 -3.42 17.45
C CYS B 199 -39.12 -4.36 16.28
N SER B 200 -38.78 -3.97 15.06
CA SER B 200 -39.03 -4.82 13.90
C SER B 200 -37.90 -5.81 13.63
N PHE B 201 -36.87 -5.83 14.47
CA PHE B 201 -35.75 -6.75 14.34
C PHE B 201 -35.76 -7.75 15.49
N ASP B 202 -35.30 -8.97 15.20
CA ASP B 202 -35.37 -10.05 16.19
C ASP B 202 -34.44 -9.82 17.37
N VAL B 203 -33.34 -9.08 17.16
CA VAL B 203 -32.39 -8.83 18.24
C VAL B 203 -33.04 -8.00 19.34
N CYS B 204 -33.99 -7.13 18.98
CA CYS B 204 -34.69 -6.32 19.96
C CYS B 204 -35.26 -7.16 21.09
N TYR B 205 -35.80 -8.34 20.76
CA TYR B 205 -36.42 -9.21 21.76
C TYR B 205 -35.41 -10.09 22.47
N GLN B 206 -34.26 -10.34 21.86
CA GLN B 206 -33.14 -10.89 22.61
C GLN B 206 -32.71 -9.91 23.71
N GLU B 207 -32.66 -8.62 23.39
CA GLU B 207 -32.30 -7.61 24.38
C GLU B 207 -33.34 -7.53 25.49
N ILE B 208 -34.62 -7.48 25.11
CA ILE B 208 -35.69 -7.28 26.08
C ILE B 208 -35.76 -8.44 27.06
N PHE B 209 -35.73 -9.67 26.54
CA PHE B 209 -36.07 -10.83 27.35
C PHE B 209 -34.86 -11.50 28.00
N SER B 210 -33.64 -11.26 27.51
CA SER B 210 -32.48 -11.70 28.27
C SER B 210 -32.31 -10.85 29.52
N THR B 211 -32.77 -9.60 29.49
CA THR B 211 -32.74 -8.74 30.66
C THR B 211 -33.89 -9.06 31.61
N LEU B 212 -35.11 -9.10 31.07
CA LEU B 212 -36.29 -9.30 31.92
C LEU B 212 -36.30 -10.66 32.59
N LEU B 213 -35.73 -11.67 31.95
CA LEU B 213 -35.72 -13.03 32.49
C LEU B 213 -34.54 -13.31 33.40
N SER B 214 -33.71 -12.30 33.69
CA SER B 214 -32.59 -12.46 34.60
C SER B 214 -32.55 -11.38 35.68
N GLY B 215 -33.62 -10.58 35.81
CA GLY B 215 -33.72 -9.62 36.89
C GLY B 215 -33.05 -8.28 36.63
N GLY B 216 -32.68 -7.97 35.39
CA GLY B 216 -31.96 -6.76 35.09
C GLY B 216 -32.86 -5.57 34.86
N GLN B 217 -32.21 -4.44 34.56
CA GLN B 217 -32.88 -3.19 34.26
C GLN B 217 -32.84 -2.94 32.75
N LEU B 218 -34.01 -2.96 32.12
CA LEU B 218 -34.12 -2.71 30.68
C LEU B 218 -34.28 -1.22 30.45
N TYR B 219 -33.32 -0.60 29.77
CA TYR B 219 -33.34 0.83 29.50
C TYR B 219 -33.85 1.07 28.09
N LEU B 220 -35.01 1.70 27.99
CA LEU B 220 -35.59 2.08 26.71
C LEU B 220 -35.23 3.52 26.39
N ILE B 221 -35.19 3.82 25.09
CA ILE B 221 -34.81 5.13 24.60
C ILE B 221 -35.85 5.62 23.61
N ARG B 222 -36.00 6.93 23.51
CA ARG B 222 -36.87 7.48 22.49
C ARG B 222 -36.29 7.22 21.11
N LYS B 223 -37.17 7.29 20.10
CA LYS B 223 -36.73 7.17 18.72
C LYS B 223 -35.64 8.17 18.39
N GLU B 224 -35.79 9.41 18.88
CA GLU B 224 -34.81 10.45 18.59
C GLU B 224 -33.50 10.24 19.36
N THR B 225 -33.59 9.71 20.59
CA THR B 225 -32.37 9.39 21.33
C THR B 225 -31.56 8.31 20.62
N GLN B 226 -32.24 7.32 20.05
CA GLN B 226 -31.55 6.24 19.36
C GLN B 226 -30.76 6.74 18.16
N ARG B 227 -31.25 7.77 17.48
CA ARG B 227 -30.59 8.31 16.29
C ARG B 227 -29.58 9.39 16.61
N ASP B 228 -29.49 9.84 17.85
CA ASP B 228 -28.56 10.89 18.28
C ASP B 228 -27.44 10.21 19.07
N VAL B 229 -26.29 10.04 18.45
CA VAL B 229 -25.18 9.32 19.08
C VAL B 229 -24.72 10.03 20.35
N GLU B 230 -24.61 11.36 20.29
CA GLU B 230 -24.20 12.13 21.45
C GLU B 230 -25.16 11.91 22.63
N GLN B 231 -26.46 11.99 22.35
CA GLN B 231 -27.46 11.77 23.40
C GLN B 231 -27.42 10.32 23.89
N LEU B 232 -27.24 9.36 22.98
CA LEU B 232 -27.23 7.95 23.36
C LEU B 232 -26.08 7.65 24.33
N PHE B 233 -24.88 8.09 23.99
CA PHE B 233 -23.73 7.79 24.85
C PHE B 233 -23.84 8.48 26.20
N ASP B 234 -24.42 9.68 26.24
CA ASP B 234 -24.61 10.35 27.52
C ASP B 234 -25.51 9.52 28.44
N LEU B 235 -26.60 8.98 27.90
CA LEU B 235 -27.52 8.19 28.72
C LEU B 235 -26.84 6.94 29.27
N VAL B 236 -26.01 6.29 28.45
CA VAL B 236 -25.26 5.12 28.94
C VAL B 236 -24.31 5.55 30.06
N LYS B 237 -23.64 6.68 29.89
CA LYS B 237 -22.71 7.16 30.91
C LYS B 237 -23.44 7.52 32.20
N ARG B 238 -24.61 8.15 32.10
CA ARG B 238 -25.31 8.58 33.30
C ARG B 238 -25.74 7.40 34.16
N GLU B 239 -26.43 6.44 33.56
CA GLU B 239 -26.93 5.29 34.32
C GLU B 239 -25.90 4.20 34.50
N ASN B 240 -24.74 4.30 33.82
CA ASN B 240 -23.71 3.25 33.84
C ASN B 240 -24.28 1.92 33.35
N ILE B 241 -24.89 1.95 32.17
CA ILE B 241 -25.38 0.73 31.52
C ILE B 241 -24.19 -0.06 31.04
N GLU B 242 -24.07 -1.31 31.51
CA GLU B 242 -22.87 -2.11 31.28
C GLU B 242 -23.02 -3.12 30.16
N VAL B 243 -24.23 -3.35 29.66
CA VAL B 243 -24.47 -4.28 28.55
C VAL B 243 -25.07 -3.49 27.40
N LEU B 244 -24.37 -3.43 26.29
CA LEU B 244 -24.81 -2.71 25.10
C LEU B 244 -24.99 -3.68 23.95
N SER B 245 -26.02 -3.44 23.13
CA SER B 245 -26.30 -4.25 21.95
C SER B 245 -26.50 -3.33 20.77
N PHE B 246 -25.62 -3.44 19.77
CA PHE B 246 -25.65 -2.61 18.58
C PHE B 246 -25.50 -3.47 17.35
N PRO B 247 -26.07 -3.06 16.21
CA PRO B 247 -25.75 -3.71 14.94
C PRO B 247 -24.31 -3.43 14.56
N VAL B 248 -23.76 -4.33 13.74
CA VAL B 248 -22.37 -4.19 13.30
C VAL B 248 -22.16 -2.88 12.57
N ALA B 249 -23.14 -2.46 11.77
CA ALA B 249 -23.02 -1.22 11.02
C ALA B 249 -22.90 -0.02 11.96
N PHE B 250 -23.60 -0.05 13.09
CA PHE B 250 -23.48 1.04 14.05
C PHE B 250 -22.08 1.13 14.62
N LEU B 251 -21.50 -0.01 15.00
CA LEU B 251 -20.15 -0.01 15.56
C LEU B 251 -19.12 0.46 14.55
N LYS B 252 -19.25 0.03 13.30
CA LYS B 252 -18.37 0.53 12.24
C LYS B 252 -18.51 2.04 12.09
N PHE B 253 -19.72 2.56 12.21
CA PHE B 253 -19.94 4.00 12.13
C PHE B 253 -19.26 4.73 13.27
N ILE B 254 -19.34 4.18 14.49
CA ILE B 254 -18.78 4.85 15.66
C ILE B 254 -17.27 4.98 15.54
N PHE B 255 -16.59 3.88 15.23
CA PHE B 255 -15.13 3.84 15.28
C PHE B 255 -14.49 4.30 13.97
N ASN B 256 -15.27 4.86 13.05
CA ASN B 256 -14.74 5.59 11.91
C ASN B 256 -14.66 7.08 12.18
N GLU B 257 -15.19 7.56 13.30
CA GLU B 257 -15.23 8.97 13.64
C GLU B 257 -14.45 9.20 14.93
N ARG B 258 -13.40 10.01 14.86
CA ARG B 258 -12.67 10.40 16.07
C ARG B 258 -13.59 11.07 17.07
N GLU B 259 -14.59 11.82 16.59
CA GLU B 259 -15.53 12.49 17.47
C GLU B 259 -16.29 11.49 18.34
N PHE B 260 -16.74 10.39 17.74
CA PHE B 260 -17.56 9.42 18.47
C PHE B 260 -16.71 8.46 19.30
N ILE B 261 -15.50 8.15 18.85
CA ILE B 261 -14.59 7.33 19.64
C ILE B 261 -14.29 8.01 20.96
N ASN B 262 -14.10 9.34 20.92
CA ASN B 262 -13.80 10.10 22.14
C ASN B 262 -14.95 10.01 23.13
N ARG B 263 -16.20 10.06 22.65
CA ARG B 263 -17.37 10.09 23.51
C ARG B 263 -17.91 8.70 23.83
N PHE B 264 -17.32 7.64 23.28
CA PHE B 264 -17.86 6.31 23.50
C PHE B 264 -17.72 5.94 24.97
N PRO B 265 -18.78 5.36 25.58
CA PRO B 265 -18.77 5.02 26.99
C PRO B 265 -17.67 4.02 27.33
N THR B 266 -17.11 4.11 28.53
CA THR B 266 -15.94 3.25 28.89
C THR B 266 -16.26 2.34 30.08
N CYS B 267 -17.32 2.66 30.81
CA CYS B 267 -17.72 1.81 31.96
C CYS B 267 -18.66 0.72 31.44
N VAL B 268 -18.29 0.05 30.35
CA VAL B 268 -19.14 -0.99 29.71
C VAL B 268 -18.49 -2.34 29.92
N LYS B 269 -19.30 -3.36 30.12
CA LYS B 269 -18.74 -4.68 30.42
C LYS B 269 -18.84 -5.60 29.22
N HIS B 270 -19.94 -5.53 28.47
CA HIS B 270 -20.14 -6.38 27.32
C HIS B 270 -20.82 -5.62 26.20
N ILE B 271 -20.36 -5.84 24.97
CA ILE B 271 -21.00 -5.33 23.77
C ILE B 271 -21.37 -6.52 22.88
N ILE B 272 -22.65 -6.60 22.52
CA ILE B 272 -23.18 -7.67 21.68
C ILE B 272 -23.54 -7.06 20.33
N THR B 273 -23.10 -7.70 19.25
CA THR B 273 -23.31 -7.16 17.93
C THR B 273 -23.73 -8.25 16.96
N ALA B 274 -24.44 -7.85 15.90
CA ALA B 274 -24.92 -8.75 14.87
C ALA B 274 -25.16 -7.95 13.60
N GLY B 275 -25.26 -8.66 12.48
CA GLY B 275 -25.47 -8.02 11.20
C GLY B 275 -24.51 -8.52 10.14
N GLU B 276 -23.97 -7.62 9.33
CA GLU B 276 -22.96 -8.00 8.36
C GLU B 276 -21.65 -8.34 9.09
N GLN B 277 -20.63 -8.71 8.32
CA GLN B 277 -19.37 -9.15 8.89
C GLN B 277 -18.78 -8.05 9.76
N LEU B 278 -18.50 -8.39 11.02
CA LEU B 278 -17.94 -7.43 11.96
C LEU B 278 -16.50 -7.10 11.58
N VAL B 279 -16.18 -5.81 11.51
CA VAL B 279 -14.83 -5.34 11.24
C VAL B 279 -14.36 -4.53 12.43
N VAL B 280 -13.20 -4.88 12.97
CA VAL B 280 -12.65 -4.25 14.16
C VAL B 280 -11.34 -3.59 13.75
N ASN B 281 -11.37 -2.26 13.56
CA ASN B 281 -10.16 -1.55 13.21
C ASN B 281 -9.27 -1.36 14.43
N ASN B 282 -8.11 -0.73 14.24
CA ASN B 282 -7.12 -0.65 15.31
C ASN B 282 -7.61 0.20 16.47
N GLU B 283 -8.36 1.27 16.19
CA GLU B 283 -8.93 2.07 17.26
C GLU B 283 -9.97 1.28 18.05
N PHE B 284 -10.79 0.48 17.35
CA PHE B 284 -11.71 -0.41 18.03
C PHE B 284 -10.96 -1.46 18.85
N LYS B 285 -9.92 -2.06 18.27
CA LYS B 285 -9.09 -3.00 19.01
C LYS B 285 -8.50 -2.34 20.25
N ARG B 286 -8.04 -1.10 20.11
CA ARG B 286 -7.46 -0.37 21.24
C ARG B 286 -8.47 -0.19 22.35
N TYR B 287 -9.72 0.17 22.01
CA TYR B 287 -10.73 0.43 23.02
C TYR B 287 -11.03 -0.82 23.85
N LEU B 288 -11.18 -1.97 23.17
CA LEU B 288 -11.55 -3.19 23.89
C LEU B 288 -10.45 -3.62 24.86
N HIS B 289 -9.20 -3.62 24.40
CA HIS B 289 -8.10 -3.96 25.29
C HIS B 289 -7.93 -2.92 26.39
N GLU B 290 -8.07 -1.64 26.06
CA GLU B 290 -7.86 -0.57 27.04
C GLU B 290 -8.81 -0.70 28.22
N HIS B 291 -10.09 -0.93 27.95
CA HIS B 291 -11.12 -0.90 28.97
C HIS B 291 -11.66 -2.28 29.34
N ASN B 292 -11.04 -3.34 28.80
CA ASN B 292 -11.41 -4.72 29.14
C ASN B 292 -12.88 -5.00 28.81
N VAL B 293 -13.30 -4.59 27.61
CA VAL B 293 -14.67 -4.79 27.15
C VAL B 293 -14.73 -6.06 26.33
N HIS B 294 -15.71 -6.92 26.63
CA HIS B 294 -15.91 -8.16 25.90
C HIS B 294 -16.89 -7.91 24.76
N LEU B 295 -16.41 -8.03 23.52
CA LEU B 295 -17.24 -7.89 22.34
C LEU B 295 -17.69 -9.28 21.88
N HIS B 296 -19.00 -9.45 21.71
CA HIS B 296 -19.58 -10.73 21.33
C HIS B 296 -20.16 -10.61 19.93
N ASN B 297 -19.68 -11.45 19.03
CA ASN B 297 -20.15 -11.49 17.65
C ASN B 297 -21.21 -12.58 17.53
N HIS B 298 -22.42 -12.20 17.17
CA HIS B 298 -23.54 -13.12 17.05
C HIS B 298 -23.99 -13.23 15.60
N TYR B 299 -24.46 -14.42 15.23
CA TYR B 299 -24.98 -14.66 13.89
C TYR B 299 -26.24 -15.50 13.97
N GLY B 300 -27.22 -15.16 13.12
CA GLY B 300 -28.37 -16.01 12.91
C GLY B 300 -29.43 -15.33 12.08
N PRO B 301 -30.01 -16.07 11.13
CA PRO B 301 -31.16 -15.54 10.39
C PRO B 301 -32.38 -15.46 11.28
N SER B 302 -33.35 -14.65 10.83
CA SER B 302 -34.60 -14.50 11.58
C SER B 302 -35.33 -15.82 11.74
N GLU B 303 -35.14 -16.75 10.80
CA GLU B 303 -35.78 -18.06 10.89
C GLU B 303 -35.31 -18.87 12.08
N THR B 304 -34.14 -18.53 12.65
CA THR B 304 -33.61 -19.27 13.77
C THR B 304 -33.05 -18.41 14.90
N HIS B 305 -32.97 -17.09 14.74
CA HIS B 305 -32.30 -16.20 15.69
C HIS B 305 -30.82 -16.58 15.83
N VAL B 306 -30.16 -16.06 16.87
CA VAL B 306 -28.72 -16.28 17.03
C VAL B 306 -28.45 -17.75 17.31
N VAL B 307 -27.52 -18.34 16.56
CA VAL B 307 -27.21 -19.77 16.71
C VAL B 307 -25.71 -19.98 16.85
N THR B 308 -24.91 -18.97 16.51
CA THR B 308 -23.46 -19.03 16.67
C THR B 308 -22.96 -17.78 17.35
N THR B 309 -21.99 -17.94 18.24
CA THR B 309 -21.42 -16.82 18.98
C THR B 309 -19.91 -16.94 19.02
N TYR B 310 -19.25 -15.79 19.16
CA TYR B 310 -17.79 -15.74 19.28
C TYR B 310 -17.45 -14.53 20.15
N THR B 311 -16.89 -14.79 21.33
CA THR B 311 -16.56 -13.74 22.28
C THR B 311 -15.10 -13.36 22.11
N ILE B 312 -14.85 -12.10 21.76
CA ILE B 312 -13.48 -11.60 21.61
C ILE B 312 -12.88 -11.40 22.98
N ASN B 313 -11.73 -12.01 23.22
CA ASN B 313 -11.00 -11.82 24.46
C ASN B 313 -10.17 -10.55 24.36
N PRO B 314 -10.44 -9.52 25.17
CA PRO B 314 -9.70 -8.27 25.02
C PRO B 314 -8.26 -8.35 25.50
N GLU B 315 -7.91 -9.38 26.28
CA GLU B 315 -6.53 -9.57 26.72
C GLU B 315 -5.71 -10.37 25.72
N ALA B 316 -6.35 -11.02 24.75
CA ALA B 316 -5.67 -11.72 23.68
C ALA B 316 -5.66 -10.86 22.42
N GLU B 317 -4.99 -11.34 21.38
CA GLU B 317 -4.96 -10.62 20.12
C GLU B 317 -6.36 -10.60 19.50
N ILE B 318 -6.79 -9.43 19.07
CA ILE B 318 -8.15 -9.21 18.59
C ILE B 318 -8.14 -9.30 17.07
N PRO B 319 -8.84 -10.26 16.47
CA PRO B 319 -8.95 -10.30 15.01
C PRO B 319 -9.71 -9.09 14.49
N GLU B 320 -9.23 -8.53 13.37
CA GLU B 320 -9.94 -7.43 12.74
C GLU B 320 -11.25 -7.89 12.13
N LEU B 321 -11.34 -9.15 11.71
CA LEU B 321 -12.54 -9.76 11.15
C LEU B 321 -12.84 -11.00 11.96
N PRO B 322 -13.39 -10.85 13.17
CA PRO B 322 -13.60 -12.01 14.02
C PRO B 322 -14.61 -12.96 13.41
N PRO B 323 -14.43 -14.26 13.63
CA PRO B 323 -15.40 -15.23 13.12
C PRO B 323 -16.73 -15.13 13.86
N ILE B 324 -17.76 -15.77 13.30
CA ILE B 324 -19.03 -15.85 13.99
C ILE B 324 -19.07 -16.96 15.02
N GLY B 325 -18.02 -17.77 15.10
CA GLY B 325 -17.84 -18.70 16.20
C GLY B 325 -18.37 -20.09 16.02
N LYS B 326 -18.99 -20.62 17.07
CA LYS B 326 -19.40 -22.01 17.19
C LYS B 326 -20.87 -22.08 17.60
N PRO B 327 -21.54 -23.20 17.31
CA PRO B 327 -22.96 -23.31 17.63
C PRO B 327 -23.23 -23.18 19.13
N ILE B 328 -24.39 -22.60 19.44
CA ILE B 328 -24.90 -22.52 20.80
C ILE B 328 -25.47 -23.88 21.18
N SER B 329 -25.80 -24.06 22.46
CA SER B 329 -26.30 -25.34 22.95
C SER B 329 -27.48 -25.84 22.11
N ASN B 330 -27.55 -27.16 21.96
CA ASN B 330 -28.64 -27.83 21.24
C ASN B 330 -28.77 -27.35 19.80
N THR B 331 -27.64 -26.99 19.18
CA THR B 331 -27.64 -26.48 17.83
C THR B 331 -26.48 -27.09 17.06
N TRP B 332 -26.75 -27.52 15.82
CA TRP B 332 -25.73 -28.11 14.96
C TRP B 332 -25.69 -27.35 13.65
N ILE B 333 -24.48 -27.03 13.19
CA ILE B 333 -24.25 -26.19 12.03
C ILE B 333 -23.53 -27.01 10.97
N TYR B 334 -24.07 -27.02 9.76
CA TYR B 334 -23.47 -27.72 8.64
C TYR B 334 -23.13 -26.72 7.53
N ILE B 335 -21.99 -26.93 6.88
CA ILE B 335 -21.58 -26.16 5.72
C ILE B 335 -21.57 -27.13 4.54
N LEU B 336 -22.61 -27.06 3.70
CA LEU B 336 -22.87 -28.04 2.68
C LEU B 336 -22.66 -27.46 1.29
N ASP B 337 -22.50 -28.35 0.31
CA ASP B 337 -22.39 -27.97 -1.09
C ASP B 337 -23.78 -27.94 -1.71
N GLN B 338 -23.83 -27.80 -3.04
CA GLN B 338 -25.11 -27.78 -3.75
C GLN B 338 -25.82 -29.12 -3.73
N GLU B 339 -25.15 -30.19 -3.31
CA GLU B 339 -25.76 -31.50 -3.14
C GLU B 339 -25.97 -31.85 -1.66
N GLN B 340 -25.92 -30.84 -0.79
CA GLN B 340 -26.11 -31.01 0.65
C GLN B 340 -25.07 -31.97 1.24
N GLN B 341 -23.88 -32.00 0.66
CA GLN B 341 -22.78 -32.82 1.16
C GLN B 341 -21.83 -31.97 1.99
N LEU B 342 -21.28 -32.57 3.04
CA LEU B 342 -20.44 -31.84 3.97
C LEU B 342 -19.19 -31.30 3.27
N GLN B 343 -18.87 -30.03 3.55
CA GLN B 343 -17.69 -29.43 2.95
C GLN B 343 -16.48 -29.60 3.86
N PRO B 344 -15.32 -29.91 3.29
CA PRO B 344 -14.10 -29.99 4.08
C PRO B 344 -13.72 -28.62 4.64
N GLN B 345 -12.95 -28.65 5.73
CA GLN B 345 -12.55 -27.43 6.41
C GLN B 345 -11.84 -26.48 5.44
N GLY B 346 -12.21 -25.21 5.49
CA GLY B 346 -11.62 -24.19 4.65
C GLY B 346 -12.28 -23.99 3.30
N ILE B 347 -13.30 -24.79 2.96
CA ILE B 347 -13.94 -24.73 1.66
C ILE B 347 -15.27 -23.99 1.80
N VAL B 348 -15.51 -23.03 0.90
CA VAL B 348 -16.72 -22.22 0.95
C VAL B 348 -17.94 -23.09 0.68
N GLY B 349 -18.97 -22.95 1.50
CA GLY B 349 -20.21 -23.67 1.32
C GLY B 349 -21.42 -22.88 1.78
N GLU B 350 -22.58 -23.52 1.85
CA GLU B 350 -23.82 -22.88 2.27
C GLU B 350 -24.16 -23.31 3.69
N LEU B 351 -24.59 -22.34 4.49
CA LEU B 351 -24.84 -22.58 5.92
C LEU B 351 -26.19 -23.24 6.13
N TYR B 352 -26.19 -24.34 6.89
CA TYR B 352 -27.41 -25.03 7.29
C TYR B 352 -27.45 -25.08 8.81
N ILE B 353 -28.60 -24.76 9.40
CA ILE B 353 -28.75 -24.69 10.85
C ILE B 353 -29.81 -25.70 11.28
N SER B 354 -29.48 -26.48 12.31
CA SER B 354 -30.37 -27.48 12.86
C SER B 354 -30.33 -27.44 14.37
N GLY B 355 -31.45 -27.81 15.00
CA GLY B 355 -31.51 -27.91 16.44
C GLY B 355 -32.73 -27.21 17.01
N ALA B 356 -32.64 -26.88 18.30
CA ALA B 356 -33.78 -26.34 19.03
C ALA B 356 -34.18 -24.94 18.59
N ASN B 357 -33.28 -24.21 17.94
CA ASN B 357 -33.58 -22.83 17.54
C ASN B 357 -34.40 -22.74 16.26
N VAL B 358 -34.53 -23.83 15.50
CA VAL B 358 -35.20 -23.77 14.21
C VAL B 358 -36.68 -23.50 14.41
N GLY B 359 -37.18 -22.46 13.74
CA GLY B 359 -38.55 -22.04 13.89
C GLY B 359 -39.51 -22.90 13.08
N ARG B 360 -40.75 -22.42 13.01
CA ARG B 360 -41.83 -23.17 12.36
C ARG B 360 -41.95 -22.90 10.86
N GLY B 361 -41.32 -21.84 10.35
CA GLY B 361 -41.34 -21.55 8.93
C GLY B 361 -42.02 -20.22 8.64
N TYR B 362 -42.60 -20.14 7.46
CA TYR B 362 -43.18 -18.90 6.94
C TYR B 362 -44.70 -18.96 7.01
N LEU B 363 -45.30 -17.90 7.54
CA LEU B 363 -46.74 -17.86 7.73
C LEU B 363 -47.49 -17.95 6.40
N ASN B 364 -48.43 -18.89 6.33
CA ASN B 364 -49.35 -19.05 5.20
C ASN B 364 -48.63 -19.25 3.86
N ASN B 365 -47.37 -19.67 3.91
CA ASN B 365 -46.60 -19.97 2.69
C ASN B 365 -45.65 -21.11 3.05
N GLN B 366 -46.09 -22.33 2.78
CA GLN B 366 -45.26 -23.50 3.07
C GLN B 366 -44.73 -24.17 1.81
N GLU B 367 -45.01 -23.63 0.63
CA GLU B 367 -44.18 -23.94 -0.53
C GLU B 367 -42.78 -23.41 -0.31
N LEU B 368 -42.68 -22.16 0.15
CA LEU B 368 -41.39 -21.58 0.51
C LEU B 368 -40.79 -22.27 1.73
N THR B 369 -41.63 -22.66 2.69
CA THR B 369 -41.13 -23.37 3.86
C THR B 369 -40.50 -24.71 3.47
N ALA B 370 -41.08 -25.39 2.49
CA ALA B 370 -40.53 -26.66 2.03
C ALA B 370 -39.18 -26.46 1.33
N GLU B 371 -39.02 -25.34 0.61
CA GLU B 371 -37.75 -25.07 -0.04
C GLU B 371 -36.64 -24.77 0.96
N LYS B 372 -36.98 -24.22 2.12
CA LYS B 372 -35.99 -23.73 3.06
C LYS B 372 -35.87 -24.56 4.33
N PHE B 373 -36.90 -25.29 4.72
CA PHE B 373 -36.88 -26.09 5.94
C PHE B 373 -36.91 -27.57 5.58
N PHE B 374 -35.89 -28.29 6.00
CA PHE B 374 -35.76 -29.72 5.75
C PHE B 374 -35.68 -30.48 7.07
N ALA B 375 -35.67 -31.81 6.97
CA ALA B 375 -35.29 -32.65 8.08
C ALA B 375 -33.77 -32.83 8.09
N ASP B 376 -33.20 -32.90 9.27
CA ASP B 376 -31.76 -33.03 9.39
C ASP B 376 -31.32 -34.42 8.93
N PRO B 377 -30.62 -34.56 7.81
CA PRO B 377 -30.18 -35.90 7.38
C PRO B 377 -29.24 -36.56 8.36
N PHE B 378 -28.49 -35.77 9.14
CA PHE B 378 -27.55 -36.32 10.10
C PHE B 378 -28.17 -36.55 11.47
N ARG B 379 -29.21 -35.78 11.82
CA ARG B 379 -29.96 -35.96 13.06
C ARG B 379 -31.44 -35.97 12.72
N PRO B 380 -31.98 -37.11 12.25
CA PRO B 380 -33.37 -37.15 11.76
C PRO B 380 -34.43 -36.55 12.67
N ASN B 381 -34.19 -36.50 13.98
CA ASN B 381 -35.16 -35.89 14.89
C ASN B 381 -35.20 -34.37 14.77
N GLU B 382 -34.19 -33.75 14.15
CA GLU B 382 -34.07 -32.30 14.17
C GLU B 382 -34.60 -31.67 12.89
N ARG B 383 -35.08 -30.45 13.02
CA ARG B 383 -35.45 -29.61 11.89
C ARG B 383 -34.21 -28.85 11.40
N MET B 384 -34.08 -28.72 10.09
CA MET B 384 -32.96 -28.03 9.49
C MET B 384 -33.46 -26.86 8.65
N TYR B 385 -32.74 -25.74 8.71
CA TYR B 385 -33.05 -24.56 7.93
C TYR B 385 -31.88 -24.23 7.01
N ARG B 386 -32.19 -23.90 5.76
CA ARG B 386 -31.19 -23.56 4.75
C ARG B 386 -31.13 -22.03 4.63
N THR B 387 -30.00 -21.46 5.03
CA THR B 387 -29.91 -20.00 5.17
C THR B 387 -29.62 -19.28 3.86
N GLY B 388 -28.85 -19.90 2.96
CA GLY B 388 -28.35 -19.20 1.80
C GLY B 388 -27.12 -18.37 2.05
N ASP B 389 -26.59 -18.36 3.27
CA ASP B 389 -25.38 -17.63 3.62
C ASP B 389 -24.16 -18.51 3.41
N LEU B 390 -23.05 -17.88 3.02
CA LEU B 390 -21.83 -18.58 2.69
C LEU B 390 -20.82 -18.48 3.83
N ALA B 391 -20.11 -19.57 4.10
CA ALA B 391 -19.21 -19.62 5.25
C ALA B 391 -18.13 -20.66 4.98
N ARG B 392 -17.14 -20.67 5.87
CA ARG B 392 -16.04 -21.63 5.85
C ARG B 392 -15.78 -22.11 7.26
N TRP B 393 -15.45 -23.39 7.40
CA TRP B 393 -14.94 -23.91 8.66
C TRP B 393 -13.47 -23.54 8.80
N LEU B 394 -13.11 -23.03 9.97
CA LEU B 394 -11.72 -22.73 10.30
C LEU B 394 -11.11 -23.90 11.07
N PRO B 395 -9.78 -24.03 11.05
CA PRO B 395 -9.14 -25.17 11.73
C PRO B 395 -9.41 -25.23 13.23
N ASP B 396 -9.79 -24.12 13.87
CA ASP B 396 -10.09 -24.12 15.29
C ASP B 396 -11.55 -24.43 15.58
N GLY B 397 -12.35 -24.72 14.56
CA GLY B 397 -13.75 -25.04 14.74
C GLY B 397 -14.69 -23.85 14.65
N ASN B 398 -14.17 -22.62 14.62
CA ASN B 398 -15.00 -21.45 14.48
C ASN B 398 -15.40 -21.25 13.02
N ILE B 399 -16.61 -20.76 12.82
CA ILE B 399 -17.14 -20.52 11.47
C ILE B 399 -16.75 -19.13 11.03
N GLU B 400 -16.22 -19.02 9.80
CA GLU B 400 -15.92 -17.74 9.18
C GLU B 400 -17.07 -17.35 8.27
N PHE B 401 -17.74 -16.24 8.58
CA PHE B 401 -18.87 -15.78 7.79
C PHE B 401 -18.40 -14.96 6.60
N LEU B 402 -18.98 -15.24 5.43
CA LEU B 402 -18.58 -14.58 4.19
C LEU B 402 -19.70 -13.84 3.49
N GLY B 403 -20.95 -14.32 3.58
CA GLY B 403 -22.06 -13.66 2.93
C GLY B 403 -23.35 -14.45 3.02
N TYR C 8 -11.39 12.37 -21.24
CA TYR C 8 -12.77 12.03 -21.51
C TYR C 8 -13.51 13.24 -22.09
N PRO C 9 -14.49 12.99 -22.96
CA PRO C 9 -15.18 14.10 -23.64
C PRO C 9 -15.92 15.00 -22.67
N ASP C 10 -15.79 16.31 -22.89
CA ASP C 10 -16.56 17.32 -22.16
C ASP C 10 -17.94 17.42 -22.82
N LYS C 11 -18.71 16.35 -22.67
CA LYS C 11 -20.00 16.24 -23.34
C LYS C 11 -21.03 15.68 -22.38
N THR C 12 -22.29 15.97 -22.69
CA THR C 12 -23.41 15.46 -21.91
C THR C 12 -23.85 14.10 -22.47
N ILE C 13 -24.65 13.40 -21.66
CA ILE C 13 -25.09 12.05 -22.03
C ILE C 13 -25.93 12.09 -23.31
N HIS C 14 -26.86 13.05 -23.40
CA HIS C 14 -27.70 13.12 -24.59
C HIS C 14 -26.92 13.58 -25.81
N GLN C 15 -25.91 14.43 -25.62
CA GLN C 15 -25.06 14.82 -26.74
C GLN C 15 -24.30 13.62 -27.30
N LEU C 16 -23.72 12.81 -26.40
CA LEU C 16 -23.03 11.60 -26.84
C LEU C 16 -24.00 10.62 -27.50
N PHE C 17 -25.23 10.51 -26.96
CA PHE C 17 -26.22 9.64 -27.57
C PHE C 17 -26.56 10.10 -28.98
N THR C 18 -26.69 11.42 -29.17
CA THR C 18 -26.99 11.95 -30.51
C THR C 18 -25.89 11.59 -31.49
N GLU C 19 -24.63 11.71 -31.08
CA GLU C 19 -23.52 11.32 -31.95
C GLU C 19 -23.55 9.83 -32.25
N GLN C 20 -24.12 9.02 -31.34
CA GLN C 20 -24.24 7.59 -31.59
C GLN C 20 -25.37 7.29 -32.58
N VAL C 21 -26.45 8.09 -32.56
CA VAL C 21 -27.51 7.91 -33.55
C VAL C 21 -26.99 8.22 -34.94
N GLU C 22 -26.08 9.19 -35.06
CA GLU C 22 -25.45 9.48 -36.34
C GLU C 22 -24.71 8.25 -36.88
N LYS C 23 -23.98 7.56 -36.01
CA LYS C 23 -23.18 6.42 -36.45
C LYS C 23 -24.06 5.25 -36.87
N THR C 24 -25.04 4.88 -36.04
CA THR C 24 -25.86 3.69 -36.26
C THR C 24 -27.33 4.05 -36.12
N PRO C 25 -27.87 4.86 -37.04
CA PRO C 25 -29.30 5.21 -36.94
C PRO C 25 -30.22 4.04 -37.14
N GLU C 26 -29.87 3.09 -38.01
CA GLU C 26 -30.74 1.97 -38.35
C GLU C 26 -30.50 0.74 -37.48
N HIS C 27 -29.54 0.79 -36.56
CA HIS C 27 -29.35 -0.30 -35.62
C HIS C 27 -30.45 -0.27 -34.56
N VAL C 28 -30.84 -1.47 -34.10
CA VAL C 28 -31.82 -1.56 -33.02
C VAL C 28 -31.19 -1.07 -31.74
N ALA C 29 -31.86 -0.13 -31.07
CA ALA C 29 -31.37 0.41 -29.81
C ALA C 29 -32.01 -0.25 -28.59
N VAL C 30 -33.32 -0.51 -28.64
CA VAL C 30 -34.07 -1.05 -27.52
C VAL C 30 -34.92 -2.21 -28.03
N VAL C 31 -34.88 -3.32 -27.32
CA VAL C 31 -35.75 -4.46 -27.59
C VAL C 31 -36.58 -4.73 -26.35
N PHE C 32 -37.91 -4.77 -26.51
CA PHE C 32 -38.84 -5.04 -25.42
C PHE C 32 -39.89 -6.01 -25.96
N GLU C 33 -39.65 -7.31 -25.76
CA GLU C 33 -40.51 -8.36 -26.26
C GLU C 33 -40.69 -8.24 -27.76
N ASP C 34 -41.90 -7.88 -28.21
CA ASP C 34 -42.13 -7.70 -29.64
C ASP C 34 -41.51 -6.41 -30.14
N GLU C 35 -41.52 -5.36 -29.33
CA GLU C 35 -41.12 -4.03 -29.79
C GLU C 35 -39.60 -3.95 -29.93
N LYS C 36 -39.14 -3.53 -31.11
CA LYS C 36 -37.72 -3.29 -31.37
C LYS C 36 -37.58 -1.89 -31.95
N VAL C 37 -36.86 -1.03 -31.24
CA VAL C 37 -36.77 0.39 -31.55
C VAL C 37 -35.35 0.70 -32.00
N THR C 38 -35.22 1.35 -33.16
CA THR C 38 -33.92 1.72 -33.67
C THR C 38 -33.46 3.04 -33.03
N TYR C 39 -32.19 3.38 -33.28
CA TYR C 39 -31.64 4.61 -32.71
C TYR C 39 -32.34 5.84 -33.28
N ARG C 40 -32.71 5.81 -34.56
CA ARG C 40 -33.44 6.93 -35.15
C ARG C 40 -34.82 7.07 -34.52
N GLU C 41 -35.55 5.95 -34.40
CA GLU C 41 -36.83 5.98 -33.70
C GLU C 41 -36.66 6.49 -32.27
N LEU C 42 -35.71 5.91 -31.54
CA LEU C 42 -35.48 6.31 -30.14
C LEU C 42 -35.05 7.76 -30.06
N HIS C 43 -34.18 8.21 -30.97
CA HIS C 43 -33.86 9.62 -31.05
C HIS C 43 -35.11 10.45 -31.29
N GLU C 44 -35.77 10.23 -32.44
CA GLU C 44 -36.83 11.11 -32.89
C GLU C 44 -37.97 11.22 -31.87
N ARG C 45 -38.34 10.10 -31.24
CA ARG C 45 -39.39 10.13 -30.24
C ARG C 45 -38.99 11.00 -29.05
N SER C 46 -37.71 10.94 -28.65
CA SER C 46 -37.25 11.76 -27.54
C SER C 46 -37.10 13.22 -27.94
N ASN C 47 -36.88 13.51 -29.22
CA ASN C 47 -36.89 14.89 -29.68
C ASN C 47 -38.28 15.51 -29.48
N GLN C 48 -39.33 14.76 -29.84
CA GLN C 48 -40.69 15.28 -29.69
C GLN C 48 -41.03 15.52 -28.22
N LEU C 49 -40.61 14.61 -27.34
CA LEU C 49 -40.86 14.79 -25.92
C LEU C 49 -40.10 16.00 -25.38
N ALA C 50 -38.84 16.17 -25.81
CA ALA C 50 -38.04 17.29 -25.33
C ALA C 50 -38.66 18.62 -25.74
N ARG C 51 -39.17 18.71 -26.96
CA ARG C 51 -39.90 19.91 -27.38
C ARG C 51 -41.13 20.13 -26.52
N PHE C 52 -41.90 19.06 -26.28
CA PHE C 52 -43.09 19.18 -25.43
C PHE C 52 -42.70 19.56 -24.00
N LEU C 53 -41.60 19.02 -23.50
CA LEU C 53 -41.15 19.37 -22.15
C LEU C 53 -40.69 20.82 -22.08
N ARG C 54 -39.96 21.29 -23.10
CA ARG C 54 -39.58 22.69 -23.15
C ARG C 54 -40.79 23.60 -23.32
N GLU C 55 -41.82 23.12 -24.05
CA GLU C 55 -43.05 23.87 -24.17
C GLU C 55 -43.78 24.00 -22.83
N LYS C 56 -43.63 23.01 -21.96
CA LYS C 56 -44.28 23.01 -20.66
C LYS C 56 -43.41 23.60 -19.56
N GLY C 57 -42.24 24.14 -19.90
CA GLY C 57 -41.44 24.90 -18.96
C GLY C 57 -40.11 24.29 -18.56
N VAL C 58 -39.75 23.12 -19.08
CA VAL C 58 -38.49 22.48 -18.69
C VAL C 58 -37.32 23.31 -19.22
N LYS C 59 -36.43 23.71 -18.32
CA LYS C 59 -35.28 24.55 -18.61
C LYS C 59 -34.02 23.83 -18.13
N LYS C 60 -32.87 24.48 -18.30
CA LYS C 60 -31.59 24.01 -17.81
C LYS C 60 -31.67 23.63 -16.35
N GLU C 61 -31.29 22.39 -16.06
CA GLU C 61 -31.20 21.87 -14.69
C GLU C 61 -32.57 21.82 -14.01
N SER C 62 -33.64 21.72 -14.79
CA SER C 62 -34.96 21.50 -14.22
C SER C 62 -35.04 20.10 -13.63
N ILE C 63 -35.57 20.00 -12.42
CA ILE C 63 -35.73 18.71 -11.75
C ILE C 63 -37.09 18.16 -12.16
N ILE C 64 -37.08 17.07 -12.92
CA ILE C 64 -38.29 16.48 -13.49
C ILE C 64 -38.41 15.05 -12.98
N GLY C 65 -39.51 14.75 -12.29
CA GLY C 65 -39.74 13.39 -11.85
C GLY C 65 -40.15 12.52 -13.02
N ILE C 66 -39.62 11.30 -13.04
CA ILE C 66 -39.93 10.32 -14.07
C ILE C 66 -40.42 9.05 -13.38
N MET C 67 -41.58 8.57 -13.80
CA MET C 67 -42.22 7.43 -13.14
C MET C 67 -42.88 6.58 -14.22
N MET C 68 -42.23 5.47 -14.57
CA MET C 68 -42.75 4.61 -15.62
C MET C 68 -42.44 3.17 -15.29
N GLU C 69 -43.24 2.27 -15.87
CA GLU C 69 -42.91 0.86 -15.83
C GLU C 69 -41.75 0.58 -16.78
N ARG C 70 -41.18 -0.61 -16.65
CA ARG C 70 -40.15 -1.04 -17.58
C ARG C 70 -40.72 -1.11 -18.98
N SER C 71 -40.27 -0.20 -19.85
CA SER C 71 -40.87 -0.04 -21.17
C SER C 71 -39.96 0.85 -22.01
N VAL C 72 -40.23 0.86 -23.31
CA VAL C 72 -39.54 1.78 -24.21
C VAL C 72 -39.86 3.22 -23.85
N GLU C 73 -41.05 3.46 -23.31
CA GLU C 73 -41.44 4.82 -22.92
C GLU C 73 -40.48 5.39 -21.87
N MET C 74 -40.00 4.55 -20.95
CA MET C 74 -39.05 5.03 -19.95
C MET C 74 -37.76 5.49 -20.60
N ILE C 75 -37.26 4.74 -21.59
CA ILE C 75 -36.05 5.15 -22.28
C ILE C 75 -36.29 6.46 -23.04
N VAL C 76 -37.44 6.57 -23.71
CA VAL C 76 -37.80 7.82 -24.36
C VAL C 76 -37.95 8.93 -23.33
N GLY C 77 -38.59 8.62 -22.21
CA GLY C 77 -38.81 9.63 -21.18
C GLY C 77 -37.51 10.22 -20.65
N ILE C 78 -36.56 9.35 -20.31
CA ILE C 78 -35.28 9.82 -19.75
C ILE C 78 -34.56 10.69 -20.77
N LEU C 79 -34.50 10.24 -22.03
CA LEU C 79 -33.80 11.01 -23.05
C LEU C 79 -34.47 12.36 -23.28
N GLY C 80 -35.80 12.39 -23.28
CA GLY C 80 -36.50 13.65 -23.49
C GLY C 80 -36.19 14.67 -22.40
N ILE C 81 -36.16 14.23 -21.14
CA ILE C 81 -35.87 15.13 -20.04
C ILE C 81 -34.48 15.72 -20.19
N LEU C 82 -33.49 14.88 -20.51
CA LEU C 82 -32.11 15.35 -20.63
C LEU C 82 -31.93 16.25 -21.85
N LYS C 83 -32.55 15.90 -22.97
CA LYS C 83 -32.46 16.74 -24.16
C LYS C 83 -33.08 18.11 -23.92
N ALA C 84 -34.22 18.15 -23.24
CA ALA C 84 -34.86 19.42 -22.92
C ALA C 84 -33.99 20.30 -22.04
N GLY C 85 -33.07 19.71 -21.27
CA GLY C 85 -32.16 20.46 -20.44
C GLY C 85 -32.23 20.16 -18.96
N GLY C 86 -33.15 19.30 -18.51
CA GLY C 86 -33.32 19.02 -17.11
C GLY C 86 -32.70 17.69 -16.68
N ALA C 87 -32.79 17.43 -15.38
CA ALA C 87 -32.38 16.18 -14.78
C ALA C 87 -33.60 15.43 -14.27
N PHE C 88 -33.50 14.10 -14.25
CA PHE C 88 -34.64 13.26 -13.92
C PHE C 88 -34.47 12.64 -12.54
N VAL C 89 -35.59 12.44 -11.86
CA VAL C 89 -35.62 11.76 -10.57
C VAL C 89 -36.41 10.46 -10.74
N PRO C 90 -35.74 9.31 -10.78
CA PRO C 90 -36.46 8.04 -10.96
C PRO C 90 -37.30 7.71 -9.74
N ILE C 91 -38.57 7.38 -9.99
CA ILE C 91 -39.50 7.01 -8.94
C ILE C 91 -40.09 5.66 -9.29
N ASP C 92 -39.98 4.70 -8.37
CA ASP C 92 -40.49 3.36 -8.61
C ASP C 92 -42.02 3.37 -8.57
N PRO C 93 -42.70 2.84 -9.59
CA PRO C 93 -44.17 2.77 -9.53
C PRO C 93 -44.70 1.91 -8.40
N GLU C 94 -43.88 1.03 -7.82
CA GLU C 94 -44.29 0.19 -6.71
C GLU C 94 -44.01 0.81 -5.34
N TYR C 95 -43.48 2.03 -5.30
CA TYR C 95 -43.10 2.63 -4.04
C TYR C 95 -44.32 3.17 -3.29
N PRO C 96 -44.28 3.20 -1.97
CA PRO C 96 -45.39 3.76 -1.19
C PRO C 96 -45.67 5.20 -1.59
N LYS C 97 -46.95 5.56 -1.67
CA LYS C 97 -47.32 6.87 -2.19
C LYS C 97 -46.96 8.00 -1.24
N GLU C 98 -46.62 7.70 0.03
CA GLU C 98 -45.99 8.69 0.88
C GLU C 98 -44.49 8.75 0.63
N ARG C 99 -43.86 7.62 0.30
CA ARG C 99 -42.45 7.63 -0.09
C ARG C 99 -42.25 8.41 -1.38
N ILE C 100 -43.24 8.40 -2.28
CA ILE C 100 -43.18 9.27 -3.45
C ILE C 100 -43.12 10.73 -3.01
N GLY C 101 -44.02 11.11 -2.10
CA GLY C 101 -44.10 12.50 -1.67
C GLY C 101 -42.76 13.08 -1.26
N TYR C 102 -41.91 12.27 -0.63
CA TYR C 102 -40.55 12.72 -0.32
C TYR C 102 -39.81 13.15 -1.58
N MET C 103 -39.86 12.33 -2.62
CA MET C 103 -39.10 12.56 -3.83
C MET C 103 -39.64 13.70 -4.68
N LEU C 104 -40.87 14.15 -4.44
CA LEU C 104 -41.38 15.33 -5.12
C LEU C 104 -40.80 16.63 -4.58
N ASP C 105 -39.77 16.54 -3.74
CA ASP C 105 -39.06 17.70 -3.24
C ASP C 105 -38.39 18.47 -4.37
N SER C 106 -38.84 19.69 -4.63
CA SER C 106 -38.20 20.63 -5.56
C SER C 106 -38.31 20.20 -7.02
N VAL C 107 -39.22 19.30 -7.35
CA VAL C 107 -39.39 18.84 -8.72
C VAL C 107 -40.33 19.80 -9.47
N ARG C 108 -39.99 20.10 -10.72
CA ARG C 108 -40.84 20.95 -11.53
C ARG C 108 -42.14 20.24 -11.90
N LEU C 109 -42.03 19.02 -12.45
CA LEU C 109 -43.21 18.27 -12.88
C LEU C 109 -42.85 16.79 -12.94
N VAL C 110 -43.87 15.96 -13.09
CA VAL C 110 -43.72 14.50 -13.12
C VAL C 110 -44.11 14.01 -14.50
N LEU C 111 -43.19 13.29 -15.14
CA LEU C 111 -43.47 12.55 -16.37
C LEU C 111 -43.80 11.11 -16.00
N THR C 112 -44.96 10.63 -16.44
CA THR C 112 -45.45 9.34 -15.98
C THR C 112 -46.26 8.70 -17.10
N GLN C 113 -46.89 7.56 -16.80
CA GLN C 113 -47.72 6.81 -17.72
C GLN C 113 -49.19 7.01 -17.38
N ARG C 114 -50.05 6.44 -18.21
CA ARG C 114 -51.50 6.62 -18.04
C ARG C 114 -51.98 6.03 -16.73
N HIS C 115 -51.65 4.76 -16.47
CA HIS C 115 -52.19 4.07 -15.31
C HIS C 115 -51.57 4.58 -14.01
N LEU C 116 -50.35 5.10 -14.06
CA LEU C 116 -49.72 5.65 -12.86
C LEU C 116 -50.16 7.08 -12.58
N LYS C 117 -50.56 7.81 -13.63
CA LYS C 117 -51.20 9.11 -13.43
C LYS C 117 -52.49 8.96 -12.61
N ASP C 118 -53.16 7.83 -12.73
CA ASP C 118 -54.40 7.56 -12.01
C ASP C 118 -54.18 7.01 -10.62
N LYS C 119 -53.13 6.19 -10.44
CA LYS C 119 -52.94 5.48 -9.17
C LYS C 119 -52.63 6.43 -8.03
N PHE C 120 -51.87 7.50 -8.29
CA PHE C 120 -51.30 8.30 -7.23
C PHE C 120 -51.89 9.69 -7.08
N ALA C 121 -52.43 10.28 -8.16
CA ALA C 121 -53.07 11.59 -8.12
C ALA C 121 -52.14 12.63 -7.48
N PHE C 122 -51.03 12.86 -8.17
CA PHE C 122 -49.89 13.61 -7.62
C PHE C 122 -50.25 14.99 -7.11
N THR C 123 -49.42 15.52 -6.20
CA THR C 123 -49.50 16.89 -5.74
C THR C 123 -48.64 17.83 -6.57
N LYS C 124 -48.33 17.46 -7.81
CA LYS C 124 -47.51 18.25 -8.71
C LYS C 124 -48.07 18.11 -10.12
N GLU C 125 -47.65 19.02 -11.01
CA GLU C 125 -48.09 18.96 -12.40
C GLU C 125 -47.61 17.68 -13.05
N THR C 126 -48.50 17.02 -13.78
CA THR C 126 -48.26 15.68 -14.30
C THR C 126 -48.41 15.67 -15.81
N ILE C 127 -47.43 15.09 -16.49
CA ILE C 127 -47.46 14.90 -17.93
C ILE C 127 -47.42 13.41 -18.21
N VAL C 128 -48.34 12.94 -19.04
CA VAL C 128 -48.39 11.54 -19.45
C VAL C 128 -47.61 11.38 -20.74
N ILE C 129 -46.82 10.31 -20.83
CA ILE C 129 -46.06 10.04 -22.04
C ILE C 129 -46.97 9.65 -23.20
N GLU C 130 -48.16 9.11 -22.91
CA GLU C 130 -49.12 8.73 -23.94
C GLU C 130 -49.95 9.91 -24.43
N ASP C 131 -49.71 11.11 -23.94
CA ASP C 131 -50.41 12.29 -24.41
C ASP C 131 -50.24 12.42 -25.93
N PRO C 132 -51.33 12.48 -26.70
CA PRO C 132 -51.17 12.59 -28.16
C PRO C 132 -50.55 13.90 -28.61
N SER C 133 -50.56 14.94 -27.78
CA SER C 133 -49.95 16.21 -28.16
C SER C 133 -48.46 16.08 -28.37
N ILE C 134 -47.80 15.17 -27.63
CA ILE C 134 -46.36 14.98 -27.77
C ILE C 134 -46.01 14.51 -29.18
N SER C 135 -46.79 13.57 -29.72
CA SER C 135 -46.50 13.00 -31.03
C SER C 135 -46.68 13.99 -32.17
N HIS C 136 -47.30 15.15 -31.90
CA HIS C 136 -47.45 16.18 -32.93
C HIS C 136 -46.23 17.09 -33.05
N GLU C 137 -45.32 17.05 -32.08
CA GLU C 137 -44.14 17.90 -32.13
C GLU C 137 -43.20 17.43 -33.23
N LEU C 138 -42.27 18.32 -33.61
CA LEU C 138 -41.29 17.98 -34.63
C LEU C 138 -40.39 16.85 -34.17
N THR C 139 -40.02 15.98 -35.11
CA THR C 139 -39.04 14.94 -34.87
C THR C 139 -37.62 15.39 -35.18
N GLU C 140 -37.44 16.67 -35.50
CA GLU C 140 -36.13 17.21 -35.82
C GLU C 140 -35.32 17.46 -34.55
N GLU C 141 -34.04 17.74 -34.75
CA GLU C 141 -33.14 17.99 -33.64
C GLU C 141 -33.45 19.33 -32.97
N ILE C 142 -32.88 19.52 -31.78
CA ILE C 142 -33.01 20.75 -31.03
C ILE C 142 -31.63 21.19 -30.57
N ASP C 143 -31.55 22.44 -30.11
CA ASP C 143 -30.31 22.95 -29.54
C ASP C 143 -30.21 22.48 -28.09
N TYR C 144 -29.06 21.92 -27.73
CA TYR C 144 -28.83 21.46 -26.37
C TYR C 144 -28.31 22.62 -25.52
N ILE C 145 -28.80 22.69 -24.28
CA ILE C 145 -28.55 23.83 -23.41
C ILE C 145 -27.72 23.47 -22.19
N ASN C 146 -27.24 22.24 -22.08
CA ASN C 146 -26.57 21.77 -20.87
C ASN C 146 -25.07 21.78 -21.04
N GLU C 147 -24.38 21.97 -19.91
CA GLU C 147 -22.93 21.82 -19.83
C GLU C 147 -22.57 20.48 -19.21
N SER C 148 -21.27 20.16 -19.25
CA SER C 148 -20.81 18.89 -18.71
C SER C 148 -21.10 18.76 -17.22
N GLU C 149 -21.03 19.86 -16.48
CA GLU C 149 -21.22 19.86 -15.04
C GLU C 149 -22.67 19.98 -14.62
N ASP C 150 -23.60 20.10 -15.57
CA ASP C 150 -25.01 20.17 -15.23
C ASP C 150 -25.49 18.85 -14.65
N LEU C 151 -26.54 18.94 -13.82
CA LEU C 151 -27.09 17.75 -13.18
C LEU C 151 -27.59 16.75 -14.21
N PHE C 152 -27.35 15.46 -13.93
CA PHE C 152 -27.82 14.36 -14.76
C PHE C 152 -29.07 13.71 -14.17
N TYR C 153 -29.00 13.29 -12.90
CA TYR C 153 -30.19 12.81 -12.22
C TYR C 153 -30.06 13.13 -10.73
N ILE C 154 -31.16 12.92 -10.01
CA ILE C 154 -31.16 12.89 -8.56
C ILE C 154 -31.77 11.56 -8.13
N ILE C 155 -30.99 10.73 -7.44
CA ILE C 155 -31.43 9.40 -7.04
C ILE C 155 -31.52 9.37 -5.52
N TYR C 156 -32.59 8.77 -5.01
CA TYR C 156 -32.90 8.78 -3.59
C TYR C 156 -32.50 7.45 -2.95
N THR C 157 -31.91 7.55 -1.77
CA THR C 157 -31.39 6.38 -1.07
C THR C 157 -32.11 6.16 0.25
N PRO C 164 -34.36 9.57 3.76
CA PRO C 164 -34.08 9.39 2.33
C PRO C 164 -33.45 10.64 1.70
N LYS C 165 -32.20 10.54 1.26
CA LYS C 165 -31.45 11.67 0.74
C LYS C 165 -31.40 11.61 -0.78
N GLY C 166 -31.64 12.76 -1.41
CA GLY C 166 -31.57 12.86 -2.85
C GLY C 166 -30.16 13.11 -3.34
N VAL C 167 -29.56 12.08 -3.93
CA VAL C 167 -28.16 12.15 -4.35
C VAL C 167 -28.08 12.80 -5.73
N MET C 168 -27.30 13.86 -5.85
CA MET C 168 -27.19 14.64 -7.07
C MET C 168 -25.93 14.24 -7.84
N LEU C 169 -26.10 13.88 -9.10
CA LEU C 169 -25.00 13.46 -9.97
C LEU C 169 -25.05 14.26 -11.25
N GLU C 170 -23.88 14.67 -11.73
CA GLU C 170 -23.75 15.50 -12.92
C GLU C 170 -23.44 14.65 -14.14
N HIS C 171 -23.68 15.24 -15.31
CA HIS C 171 -23.33 14.58 -16.58
C HIS C 171 -21.86 14.19 -16.60
N LYS C 172 -20.99 15.07 -16.11
CA LYS C 172 -19.56 14.81 -16.12
C LYS C 172 -19.21 13.52 -15.37
N ASN C 173 -19.87 13.29 -14.23
CA ASN C 173 -19.55 12.12 -13.41
C ASN C 173 -19.85 10.82 -14.16
N ILE C 174 -21.06 10.70 -14.71
CA ILE C 174 -21.44 9.46 -15.38
C ILE C 174 -20.70 9.30 -16.70
N VAL C 175 -20.43 10.41 -17.40
CA VAL C 175 -19.68 10.33 -18.66
C VAL C 175 -18.27 9.79 -18.41
N ASN C 176 -17.64 10.21 -17.31
CA ASN C 176 -16.30 9.73 -16.99
C ASN C 176 -16.30 8.22 -16.76
N LEU C 177 -17.29 7.71 -16.03
CA LEU C 177 -17.38 6.27 -15.80
C LEU C 177 -17.58 5.52 -17.11
N LEU C 178 -18.50 6.00 -17.95
CA LEU C 178 -18.78 5.35 -19.22
C LEU C 178 -17.56 5.40 -20.15
N HIS C 179 -16.88 6.55 -20.19
CA HIS C 179 -15.71 6.67 -21.05
C HIS C 179 -14.61 5.70 -20.65
N PHE C 180 -14.38 5.55 -19.35
CA PHE C 180 -13.44 4.53 -18.88
C PHE C 180 -13.90 3.14 -19.28
N THR C 181 -15.21 2.89 -19.21
CA THR C 181 -15.75 1.59 -19.59
C THR C 181 -15.47 1.28 -21.05
N PHE C 182 -15.62 2.28 -21.93
CA PHE C 182 -15.37 2.04 -23.35
C PHE C 182 -13.87 1.95 -23.64
N GLU C 183 -13.08 2.87 -23.08
CA GLU C 183 -11.68 2.99 -23.46
C GLU C 183 -10.82 1.88 -22.83
N LYS C 184 -11.03 1.59 -21.55
CA LYS C 184 -10.14 0.71 -20.80
C LYS C 184 -10.75 -0.65 -20.54
N THR C 185 -11.77 -1.04 -21.30
CA THR C 185 -12.44 -2.30 -21.09
C THR C 185 -13.02 -2.78 -22.42
N ASN C 186 -13.03 -4.09 -22.62
CA ASN C 186 -13.55 -4.70 -23.84
C ASN C 186 -14.86 -5.44 -23.59
N ILE C 187 -15.70 -4.90 -22.71
CA ILE C 187 -17.06 -5.41 -22.59
C ILE C 187 -17.85 -4.95 -23.80
N ASN C 188 -18.39 -5.91 -24.56
CA ASN C 188 -19.03 -5.61 -25.83
C ASN C 188 -20.42 -5.02 -25.59
N PHE C 189 -20.41 -3.74 -25.16
CA PHE C 189 -21.66 -3.02 -24.98
C PHE C 189 -22.31 -2.69 -26.31
N SER C 190 -21.58 -2.80 -27.43
CA SER C 190 -22.18 -2.66 -28.75
C SER C 190 -22.98 -3.89 -29.15
N ASP C 191 -22.87 -4.98 -28.40
CA ASP C 191 -23.69 -6.17 -28.61
C ASP C 191 -24.93 -6.08 -27.72
N LYS C 192 -25.66 -7.19 -27.61
CA LYS C 192 -26.90 -7.21 -26.84
C LYS C 192 -26.62 -7.21 -25.34
N VAL C 193 -27.30 -6.32 -24.63
CA VAL C 193 -27.10 -6.12 -23.20
C VAL C 193 -28.44 -6.19 -22.49
N LEU C 194 -28.48 -6.90 -21.37
CA LEU C 194 -29.71 -7.08 -20.60
C LEU C 194 -29.85 -5.98 -19.55
N GLN C 195 -30.97 -5.27 -19.57
CA GLN C 195 -31.26 -4.22 -18.59
C GLN C 195 -32.02 -4.85 -17.43
N TYR C 196 -31.28 -5.38 -16.46
CA TYR C 196 -31.85 -6.09 -15.33
C TYR C 196 -32.21 -5.17 -14.17
N THR C 197 -31.38 -4.17 -13.88
CA THR C 197 -31.49 -3.41 -12.65
C THR C 197 -32.75 -2.54 -12.64
N THR C 198 -33.43 -2.52 -11.49
CA THR C 198 -34.61 -1.68 -11.30
C THR C 198 -34.23 -0.21 -11.44
N CYS C 199 -35.17 0.58 -11.96
CA CYS C 199 -34.91 1.97 -12.33
C CYS C 199 -34.57 2.86 -11.14
N SER C 200 -34.80 2.42 -9.91
CA SER C 200 -34.49 3.23 -8.74
C SER C 200 -33.05 3.07 -8.26
N PHE C 201 -32.26 2.23 -8.90
CA PHE C 201 -30.85 2.05 -8.55
C PHE C 201 -29.97 2.68 -9.62
N ASP C 202 -28.80 3.16 -9.19
CA ASP C 202 -27.91 3.89 -10.08
C ASP C 202 -27.33 2.99 -11.18
N VAL C 203 -27.20 1.69 -10.90
CA VAL C 203 -26.63 0.77 -11.89
C VAL C 203 -27.53 0.66 -13.11
N CYS C 204 -28.85 0.85 -12.93
CA CYS C 204 -29.79 0.80 -14.04
C CYS C 204 -29.37 1.69 -15.19
N TYR C 205 -28.87 2.89 -14.88
CA TYR C 205 -28.46 3.84 -15.89
C TYR C 205 -27.02 3.63 -16.36
N GLN C 206 -26.23 2.88 -15.60
CA GLN C 206 -24.99 2.37 -16.14
C GLN C 206 -25.27 1.37 -17.26
N GLU C 207 -26.24 0.48 -17.05
CA GLU C 207 -26.62 -0.49 -18.09
C GLU C 207 -27.22 0.20 -19.30
N ILE C 208 -28.08 1.20 -19.08
CA ILE C 208 -28.82 1.82 -20.17
C ILE C 208 -27.87 2.61 -21.07
N PHE C 209 -27.01 3.43 -20.47
CA PHE C 209 -26.27 4.42 -21.25
C PHE C 209 -24.90 3.95 -21.72
N SER C 210 -24.34 2.89 -21.11
CA SER C 210 -23.16 2.28 -21.71
C SER C 210 -23.51 1.48 -22.95
N THR C 211 -24.75 0.96 -23.00
CA THR C 211 -25.23 0.29 -24.21
C THR C 211 -25.60 1.30 -25.29
N LEU C 212 -26.43 2.29 -24.94
CA LEU C 212 -26.94 3.22 -25.94
C LEU C 212 -25.83 4.08 -26.53
N LEU C 213 -24.79 4.38 -25.76
CA LEU C 213 -23.71 5.26 -26.22
C LEU C 213 -22.61 4.51 -26.94
N SER C 214 -22.75 3.19 -27.12
CA SER C 214 -21.80 2.40 -27.90
C SER C 214 -22.46 1.63 -29.02
N GLY C 215 -23.74 1.90 -29.31
CA GLY C 215 -24.42 1.29 -30.43
C GLY C 215 -25.01 -0.07 -30.17
N GLY C 216 -25.14 -0.50 -28.91
CA GLY C 216 -25.64 -1.81 -28.60
C GLY C 216 -27.15 -1.91 -28.59
N GLN C 217 -27.63 -3.12 -28.30
CA GLN C 217 -29.05 -3.40 -28.15
C GLN C 217 -29.38 -3.52 -26.66
N LEU C 218 -30.24 -2.63 -26.17
CA LEU C 218 -30.67 -2.67 -24.77
C LEU C 218 -31.93 -3.52 -24.65
N TYR C 219 -31.84 -4.62 -23.91
CA TYR C 219 -32.93 -5.55 -23.75
C TYR C 219 -33.66 -5.25 -22.44
N LEU C 220 -34.89 -4.74 -22.54
CA LEU C 220 -35.71 -4.47 -21.38
C LEU C 220 -36.63 -5.66 -21.10
N ILE C 221 -37.01 -5.82 -19.84
CA ILE C 221 -37.81 -6.94 -19.40
C ILE C 221 -38.96 -6.42 -18.54
N ARG C 222 -40.05 -7.19 -18.51
CA ARG C 222 -41.14 -6.89 -17.61
C ARG C 222 -40.74 -7.21 -16.17
N LYS C 223 -41.50 -6.67 -15.22
CA LYS C 223 -41.21 -6.91 -13.81
C LYS C 223 -41.31 -8.40 -13.48
N GLU C 224 -42.31 -9.08 -14.03
CA GLU C 224 -42.50 -10.50 -13.75
C GLU C 224 -41.39 -11.33 -14.35
N THR C 225 -40.90 -10.97 -15.55
CA THR C 225 -39.77 -11.67 -16.14
C THR C 225 -38.52 -11.49 -15.30
N GLN C 226 -38.28 -10.28 -14.80
CA GLN C 226 -37.11 -10.01 -13.97
C GLN C 226 -37.12 -10.82 -12.68
N ARG C 227 -38.32 -11.11 -12.16
CA ARG C 227 -38.44 -11.89 -10.93
C ARG C 227 -38.56 -13.39 -11.17
N ASP C 228 -38.66 -13.82 -12.42
CA ASP C 228 -38.71 -15.24 -12.76
C ASP C 228 -37.34 -15.62 -13.32
N VAL C 229 -36.58 -16.38 -12.52
CA VAL C 229 -35.23 -16.77 -12.93
C VAL C 229 -35.26 -17.63 -14.19
N GLU C 230 -36.20 -18.58 -14.25
CA GLU C 230 -36.29 -19.45 -15.41
C GLU C 230 -36.59 -18.65 -16.67
N GLN C 231 -37.57 -17.75 -16.60
CA GLN C 231 -37.91 -16.93 -17.77
C GLN C 231 -36.76 -16.00 -18.15
N LEU C 232 -36.04 -15.49 -17.16
CA LEU C 232 -34.93 -14.57 -17.42
C LEU C 232 -33.81 -15.27 -18.19
N PHE C 233 -33.39 -16.45 -17.71
CA PHE C 233 -32.31 -17.17 -18.36
C PHE C 233 -32.71 -17.63 -19.76
N ASP C 234 -33.97 -18.03 -19.93
CA ASP C 234 -34.45 -18.45 -21.24
C ASP C 234 -34.33 -17.31 -22.26
N LEU C 235 -34.71 -16.09 -21.85
CA LEU C 235 -34.60 -14.95 -22.74
C LEU C 235 -33.16 -14.67 -23.14
N VAL C 236 -32.24 -14.78 -22.17
CA VAL C 236 -30.83 -14.51 -22.46
C VAL C 236 -30.29 -15.51 -23.47
N LYS C 237 -30.68 -16.78 -23.33
CA LYS C 237 -30.24 -17.79 -24.30
C LYS C 237 -30.97 -17.64 -25.62
N ARG C 238 -32.28 -17.33 -25.57
CA ARG C 238 -33.05 -17.06 -26.78
C ARG C 238 -32.34 -16.07 -27.68
N GLU C 239 -32.02 -14.90 -27.13
CA GLU C 239 -31.47 -13.79 -27.90
C GLU C 239 -29.95 -13.77 -27.93
N ASN C 240 -29.29 -14.66 -27.18
CA ASN C 240 -27.83 -14.65 -27.06
C ASN C 240 -27.34 -13.30 -26.51
N ILE C 241 -27.94 -12.87 -25.41
CA ILE C 241 -27.48 -11.67 -24.71
C ILE C 241 -26.15 -11.98 -24.06
N GLU C 242 -25.12 -11.19 -24.38
CA GLU C 242 -23.75 -11.50 -24.00
C GLU C 242 -23.21 -10.64 -22.88
N VAL C 243 -23.89 -9.57 -22.50
CA VAL C 243 -23.48 -8.72 -21.38
C VAL C 243 -24.59 -8.74 -20.34
N LEU C 244 -24.27 -9.24 -19.15
CA LEU C 244 -25.22 -9.37 -18.06
C LEU C 244 -24.77 -8.50 -16.89
N SER C 245 -25.74 -7.89 -16.20
CA SER C 245 -25.47 -7.06 -15.03
C SER C 245 -26.42 -7.52 -13.92
N PHE C 246 -25.86 -8.11 -12.87
CA PHE C 246 -26.62 -8.62 -11.75
C PHE C 246 -26.03 -8.11 -10.44
N PRO C 247 -26.86 -7.89 -9.42
CA PRO C 247 -26.31 -7.59 -8.10
C PRO C 247 -25.56 -8.78 -7.54
N VAL C 248 -24.68 -8.49 -6.58
CA VAL C 248 -23.84 -9.54 -6.00
C VAL C 248 -24.71 -10.62 -5.35
N ALA C 249 -25.78 -10.22 -4.67
CA ALA C 249 -26.65 -11.18 -4.00
C ALA C 249 -27.34 -12.11 -4.99
N PHE C 250 -27.63 -11.62 -6.20
CA PHE C 250 -28.24 -12.47 -7.21
C PHE C 250 -27.32 -13.62 -7.61
N LEU C 251 -26.05 -13.31 -7.87
CA LEU C 251 -25.09 -14.34 -8.25
C LEU C 251 -24.85 -15.33 -7.12
N LYS C 252 -24.81 -14.84 -5.88
CA LYS C 252 -24.71 -15.74 -4.74
C LYS C 252 -25.88 -16.70 -4.69
N PHE C 253 -27.09 -16.19 -4.94
CA PHE C 253 -28.28 -17.03 -4.91
C PHE C 253 -28.25 -18.08 -6.02
N ILE C 254 -27.80 -17.69 -7.22
CA ILE C 254 -27.81 -18.60 -8.36
C ILE C 254 -26.89 -19.78 -8.10
N PHE C 255 -25.68 -19.51 -7.61
CA PHE C 255 -24.66 -20.54 -7.49
C PHE C 255 -24.69 -21.26 -6.15
N ASN C 256 -25.73 -21.05 -5.35
CA ASN C 256 -26.03 -21.92 -4.23
C ASN C 256 -27.00 -23.04 -4.59
N GLU C 257 -27.66 -22.94 -5.74
CA GLU C 257 -28.70 -23.87 -6.16
C GLU C 257 -28.23 -24.66 -7.36
N ARG C 258 -28.30 -25.99 -7.27
CA ARG C 258 -27.96 -26.84 -8.40
C ARG C 258 -28.89 -26.57 -9.59
N GLU C 259 -30.18 -26.37 -9.32
CA GLU C 259 -31.14 -26.13 -10.40
C GLU C 259 -30.80 -24.87 -11.18
N PHE C 260 -30.34 -23.82 -10.49
CA PHE C 260 -30.04 -22.57 -11.17
C PHE C 260 -28.67 -22.57 -11.81
N ILE C 261 -27.70 -23.28 -11.23
CA ILE C 261 -26.42 -23.46 -11.89
C ILE C 261 -26.60 -24.16 -13.23
N ASN C 262 -27.50 -25.15 -13.27
CA ASN C 262 -27.75 -25.90 -14.50
C ASN C 262 -28.33 -25.01 -15.60
N ARG C 263 -29.21 -24.08 -15.22
CA ARG C 263 -29.91 -23.24 -16.18
C ARG C 263 -29.22 -21.91 -16.45
N PHE C 264 -28.06 -21.65 -15.82
CA PHE C 264 -27.42 -20.36 -16.01
C PHE C 264 -26.85 -20.25 -17.43
N PRO C 265 -27.02 -19.11 -18.10
CA PRO C 265 -26.53 -18.98 -19.46
C PRO C 265 -25.02 -19.16 -19.55
N THR C 266 -24.59 -19.93 -20.55
CA THR C 266 -23.18 -20.26 -20.75
C THR C 266 -22.56 -19.53 -21.92
N CYS C 267 -23.35 -18.90 -22.79
CA CYS C 267 -22.84 -18.12 -23.92
C CYS C 267 -22.71 -16.65 -23.60
N VAL C 268 -22.52 -16.30 -22.33
CA VAL C 268 -22.36 -14.92 -21.91
C VAL C 268 -20.88 -14.56 -21.99
N LYS C 269 -20.60 -13.35 -22.47
CA LYS C 269 -19.22 -12.89 -22.58
C LYS C 269 -18.76 -12.12 -21.35
N HIS C 270 -19.62 -11.29 -20.77
CA HIS C 270 -19.26 -10.49 -19.61
C HIS C 270 -20.41 -10.44 -18.62
N ILE C 271 -20.09 -10.62 -17.34
CA ILE C 271 -21.03 -10.44 -16.24
C ILE C 271 -20.49 -9.31 -15.36
N ILE C 272 -21.34 -8.32 -15.10
CA ILE C 272 -20.99 -7.17 -14.27
C ILE C 272 -21.78 -7.26 -12.98
N THR C 273 -21.10 -7.08 -11.85
CA THR C 273 -21.75 -7.19 -10.55
C THR C 273 -21.28 -6.09 -9.62
N ALA C 274 -22.13 -5.80 -8.63
CA ALA C 274 -21.83 -4.80 -7.61
C ALA C 274 -22.75 -5.06 -6.43
N GLY C 275 -22.41 -4.45 -5.28
CA GLY C 275 -23.19 -4.64 -4.08
C GLY C 275 -22.31 -4.95 -2.88
N GLU C 276 -22.72 -5.92 -2.06
CA GLU C 276 -21.88 -6.37 -0.97
C GLU C 276 -20.70 -7.17 -1.52
N GLN C 277 -19.86 -7.67 -0.62
CA GLN C 277 -18.65 -8.37 -1.04
C GLN C 277 -18.99 -9.59 -1.87
N LEU C 278 -18.43 -9.66 -3.07
CA LEU C 278 -18.67 -10.78 -3.97
C LEU C 278 -17.98 -12.04 -3.46
N VAL C 279 -18.73 -13.14 -3.42
CA VAL C 279 -18.20 -14.44 -2.99
C VAL C 279 -18.37 -15.41 -4.15
N VAL C 280 -17.27 -16.01 -4.58
CA VAL C 280 -17.24 -16.89 -5.76
C VAL C 280 -16.88 -18.28 -5.26
N ASN C 281 -17.87 -19.15 -5.10
CA ASN C 281 -17.59 -20.51 -4.67
C ASN C 281 -17.02 -21.33 -5.81
N ASN C 282 -16.74 -22.61 -5.55
CA ASN C 282 -16.03 -23.43 -6.51
C ASN C 282 -16.86 -23.67 -7.77
N GLU C 283 -18.17 -23.84 -7.63
CA GLU C 283 -19.03 -23.98 -8.80
C GLU C 283 -19.01 -22.73 -9.65
N PHE C 284 -19.04 -21.55 -9.00
CA PHE C 284 -18.91 -20.30 -9.74
C PHE C 284 -17.53 -20.19 -10.39
N LYS C 285 -16.48 -20.57 -9.66
CA LYS C 285 -15.14 -20.61 -10.25
C LYS C 285 -15.10 -21.56 -11.44
N ARG C 286 -15.70 -22.73 -11.31
CA ARG C 286 -15.78 -23.68 -12.41
C ARG C 286 -16.50 -23.08 -13.60
N TYR C 287 -17.62 -22.39 -13.35
CA TYR C 287 -18.41 -21.82 -14.43
C TYR C 287 -17.60 -20.81 -15.24
N LEU C 288 -16.93 -19.88 -14.55
CA LEU C 288 -16.17 -18.85 -15.24
C LEU C 288 -15.05 -19.46 -16.09
N HIS C 289 -14.31 -20.42 -15.52
CA HIS C 289 -13.25 -21.08 -16.27
C HIS C 289 -13.81 -21.92 -17.42
N GLU C 290 -14.90 -22.65 -17.17
CA GLU C 290 -15.44 -23.56 -18.18
C GLU C 290 -15.87 -22.83 -19.44
N HIS C 291 -16.53 -21.68 -19.28
CA HIS C 291 -17.14 -20.98 -20.41
C HIS C 291 -16.46 -19.66 -20.73
N ASN C 292 -15.28 -19.40 -20.14
CA ASN C 292 -14.48 -18.22 -20.47
C ASN C 292 -15.29 -16.93 -20.29
N VAL C 293 -16.00 -16.84 -19.17
CA VAL C 293 -16.83 -15.67 -18.86
C VAL C 293 -16.01 -14.74 -17.97
N HIS C 294 -15.99 -13.45 -18.34
CA HIS C 294 -15.30 -12.44 -17.57
C HIS C 294 -16.25 -11.82 -16.56
N LEU C 295 -15.96 -12.02 -15.27
CA LEU C 295 -16.76 -11.45 -14.19
C LEU C 295 -16.08 -10.17 -13.71
N HIS C 296 -16.83 -9.06 -13.73
CA HIS C 296 -16.30 -7.75 -13.37
C HIS C 296 -16.94 -7.31 -12.05
N ASN C 297 -16.10 -7.08 -11.04
CA ASN C 297 -16.55 -6.63 -9.73
C ASN C 297 -16.43 -5.12 -9.67
N HIS C 298 -17.56 -4.44 -9.46
CA HIS C 298 -17.62 -3.00 -9.44
C HIS C 298 -17.98 -2.50 -8.05
N TYR C 299 -17.42 -1.36 -7.68
CA TYR C 299 -17.71 -0.71 -6.40
C TYR C 299 -17.95 0.77 -6.60
N GLY C 300 -18.95 1.30 -5.90
CA GLY C 300 -19.15 2.72 -5.81
C GLY C 300 -20.45 3.09 -5.13
N PRO C 301 -20.41 4.09 -4.25
CA PRO C 301 -21.65 4.61 -3.68
C PRO C 301 -22.44 5.40 -4.71
N SER C 302 -23.72 5.60 -4.40
CA SER C 302 -24.57 6.37 -5.30
C SER C 302 -24.08 7.80 -5.45
N GLU C 303 -23.38 8.32 -4.43
CA GLU C 303 -22.84 9.67 -4.49
C GLU C 303 -21.76 9.82 -5.55
N THR C 304 -21.12 8.73 -5.96
CA THR C 304 -20.04 8.80 -6.93
C THR C 304 -20.12 7.75 -8.03
N HIS C 305 -21.10 6.83 -7.98
CA HIS C 305 -21.21 5.70 -8.91
C HIS C 305 -19.95 4.83 -8.88
N VAL C 306 -19.82 3.93 -9.85
CA VAL C 306 -18.70 3.00 -9.85
C VAL C 306 -17.39 3.77 -10.04
N VAL C 307 -16.45 3.58 -9.12
CA VAL C 307 -15.15 4.23 -9.19
C VAL C 307 -14.00 3.25 -9.16
N THR C 308 -14.20 2.01 -8.74
CA THR C 308 -13.19 0.97 -8.78
C THR C 308 -13.77 -0.25 -9.47
N THR C 309 -12.95 -0.92 -10.29
CA THR C 309 -13.35 -2.12 -11.00
C THR C 309 -12.26 -3.17 -10.88
N TYR C 310 -12.68 -4.43 -10.96
CA TYR C 310 -11.75 -5.56 -10.93
C TYR C 310 -12.29 -6.64 -11.85
N THR C 311 -11.53 -6.98 -12.88
CA THR C 311 -11.94 -7.98 -13.86
C THR C 311 -11.27 -9.31 -13.52
N ILE C 312 -12.08 -10.33 -13.27
CA ILE C 312 -11.57 -11.66 -13.01
C ILE C 312 -11.14 -12.30 -14.32
N ASN C 313 -9.90 -12.77 -14.37
CA ASN C 313 -9.42 -13.48 -15.55
C ASN C 313 -9.81 -14.94 -15.45
N PRO C 314 -10.67 -15.45 -16.33
CA PRO C 314 -11.13 -16.84 -16.19
C PRO C 314 -10.04 -17.88 -16.42
N GLU C 315 -8.92 -17.50 -17.02
CA GLU C 315 -7.82 -18.44 -17.24
C GLU C 315 -6.80 -18.44 -16.11
N ALA C 316 -6.87 -17.48 -15.20
CA ALA C 316 -6.04 -17.47 -14.00
C ALA C 316 -6.82 -18.04 -12.82
N GLU C 317 -6.12 -18.19 -11.70
CA GLU C 317 -6.79 -18.59 -10.47
C GLU C 317 -7.77 -17.51 -10.04
N ILE C 318 -8.97 -17.93 -9.64
CA ILE C 318 -10.06 -17.02 -9.34
C ILE C 318 -10.18 -16.90 -7.83
N PRO C 319 -10.01 -15.71 -7.25
CA PRO C 319 -10.21 -15.56 -5.81
C PRO C 319 -11.66 -15.76 -5.43
N GLU C 320 -11.88 -16.49 -4.33
CA GLU C 320 -13.25 -16.69 -3.84
C GLU C 320 -13.86 -15.38 -3.36
N LEU C 321 -13.02 -14.44 -2.91
CA LEU C 321 -13.44 -13.11 -2.47
C LEU C 321 -12.63 -12.10 -3.28
N PRO C 322 -13.01 -11.85 -4.52
CA PRO C 322 -12.22 -10.96 -5.36
C PRO C 322 -12.25 -9.54 -4.81
N PRO C 323 -11.14 -8.82 -4.95
CA PRO C 323 -11.13 -7.41 -4.53
C PRO C 323 -12.02 -6.56 -5.42
N ILE C 324 -12.27 -5.32 -4.98
CA ILE C 324 -13.03 -4.39 -5.79
C ILE C 324 -12.15 -3.62 -6.77
N GLY C 325 -10.85 -3.89 -6.79
CA GLY C 325 -9.99 -3.41 -7.85
C GLY C 325 -9.25 -2.12 -7.61
N LYS C 326 -9.11 -1.33 -8.67
CA LYS C 326 -8.31 -0.12 -8.70
C LYS C 326 -9.14 1.03 -9.23
N PRO C 327 -8.78 2.27 -8.91
CA PRO C 327 -9.58 3.42 -9.36
C PRO C 327 -9.66 3.51 -10.87
N ILE C 328 -10.83 3.92 -11.36
CA ILE C 328 -11.05 4.19 -12.77
C ILE C 328 -10.39 5.53 -13.12
N SER C 329 -10.33 5.83 -14.42
CA SER C 329 -9.67 7.05 -14.90
C SER C 329 -10.17 8.28 -14.16
N ASN C 330 -9.26 9.23 -13.94
CA ASN C 330 -9.55 10.51 -13.31
C ASN C 330 -10.17 10.34 -11.92
N THR C 331 -9.80 9.27 -11.22
CA THR C 331 -10.33 8.98 -9.90
C THR C 331 -9.19 8.54 -9.00
N TRP C 332 -9.22 9.02 -7.76
CA TRP C 332 -8.24 8.64 -6.74
C TRP C 332 -8.96 8.16 -5.50
N ILE C 333 -8.47 7.07 -4.93
CA ILE C 333 -9.07 6.44 -3.75
C ILE C 333 -8.08 6.52 -2.61
N TYR C 334 -8.53 7.02 -1.46
CA TYR C 334 -7.72 7.10 -0.25
C TYR C 334 -8.35 6.25 0.84
N ILE C 335 -7.52 5.54 1.58
CA ILE C 335 -7.94 4.75 2.72
C ILE C 335 -7.38 5.44 3.95
N LEU C 336 -8.23 6.15 4.69
CA LEU C 336 -7.80 7.05 5.75
C LEU C 336 -8.20 6.53 7.12
N ASP C 337 -7.51 7.03 8.14
CA ASP C 337 -7.88 6.79 9.52
C ASP C 337 -8.82 7.89 9.98
N GLN C 338 -9.11 7.94 11.28
CA GLN C 338 -10.04 8.92 11.82
C GLN C 338 -9.50 10.35 11.75
N GLU C 339 -8.21 10.52 11.48
CA GLU C 339 -7.60 11.83 11.31
C GLU C 339 -7.32 12.15 9.85
N GLN C 340 -7.95 11.41 8.93
CA GLN C 340 -7.78 11.61 7.49
C GLN C 340 -6.32 11.45 7.06
N GLN C 341 -5.60 10.56 7.74
CA GLN C 341 -4.22 10.24 7.42
C GLN C 341 -4.16 8.94 6.61
N LEU C 342 -3.26 8.92 5.62
CA LEU C 342 -3.18 7.78 4.70
C LEU C 342 -2.78 6.51 5.43
N GLN C 343 -3.49 5.42 5.15
CA GLN C 343 -3.22 4.14 5.80
C GLN C 343 -2.36 3.25 4.93
N PRO C 344 -1.40 2.54 5.54
CA PRO C 344 -0.55 1.62 4.76
C PRO C 344 -1.33 0.44 4.24
N GLN C 345 -0.72 -0.22 3.26
CA GLN C 345 -1.29 -1.45 2.71
C GLN C 345 -1.47 -2.49 3.81
N GLY C 346 -2.66 -3.07 3.87
CA GLY C 346 -2.99 -4.07 4.87
C GLY C 346 -3.65 -3.55 6.12
N ILE C 347 -3.82 -2.24 6.28
CA ILE C 347 -4.40 -1.64 7.48
C ILE C 347 -5.81 -1.18 7.17
N VAL C 348 -6.76 -1.56 8.04
CA VAL C 348 -8.16 -1.20 7.84
C VAL C 348 -8.32 0.30 7.95
N GLY C 349 -9.05 0.88 7.00
CA GLY C 349 -9.37 2.30 7.03
C GLY C 349 -10.66 2.62 6.31
N GLU C 350 -10.99 3.90 6.19
CA GLU C 350 -12.25 4.33 5.59
C GLU C 350 -12.00 4.84 4.17
N LEU C 351 -12.83 4.40 3.23
CA LEU C 351 -12.65 4.76 1.84
C LEU C 351 -13.04 6.20 1.58
N TYR C 352 -12.15 6.94 0.94
CA TYR C 352 -12.43 8.29 0.43
C TYR C 352 -12.25 8.28 -1.08
N ILE C 353 -13.19 8.89 -1.80
CA ILE C 353 -13.20 8.89 -3.25
C ILE C 353 -13.07 10.33 -3.74
N SER C 354 -12.18 10.53 -4.70
CA SER C 354 -11.95 11.85 -5.28
C SER C 354 -11.81 11.73 -6.79
N GLY C 355 -12.15 12.81 -7.51
CA GLY C 355 -11.92 12.87 -8.93
C GLY C 355 -13.18 13.24 -9.68
N ALA C 356 -13.19 12.88 -10.97
CA ALA C 356 -14.23 13.31 -11.90
C ALA C 356 -15.59 12.70 -11.59
N ASN C 357 -15.66 11.65 -10.78
CA ASN C 357 -16.92 10.96 -10.54
C ASN C 357 -17.70 11.55 -9.37
N VAL C 358 -17.08 12.35 -8.53
CA VAL C 358 -17.75 12.84 -7.32
C VAL C 358 -18.88 13.78 -7.70
N GLY C 359 -20.07 13.52 -7.18
CA GLY C 359 -21.25 14.28 -7.52
C GLY C 359 -21.35 15.58 -6.76
N ARG C 360 -22.50 16.23 -6.90
CA ARG C 360 -22.73 17.55 -6.34
C ARG C 360 -23.22 17.54 -4.90
N GLY C 361 -23.58 16.38 -4.37
CA GLY C 361 -24.06 16.32 -2.99
C GLY C 361 -25.51 15.92 -2.85
N TYR C 362 -26.15 16.37 -1.79
CA TYR C 362 -27.52 15.99 -1.47
C TYR C 362 -28.46 17.16 -1.73
N LEU C 363 -29.58 16.87 -2.40
CA LEU C 363 -30.54 17.90 -2.78
C LEU C 363 -31.12 18.58 -1.55
N ASN C 364 -30.99 19.91 -1.49
CA ASN C 364 -31.61 20.76 -0.47
C ASN C 364 -31.15 20.40 0.94
N ASN C 365 -29.97 19.80 1.08
CA ASN C 365 -29.41 19.49 2.38
C ASN C 365 -27.89 19.47 2.21
N GLN C 366 -27.24 20.57 2.58
CA GLN C 366 -25.79 20.65 2.46
C GLN C 366 -25.07 20.75 3.80
N GLU C 367 -25.80 20.66 4.92
CA GLU C 367 -25.13 20.26 6.16
C GLU C 367 -24.66 18.82 6.08
N LEU C 368 -25.51 17.94 5.56
CA LEU C 368 -25.09 16.57 5.28
C LEU C 368 -24.01 16.54 4.20
N THR C 369 -24.16 17.37 3.16
CA THR C 369 -23.14 17.44 2.11
C THR C 369 -21.82 17.97 2.67
N ALA C 370 -21.89 18.92 3.60
CA ALA C 370 -20.66 19.41 4.23
C ALA C 370 -20.00 18.33 5.08
N GLU C 371 -20.79 17.43 5.66
CA GLU C 371 -20.22 16.34 6.44
C GLU C 371 -19.59 15.27 5.56
N LYS C 372 -20.09 15.11 4.33
CA LYS C 372 -19.68 14.00 3.48
C LYS C 372 -18.81 14.41 2.29
N PHE C 373 -18.85 15.67 1.87
CA PHE C 373 -18.10 16.12 0.70
C PHE C 373 -17.05 17.12 1.14
N PHE C 374 -15.79 16.80 0.88
CA PHE C 374 -14.63 17.59 1.27
C PHE C 374 -13.88 18.05 0.04
N ALA C 375 -12.86 18.87 0.26
CA ALA C 375 -11.88 19.17 -0.78
C ALA C 375 -10.71 18.22 -0.62
N ASP C 376 -10.21 17.73 -1.75
CA ASP C 376 -9.13 16.74 -1.72
C ASP C 376 -7.85 17.38 -1.21
N PRO C 377 -7.34 16.99 -0.03
CA PRO C 377 -6.10 17.59 0.46
C PRO C 377 -4.90 17.31 -0.43
N PHE C 378 -4.84 16.12 -1.06
CA PHE C 378 -3.70 15.78 -1.89
C PHE C 378 -3.82 16.37 -3.30
N ARG C 379 -5.04 16.62 -3.77
CA ARG C 379 -5.29 17.23 -5.06
C ARG C 379 -6.28 18.37 -4.85
N PRO C 380 -5.78 19.60 -4.65
CA PRO C 380 -6.67 20.67 -4.17
C PRO C 380 -7.82 21.01 -5.10
N ASN C 381 -7.70 20.70 -6.40
CA ASN C 381 -8.76 21.00 -7.35
C ASN C 381 -9.92 20.02 -7.30
N GLU C 382 -9.76 18.88 -6.64
CA GLU C 382 -10.71 17.78 -6.74
C GLU C 382 -11.67 17.75 -5.56
N ARG C 383 -12.88 17.26 -5.83
CA ARG C 383 -13.88 17.02 -4.79
C ARG C 383 -13.70 15.63 -4.21
N MET C 384 -13.83 15.53 -2.89
CA MET C 384 -13.65 14.28 -2.17
C MET C 384 -14.93 13.90 -1.44
N TYR C 385 -15.30 12.62 -1.51
CA TYR C 385 -16.48 12.11 -0.83
C TYR C 385 -16.07 11.03 0.17
N ARG C 386 -16.66 11.07 1.35
CA ARG C 386 -16.37 10.12 2.42
C ARG C 386 -17.49 9.09 2.49
N THR C 387 -17.15 7.83 2.24
CA THR C 387 -18.15 6.78 2.02
C THR C 387 -18.65 6.12 3.30
N GLY C 388 -17.80 6.03 4.32
CA GLY C 388 -18.13 5.22 5.48
C GLY C 388 -17.85 3.74 5.32
N ASP C 389 -17.32 3.32 4.18
CA ASP C 389 -16.99 1.93 3.94
C ASP C 389 -15.56 1.66 4.40
N LEU C 390 -15.31 0.42 4.82
CA LEU C 390 -14.01 0.00 5.34
C LEU C 390 -13.31 -0.88 4.31
N ALA C 391 -12.01 -0.66 4.14
CA ALA C 391 -11.26 -1.36 3.10
C ALA C 391 -9.79 -1.42 3.49
N ARG C 392 -9.03 -2.16 2.68
CA ARG C 392 -7.59 -2.32 2.86
C ARG C 392 -6.91 -2.31 1.50
N TRP C 393 -5.75 -1.67 1.43
CA TRP C 393 -4.90 -1.78 0.24
C TRP C 393 -4.22 -3.14 0.24
N LEU C 394 -4.25 -3.82 -0.90
CA LEU C 394 -3.54 -5.07 -1.07
C LEU C 394 -2.15 -4.82 -1.65
N PRO C 395 -1.21 -5.74 -1.44
CA PRO C 395 0.15 -5.52 -1.95
C PRO C 395 0.26 -5.42 -3.46
N ASP C 396 -0.78 -5.80 -4.21
CA ASP C 396 -0.78 -5.70 -5.66
C ASP C 396 -1.47 -4.43 -6.16
N GLY C 397 -1.86 -3.53 -5.26
CA GLY C 397 -2.51 -2.29 -5.62
C GLY C 397 -4.02 -2.36 -5.67
N ASN C 398 -4.62 -3.54 -5.52
CA ASN C 398 -6.06 -3.67 -5.51
C ASN C 398 -6.62 -3.34 -4.13
N ILE C 399 -7.85 -2.85 -4.11
CA ILE C 399 -8.53 -2.51 -2.86
C ILE C 399 -9.36 -3.71 -2.42
N GLU C 400 -9.21 -4.10 -1.16
CA GLU C 400 -10.02 -5.16 -0.56
C GLU C 400 -11.16 -4.51 0.22
N PHE C 401 -12.39 -4.72 -0.26
CA PHE C 401 -13.56 -4.13 0.38
C PHE C 401 -14.00 -4.98 1.57
N LEU C 402 -14.26 -4.34 2.70
CA LEU C 402 -14.64 -5.05 3.91
C LEU C 402 -16.03 -4.66 4.42
N GLY C 403 -16.38 -3.38 4.40
CA GLY C 403 -17.67 -2.94 4.90
C GLY C 403 -17.90 -1.45 4.72
N TYR D 8 38.38 28.68 -26.17
CA TYR D 8 38.84 28.75 -24.80
C TYR D 8 40.34 29.06 -24.74
N PRO D 9 40.76 29.80 -23.72
CA PRO D 9 42.17 30.21 -23.63
C PRO D 9 43.08 29.01 -23.49
N ASP D 10 44.13 28.99 -24.32
CA ASP D 10 45.13 27.92 -24.30
C ASP D 10 46.16 28.18 -23.19
N LYS D 11 45.66 28.28 -21.97
CA LYS D 11 46.46 28.70 -20.84
C LYS D 11 46.34 27.69 -19.70
N THR D 12 47.33 27.72 -18.81
CA THR D 12 47.33 26.86 -17.64
C THR D 12 46.49 27.48 -16.53
N ILE D 13 46.19 26.67 -15.51
CA ILE D 13 45.36 27.13 -14.41
C ILE D 13 46.06 28.24 -13.63
N HIS D 14 47.34 28.04 -13.30
CA HIS D 14 48.07 29.06 -12.56
C HIS D 14 48.35 30.29 -13.40
N GLN D 15 48.39 30.16 -14.74
CA GLN D 15 48.49 31.33 -15.59
C GLN D 15 47.21 32.15 -15.52
N LEU D 16 46.05 31.48 -15.62
CA LEU D 16 44.77 32.19 -15.52
C LEU D 16 44.57 32.77 -14.13
N PHE D 17 45.07 32.11 -13.09
CA PHE D 17 44.99 32.67 -11.75
C PHE D 17 45.80 33.95 -11.64
N THR D 18 47.01 33.96 -12.21
CA THR D 18 47.85 35.15 -12.16
C THR D 18 47.16 36.35 -12.78
N GLU D 19 46.47 36.14 -13.90
CA GLU D 19 45.74 37.24 -14.54
C GLU D 19 44.58 37.72 -13.70
N GLN D 20 43.99 36.83 -12.88
CA GLN D 20 42.95 37.28 -11.97
C GLN D 20 43.52 38.10 -10.82
N VAL D 21 44.73 37.76 -10.36
CA VAL D 21 45.40 38.59 -9.36
C VAL D 21 45.64 39.99 -9.88
N GLU D 22 45.92 40.11 -11.18
CA GLU D 22 46.05 41.44 -11.78
C GLU D 22 44.76 42.23 -11.67
N LYS D 23 43.63 41.59 -11.95
CA LYS D 23 42.36 42.31 -12.01
C LYS D 23 41.90 42.75 -10.62
N THR D 24 41.94 41.84 -9.64
CA THR D 24 41.45 42.11 -8.29
C THR D 24 42.49 41.69 -7.26
N PRO D 25 43.63 42.40 -7.19
CA PRO D 25 44.65 42.02 -6.19
C PRO D 25 44.19 42.21 -4.75
N GLU D 26 43.36 43.21 -4.48
CA GLU D 26 42.95 43.53 -3.11
C GLU D 26 41.67 42.84 -2.69
N HIS D 27 41.01 42.11 -3.58
CA HIS D 27 39.81 41.37 -3.22
C HIS D 27 40.18 40.12 -2.43
N VAL D 28 39.30 39.74 -1.49
CA VAL D 28 39.54 38.55 -0.69
C VAL D 28 39.37 37.32 -1.58
N ALA D 29 40.38 36.45 -1.57
CA ALA D 29 40.35 35.22 -2.34
C ALA D 29 39.93 34.02 -1.52
N VAL D 30 40.39 33.93 -0.27
CA VAL D 30 40.16 32.78 0.58
C VAL D 30 39.75 33.28 1.96
N VAL D 31 38.66 32.72 2.50
CA VAL D 31 38.21 33.01 3.85
C VAL D 31 38.19 31.70 4.63
N PHE D 32 38.89 31.67 5.77
CA PHE D 32 38.95 30.49 6.62
C PHE D 32 38.79 30.98 8.07
N GLU D 33 37.55 30.97 8.56
CA GLU D 33 37.22 31.42 9.89
C GLU D 33 37.68 32.86 10.12
N ASP D 34 38.70 33.05 10.95
CA ASP D 34 39.24 34.38 11.17
C ASP D 34 40.01 34.87 9.95
N GLU D 35 40.77 33.99 9.30
CA GLU D 35 41.73 34.40 8.29
C GLU D 35 41.03 34.74 6.98
N LYS D 36 41.33 35.92 6.45
CA LYS D 36 40.89 36.35 5.13
C LYS D 36 42.14 36.72 4.33
N VAL D 37 42.34 36.05 3.20
CA VAL D 37 43.54 36.22 2.39
C VAL D 37 43.13 36.78 1.04
N THR D 38 43.74 37.89 0.64
CA THR D 38 43.43 38.49 -0.65
C THR D 38 44.23 37.81 -1.75
N TYR D 39 43.91 38.18 -2.99
CA TYR D 39 44.57 37.56 -4.14
C TYR D 39 46.06 37.87 -4.17
N ARG D 40 46.48 39.03 -3.66
CA ARG D 40 47.90 39.36 -3.64
C ARG D 40 48.66 38.47 -2.67
N GLU D 41 48.14 38.27 -1.46
CA GLU D 41 48.80 37.39 -0.50
C GLU D 41 48.89 35.97 -1.04
N LEU D 42 47.79 35.47 -1.61
CA LEU D 42 47.79 34.13 -2.17
C LEU D 42 48.79 34.00 -3.31
N HIS D 43 48.85 35.01 -4.19
CA HIS D 43 49.81 34.99 -5.28
C HIS D 43 51.24 35.06 -4.74
N GLU D 44 51.49 35.92 -3.75
CA GLU D 44 52.85 36.09 -3.24
C GLU D 44 53.29 34.86 -2.45
N ARG D 45 52.43 34.35 -1.56
CA ARG D 45 52.80 33.20 -0.74
C ARG D 45 53.09 31.98 -1.60
N SER D 46 52.27 31.76 -2.64
CA SER D 46 52.52 30.64 -3.55
C SER D 46 53.76 30.89 -4.40
N ASN D 47 54.08 32.15 -4.69
CA ASN D 47 55.29 32.46 -5.44
C ASN D 47 56.53 32.07 -4.64
N GLN D 48 56.52 32.33 -3.33
CA GLN D 48 57.63 31.90 -2.48
C GLN D 48 57.74 30.37 -2.46
N LEU D 49 56.62 29.67 -2.36
CA LEU D 49 56.64 28.21 -2.35
C LEU D 49 57.16 27.65 -3.67
N ALA D 50 56.66 28.18 -4.79
CA ALA D 50 57.06 27.66 -6.09
C ALA D 50 58.57 27.83 -6.32
N ARG D 51 59.12 28.95 -5.88
CA ARG D 51 60.58 29.10 -5.90
C ARG D 51 61.24 28.05 -5.01
N PHE D 52 60.70 27.87 -3.80
CA PHE D 52 61.24 26.88 -2.89
C PHE D 52 61.12 25.47 -3.46
N LEU D 53 60.03 25.21 -4.20
CA LEU D 53 59.85 23.90 -4.81
C LEU D 53 60.84 23.69 -5.95
N ARG D 54 61.03 24.70 -6.80
CA ARG D 54 62.02 24.61 -7.85
C ARG D 54 63.44 24.52 -7.28
N GLU D 55 63.68 25.18 -6.14
CA GLU D 55 64.95 25.04 -5.45
C GLU D 55 65.16 23.61 -4.97
N LYS D 56 64.07 22.88 -4.69
CA LYS D 56 64.15 21.52 -4.18
C LYS D 56 64.00 20.47 -5.28
N GLY D 57 64.01 20.88 -6.55
CA GLY D 57 64.04 19.96 -7.66
C GLY D 57 62.81 19.93 -8.54
N VAL D 58 61.72 20.59 -8.15
CA VAL D 58 60.49 20.53 -8.92
C VAL D 58 60.70 21.15 -10.29
N LYS D 59 60.33 20.40 -11.33
CA LYS D 59 60.49 20.79 -12.72
C LYS D 59 59.13 20.67 -13.41
N LYS D 60 59.11 20.98 -14.71
CA LYS D 60 57.96 20.74 -15.56
C LYS D 60 57.46 19.31 -15.42
N GLU D 61 56.17 19.17 -15.11
CA GLU D 61 55.47 17.88 -15.04
C GLU D 61 56.02 16.98 -13.95
N SER D 62 56.65 17.53 -12.93
CA SER D 62 57.00 16.73 -11.75
C SER D 62 55.75 16.44 -10.94
N ILE D 63 55.61 15.20 -10.49
CA ILE D 63 54.46 14.80 -9.70
C ILE D 63 54.78 15.02 -8.23
N ILE D 64 54.01 15.88 -7.58
CA ILE D 64 54.24 16.28 -6.21
C ILE D 64 53.05 15.87 -5.36
N GLY D 65 53.29 15.03 -4.35
CA GLY D 65 52.24 14.72 -3.41
C GLY D 65 51.94 15.91 -2.51
N ILE D 66 50.65 16.14 -2.26
CA ILE D 66 50.22 17.20 -1.36
C ILE D 66 49.17 16.61 -0.41
N MET D 67 49.43 16.72 0.89
CA MET D 67 48.53 16.18 1.91
C MET D 67 48.45 17.19 3.04
N MET D 68 47.35 17.95 3.10
CA MET D 68 47.15 18.94 4.13
C MET D 68 45.70 18.93 4.58
N GLU D 69 45.48 19.44 5.79
CA GLU D 69 44.12 19.65 6.27
C GLU D 69 43.46 20.80 5.52
N ARG D 70 42.15 20.93 5.71
CA ARG D 70 41.43 22.05 5.14
C ARG D 70 41.97 23.36 5.72
N SER D 71 42.64 24.16 4.89
CA SER D 71 43.35 25.33 5.38
C SER D 71 43.73 26.20 4.20
N VAL D 72 44.10 27.45 4.51
CA VAL D 72 44.67 28.33 3.49
C VAL D 72 45.95 27.74 2.95
N GLU D 73 46.71 27.03 3.79
CA GLU D 73 47.98 26.45 3.37
C GLU D 73 47.79 25.49 2.20
N MET D 74 46.68 24.74 2.20
CA MET D 74 46.42 23.82 1.09
C MET D 74 46.27 24.56 -0.22
N ILE D 75 45.57 25.69 -0.21
CA ILE D 75 45.42 26.49 -1.43
C ILE D 75 46.76 27.00 -1.92
N VAL D 76 47.60 27.48 -0.98
CA VAL D 76 48.94 27.91 -1.35
C VAL D 76 49.75 26.75 -1.92
N GLY D 77 49.63 25.57 -1.31
CA GLY D 77 50.39 24.43 -1.77
C GLY D 77 50.04 24.03 -3.19
N ILE D 78 48.75 23.98 -3.51
CA ILE D 78 48.32 23.63 -4.87
C ILE D 78 48.86 24.64 -5.87
N LEU D 79 48.70 25.93 -5.57
CA LEU D 79 49.20 26.96 -6.48
C LEU D 79 50.72 26.90 -6.61
N GLY D 80 51.43 26.70 -5.51
CA GLY D 80 52.88 26.62 -5.56
C GLY D 80 53.37 25.46 -6.42
N ILE D 81 52.73 24.30 -6.28
CA ILE D 81 53.12 23.14 -7.08
C ILE D 81 52.87 23.40 -8.55
N LEU D 82 51.73 23.99 -8.89
CA LEU D 82 51.42 24.28 -10.28
C LEU D 82 52.33 25.36 -10.84
N LYS D 83 52.59 26.42 -10.06
CA LYS D 83 53.47 27.49 -10.52
C LYS D 83 54.88 26.99 -10.78
N ALA D 84 55.40 26.15 -9.87
CA ALA D 84 56.75 25.61 -10.05
C ALA D 84 56.88 24.77 -11.32
N GLY D 85 55.77 24.26 -11.85
CA GLY D 85 55.79 23.52 -13.09
C GLY D 85 55.21 22.11 -13.00
N GLY D 86 54.89 21.63 -11.80
CA GLY D 86 54.44 20.26 -11.63
C GLY D 86 52.94 20.14 -11.42
N ALA D 87 52.50 18.88 -11.31
CA ALA D 87 51.14 18.53 -10.98
C ALA D 87 51.11 17.87 -9.61
N PHE D 88 49.96 17.95 -8.94
CA PHE D 88 49.84 17.51 -7.56
C PHE D 88 49.01 16.23 -7.46
N VAL D 89 49.30 15.46 -6.42
CA VAL D 89 48.53 14.27 -6.06
C VAL D 89 47.86 14.54 -4.72
N PRO D 90 46.54 14.74 -4.69
CA PRO D 90 45.87 14.99 -3.41
C PRO D 90 45.84 13.74 -2.56
N ILE D 91 46.28 13.87 -1.32
CA ILE D 91 46.30 12.77 -0.36
C ILE D 91 45.45 13.18 0.84
N ASP D 92 44.45 12.38 1.16
CA ASP D 92 43.63 12.64 2.34
C ASP D 92 44.44 12.35 3.59
N PRO D 93 44.60 13.31 4.51
CA PRO D 93 45.35 13.03 5.74
C PRO D 93 44.71 11.95 6.60
N GLU D 94 43.44 11.63 6.38
CA GLU D 94 42.73 10.60 7.14
C GLU D 94 42.84 9.22 6.50
N TYR D 95 43.52 9.09 5.37
CA TYR D 95 43.63 7.81 4.71
C TYR D 95 44.61 6.90 5.47
N PRO D 96 44.39 5.58 5.42
CA PRO D 96 45.37 4.66 6.03
C PRO D 96 46.73 4.80 5.37
N LYS D 97 47.77 4.65 6.18
CA LYS D 97 49.13 4.95 5.70
C LYS D 97 49.69 3.85 4.79
N GLU D 98 48.99 2.73 4.62
CA GLU D 98 49.32 1.83 3.52
C GLU D 98 48.63 2.29 2.23
N ARG D 99 47.40 2.81 2.35
CA ARG D 99 46.76 3.44 1.19
C ARG D 99 47.54 4.65 0.73
N ILE D 100 48.21 5.35 1.66
CA ILE D 100 49.11 6.43 1.28
C ILE D 100 50.19 5.89 0.33
N GLY D 101 50.80 4.76 0.70
CA GLY D 101 51.91 4.24 -0.07
C GLY D 101 51.58 4.00 -1.53
N TYR D 102 50.33 3.62 -1.82
CA TYR D 102 49.90 3.49 -3.21
C TYR D 102 50.08 4.79 -3.97
N MET D 103 49.72 5.91 -3.34
CA MET D 103 49.69 7.20 -4.02
C MET D 103 51.06 7.86 -4.16
N LEU D 104 52.08 7.41 -3.44
CA LEU D 104 53.43 7.88 -3.68
C LEU D 104 54.07 7.24 -4.90
N ASP D 105 53.27 6.57 -5.74
CA ASP D 105 53.75 5.98 -6.97
C ASP D 105 54.21 7.07 -7.92
N SER D 106 55.53 7.16 -8.13
CA SER D 106 56.17 8.01 -9.13
C SER D 106 56.10 9.49 -8.82
N VAL D 107 55.72 9.88 -7.59
CA VAL D 107 55.78 11.28 -7.21
C VAL D 107 57.22 11.67 -6.93
N ARG D 108 57.51 12.97 -7.03
CA ARG D 108 58.85 13.45 -6.68
C ARG D 108 58.99 13.60 -5.18
N LEU D 109 58.14 14.42 -4.56
CA LEU D 109 58.22 14.68 -3.14
C LEU D 109 56.81 14.89 -2.60
N VAL D 110 56.71 14.99 -1.28
CA VAL D 110 55.44 15.17 -0.58
C VAL D 110 55.46 16.53 0.10
N LEU D 111 54.51 17.38 -0.26
CA LEU D 111 54.32 18.68 0.38
C LEU D 111 53.17 18.54 1.38
N THR D 112 53.46 18.82 2.65
CA THR D 112 52.49 18.54 3.70
C THR D 112 52.65 19.57 4.81
N GLN D 113 52.05 19.28 5.96
CA GLN D 113 52.06 20.15 7.14
C GLN D 113 52.94 19.53 8.22
N ARG D 114 53.09 20.28 9.32
CA ARG D 114 53.97 19.85 10.41
C ARG D 114 53.48 18.55 11.04
N HIS D 115 52.21 18.51 11.45
CA HIS D 115 51.71 17.36 12.19
C HIS D 115 51.53 16.14 11.29
N LEU D 116 51.31 16.35 9.98
CA LEU D 116 51.23 15.23 9.06
C LEU D 116 52.60 14.75 8.61
N LYS D 117 53.61 15.61 8.63
CA LYS D 117 54.99 15.16 8.51
C LYS D 117 55.33 14.14 9.60
N ASP D 118 54.71 14.29 10.77
CA ASP D 118 54.96 13.42 11.91
C ASP D 118 54.11 12.16 11.91
N ALA D 121 55.54 9.57 8.65
CA ALA D 121 56.97 9.25 8.53
C ALA D 121 57.28 8.64 7.16
N PHE D 122 57.05 9.45 6.13
CA PHE D 122 57.03 8.99 4.74
C PHE D 122 58.26 8.23 4.30
N THR D 123 58.10 7.42 3.25
CA THR D 123 59.21 6.80 2.55
C THR D 123 59.76 7.68 1.44
N LYS D 124 59.53 8.98 1.52
CA LYS D 124 59.90 9.90 0.45
C LYS D 124 60.24 11.26 1.02
N GLU D 125 60.89 12.08 0.18
CA GLU D 125 61.30 13.42 0.58
C GLU D 125 60.09 14.28 0.92
N THR D 126 60.17 14.98 2.04
CA THR D 126 59.03 15.65 2.65
C THR D 126 59.34 17.12 2.88
N ILE D 127 58.52 18.00 2.32
CA ILE D 127 58.60 19.44 2.54
C ILE D 127 57.37 19.87 3.34
N VAL D 128 57.60 20.56 4.45
CA VAL D 128 56.51 21.08 5.27
C VAL D 128 56.18 22.51 4.81
N ILE D 129 54.90 22.85 4.82
CA ILE D 129 54.47 24.18 4.41
C ILE D 129 54.86 25.23 5.45
N GLU D 130 55.06 24.83 6.70
CA GLU D 130 55.42 25.74 7.78
C GLU D 130 56.92 25.97 7.86
N ASP D 131 57.71 25.43 6.94
CA ASP D 131 59.15 25.63 6.93
C ASP D 131 59.46 27.12 6.82
N PRO D 132 60.18 27.71 7.78
CA PRO D 132 60.46 29.16 7.70
C PRO D 132 61.34 29.54 6.52
N SER D 133 62.06 28.59 5.93
CA SER D 133 62.91 28.91 4.78
C SER D 133 62.09 29.30 3.56
N ILE D 134 60.86 28.82 3.46
CA ILE D 134 59.99 29.17 2.34
C ILE D 134 59.69 30.67 2.34
N SER D 135 59.40 31.22 3.52
CA SER D 135 58.99 32.62 3.62
C SER D 135 60.14 33.59 3.35
N HIS D 136 61.37 33.11 3.28
CA HIS D 136 62.51 33.95 2.95
C HIS D 136 62.72 34.14 1.46
N GLU D 137 62.02 33.36 0.63
CA GLU D 137 62.15 33.45 -0.82
C GLU D 137 61.44 34.69 -1.34
N LEU D 138 61.74 35.03 -2.59
CA LEU D 138 61.14 36.20 -3.23
C LEU D 138 59.63 36.02 -3.36
N THR D 139 58.90 37.11 -3.14
CA THR D 139 57.46 37.14 -3.37
C THR D 139 57.12 37.61 -4.78
N GLU D 140 58.12 37.86 -5.62
CA GLU D 140 57.90 38.34 -6.98
C GLU D 140 57.47 37.18 -7.89
N GLU D 141 57.02 37.54 -9.08
CA GLU D 141 56.57 36.54 -10.04
C GLU D 141 57.74 35.68 -10.52
N ILE D 142 57.40 34.60 -11.21
CA ILE D 142 58.37 33.70 -11.81
C ILE D 142 57.96 33.44 -13.25
N ASP D 143 58.88 32.86 -14.02
CA ASP D 143 58.55 32.41 -15.36
C ASP D 143 57.82 31.07 -15.28
N TYR D 144 56.66 31.00 -15.92
CA TYR D 144 55.88 29.77 -15.94
C TYR D 144 56.38 28.87 -17.05
N ILE D 145 56.44 27.57 -16.78
CA ILE D 145 57.13 26.62 -17.64
C ILE D 145 56.19 25.53 -18.17
N ASN D 146 54.88 25.70 -18.00
CA ASN D 146 53.91 24.69 -18.38
C ASN D 146 53.13 25.11 -19.61
N GLU D 147 52.80 24.14 -20.46
CA GLU D 147 51.92 24.34 -21.60
C GLU D 147 50.51 23.91 -21.23
N SER D 148 49.60 24.03 -22.19
CA SER D 148 48.20 23.70 -21.93
C SER D 148 48.01 22.22 -21.62
N GLU D 149 48.73 21.36 -22.33
CA GLU D 149 48.55 19.92 -22.22
C GLU D 149 49.34 19.29 -21.08
N ASP D 150 50.05 20.08 -20.28
CA ASP D 150 50.78 19.55 -19.15
C ASP D 150 49.82 19.01 -18.09
N LEU D 151 50.31 18.04 -17.32
CA LEU D 151 49.50 17.43 -16.27
C LEU D 151 49.08 18.46 -15.24
N PHE D 152 47.81 18.41 -14.84
CA PHE D 152 47.26 19.29 -13.81
C PHE D 152 47.26 18.64 -12.44
N TYR D 153 46.69 17.44 -12.33
CA TYR D 153 46.81 16.66 -11.10
C TYR D 153 46.73 15.18 -11.45
N ILE D 154 46.99 14.34 -10.46
CA ILE D 154 46.70 12.92 -10.51
C ILE D 154 45.83 12.60 -9.32
N ILE D 155 44.59 12.19 -9.57
CA ILE D 155 43.62 11.88 -8.53
C ILE D 155 43.32 10.39 -8.59
N TYR D 156 43.30 9.75 -7.44
CA TYR D 156 43.16 8.30 -7.35
C TYR D 156 41.71 7.93 -7.06
N THR D 157 41.31 6.79 -7.62
CA THR D 157 39.94 6.31 -7.47
C THR D 157 39.90 4.91 -6.87
N PRO D 164 43.03 0.77 -6.89
CA PRO D 164 43.11 2.23 -6.93
C PRO D 164 43.97 2.73 -8.08
N LYS D 165 43.34 3.40 -9.05
CA LYS D 165 44.02 3.88 -10.25
C LYS D 165 44.22 5.39 -10.16
N GLY D 166 45.41 5.84 -10.57
CA GLY D 166 45.72 7.26 -10.60
C GLY D 166 45.30 7.90 -11.91
N VAL D 167 44.27 8.73 -11.86
CA VAL D 167 43.70 9.35 -13.06
C VAL D 167 44.47 10.62 -13.39
N MET D 168 44.92 10.73 -14.64
CA MET D 168 45.77 11.84 -15.08
C MET D 168 44.92 12.87 -15.81
N LEU D 169 44.97 14.11 -15.33
CA LEU D 169 44.22 15.21 -15.92
C LEU D 169 45.18 16.34 -16.27
N GLU D 170 44.98 16.94 -17.45
CA GLU D 170 45.82 18.01 -17.95
C GLU D 170 45.19 19.37 -17.67
N HIS D 171 46.04 20.41 -17.70
CA HIS D 171 45.55 21.78 -17.55
C HIS D 171 44.48 22.09 -18.58
N LYS D 172 44.66 21.61 -19.82
CA LYS D 172 43.70 21.91 -20.88
C LYS D 172 42.31 21.41 -20.54
N ASN D 173 42.21 20.22 -19.95
CA ASN D 173 40.89 19.64 -19.66
C ASN D 173 40.14 20.44 -18.62
N ILE D 174 40.78 20.76 -17.49
CA ILE D 174 40.09 21.48 -16.42
C ILE D 174 39.78 22.90 -16.84
N VAL D 175 40.67 23.53 -17.62
CA VAL D 175 40.43 24.89 -18.08
C VAL D 175 39.21 24.94 -18.99
N ASN D 176 39.02 23.90 -19.82
CA ASN D 176 37.87 23.87 -20.72
C ASN D 176 36.56 23.84 -19.95
N LEU D 177 36.49 23.06 -18.88
CA LEU D 177 35.27 23.03 -18.06
C LEU D 177 35.03 24.38 -17.39
N LEU D 178 36.09 24.98 -16.84
CA LEU D 178 35.95 26.28 -16.18
C LEU D 178 35.51 27.35 -17.17
N HIS D 179 36.08 27.33 -18.38
CA HIS D 179 35.71 28.34 -19.39
C HIS D 179 34.25 28.22 -19.76
N PHE D 180 33.75 26.99 -19.97
CA PHE D 180 32.34 26.81 -20.25
C PHE D 180 31.48 27.30 -19.08
N THR D 181 31.93 27.05 -17.86
CA THR D 181 31.20 27.51 -16.69
C THR D 181 31.10 29.03 -16.65
N PHE D 182 32.21 29.71 -16.94
CA PHE D 182 32.19 31.18 -16.93
C PHE D 182 31.40 31.73 -18.11
N GLU D 183 31.66 31.21 -19.31
CA GLU D 183 31.08 31.80 -20.51
C GLU D 183 29.62 31.41 -20.72
N LYS D 184 29.28 30.14 -20.47
CA LYS D 184 27.97 29.61 -20.82
C LYS D 184 27.06 29.44 -19.60
N THR D 185 27.40 30.08 -18.49
CA THR D 185 26.62 29.92 -17.26
C THR D 185 26.78 31.19 -16.43
N ASN D 186 25.72 31.55 -15.71
CA ASN D 186 25.70 32.76 -14.89
C ASN D 186 25.71 32.43 -13.40
N ILE D 187 26.43 31.38 -13.02
CA ILE D 187 26.71 31.15 -11.61
C ILE D 187 27.70 32.22 -11.14
N ASN D 188 27.31 32.98 -10.12
CA ASN D 188 28.09 34.13 -9.67
C ASN D 188 29.31 33.64 -8.87
N PHE D 189 30.24 33.02 -9.60
CA PHE D 189 31.47 32.55 -8.98
C PHE D 189 32.36 33.70 -8.50
N SER D 190 32.09 34.92 -8.98
CA SER D 190 32.79 36.09 -8.45
C SER D 190 32.28 36.49 -7.07
N ASP D 191 31.18 35.92 -6.62
CA ASP D 191 30.67 36.13 -5.28
C ASP D 191 31.23 35.04 -4.36
N LYS D 192 30.70 34.94 -3.15
CA LYS D 192 31.22 33.98 -2.17
C LYS D 192 30.80 32.55 -2.53
N VAL D 193 31.77 31.65 -2.52
CA VAL D 193 31.56 30.24 -2.88
C VAL D 193 32.05 29.38 -1.73
N LEU D 194 31.25 28.38 -1.36
CA LEU D 194 31.60 27.47 -0.27
C LEU D 194 32.39 26.28 -0.82
N GLN D 195 33.55 26.03 -0.22
CA GLN D 195 34.40 24.90 -0.61
C GLN D 195 34.05 23.71 0.29
N TYR D 196 33.08 22.93 -0.16
CA TYR D 196 32.56 21.81 0.63
C TYR D 196 33.30 20.51 0.38
N THR D 197 33.58 20.19 -0.88
CA THR D 197 34.02 18.84 -1.24
C THR D 197 35.40 18.53 -0.66
N THR D 198 35.57 17.29 -0.19
CA THR D 198 36.84 16.82 0.34
C THR D 198 37.90 16.83 -0.76
N CYS D 199 39.14 17.10 -0.35
CA CYS D 199 40.23 17.33 -1.30
C CYS D 199 40.59 16.12 -2.14
N SER D 200 40.09 14.92 -1.80
CA SER D 200 40.39 13.73 -2.56
C SER D 200 39.41 13.48 -3.70
N PHE D 201 38.43 14.35 -3.90
CA PHE D 201 37.49 14.26 -5.01
C PHE D 201 37.76 15.37 -6.01
N ASP D 202 37.42 15.12 -7.27
CA ASP D 202 37.76 16.05 -8.34
C ASP D 202 36.92 17.32 -8.28
N VAL D 203 35.71 17.24 -7.69
CA VAL D 203 34.84 18.41 -7.64
C VAL D 203 35.43 19.48 -6.72
N CYS D 204 36.23 19.08 -5.73
CA CYS D 204 36.82 20.04 -4.80
C CYS D 204 37.61 21.11 -5.53
N TYR D 205 38.25 20.75 -6.63
CA TYR D 205 39.05 21.69 -7.41
C TYR D 205 38.24 22.45 -8.45
N GLN D 206 37.11 21.89 -8.89
CA GLN D 206 36.15 22.69 -9.63
C GLN D 206 35.64 23.85 -8.78
N GLU D 207 35.34 23.57 -7.50
CA GLU D 207 34.92 24.63 -6.59
C GLU D 207 36.02 25.67 -6.38
N ILE D 208 37.25 25.21 -6.12
CA ILE D 208 38.33 26.11 -5.76
C ILE D 208 38.65 27.05 -6.92
N PHE D 209 38.82 26.50 -8.12
CA PHE D 209 39.39 27.27 -9.22
C PHE D 209 38.36 28.01 -10.05
N SER D 210 37.09 27.60 -10.02
CA SER D 210 36.06 28.44 -10.63
C SER D 210 35.84 29.70 -9.81
N THR D 211 36.14 29.65 -8.51
CA THR D 211 36.10 30.83 -7.66
C THR D 211 37.33 31.71 -7.87
N LEU D 212 38.51 31.12 -7.72
CA LEU D 212 39.75 31.91 -7.75
C LEU D 212 40.02 32.50 -9.12
N LEU D 213 39.53 31.87 -10.19
CA LEU D 213 39.79 32.35 -11.54
C LEU D 213 38.73 33.33 -12.04
N SER D 214 37.75 33.68 -11.19
CA SER D 214 36.74 34.68 -11.54
C SER D 214 36.62 35.77 -10.48
N GLY D 215 37.56 35.85 -9.55
CA GLY D 215 37.59 36.94 -8.59
C GLY D 215 36.74 36.76 -7.35
N GLY D 216 36.24 35.55 -7.08
CA GLY D 216 35.34 35.32 -5.98
C GLY D 216 36.05 35.06 -4.66
N GLN D 217 35.24 34.91 -3.62
CA GLN D 217 35.70 34.57 -2.28
C GLN D 217 35.49 33.08 -2.05
N LEU D 218 36.58 32.34 -1.90
CA LEU D 218 36.52 30.91 -1.65
C LEU D 218 36.52 30.67 -0.15
N TYR D 219 35.42 30.14 0.38
CA TYR D 219 35.25 29.92 1.81
C TYR D 219 35.65 28.49 2.16
N LEU D 220 36.63 28.35 3.03
CA LEU D 220 37.06 27.05 3.51
C LEU D 220 36.48 26.80 4.89
N ILE D 221 36.23 25.52 5.17
CA ILE D 221 35.61 25.10 6.41
C ILE D 221 36.48 24.06 7.08
N ARG D 222 36.43 24.03 8.41
CA ARG D 222 37.13 22.98 9.14
C ARG D 222 36.47 21.63 8.88
N LYS D 223 37.24 20.58 9.13
CA LYS D 223 36.74 19.22 8.92
C LYS D 223 35.45 18.98 9.69
N GLU D 224 35.38 19.45 10.94
CA GLU D 224 34.21 19.22 11.78
C GLU D 224 33.04 20.10 11.37
N THR D 225 33.29 21.29 10.81
CA THR D 225 32.20 22.13 10.32
C THR D 225 31.52 21.50 9.11
N GLN D 226 32.30 20.88 8.22
CA GLN D 226 31.73 20.20 7.07
C GLN D 226 30.81 19.06 7.50
N ARG D 227 31.13 18.39 8.60
CA ARG D 227 30.33 17.26 9.09
C ARG D 227 29.20 17.69 10.01
N ASP D 228 29.15 18.96 10.41
CA ASP D 228 28.08 19.47 11.26
C ASP D 228 27.13 20.26 10.36
N VAL D 229 25.99 19.65 10.04
CA VAL D 229 25.02 20.30 9.17
C VAL D 229 24.52 21.59 9.79
N GLU D 230 24.27 21.59 11.10
CA GLU D 230 23.81 22.79 11.77
C GLU D 230 24.83 23.93 11.65
N GLN D 231 26.10 23.62 11.89
CA GLN D 231 27.13 24.65 11.76
C GLN D 231 27.30 25.09 10.31
N LEU D 232 27.23 24.14 9.36
CA LEU D 232 27.47 24.46 7.96
C LEU D 232 26.43 25.44 7.43
N PHE D 233 25.16 25.21 7.75
CA PHE D 233 24.10 26.10 7.25
C PHE D 233 24.16 27.47 7.91
N ASP D 234 24.54 27.52 9.20
CA ASP D 234 24.67 28.79 9.88
C ASP D 234 25.73 29.66 9.21
N LEU D 235 26.88 29.06 8.87
CA LEU D 235 27.94 29.83 8.22
C LEU D 235 27.50 30.40 6.88
N VAL D 236 26.77 29.60 6.09
CA VAL D 236 26.30 30.09 4.80
C VAL D 236 25.35 31.26 4.99
N LYS D 237 24.56 31.25 6.07
CA LYS D 237 23.62 32.33 6.31
C LYS D 237 24.34 33.61 6.76
N ARG D 238 25.31 33.50 7.68
CA ARG D 238 26.01 34.69 8.14
C ARG D 238 26.70 35.40 6.99
N GLU D 239 27.49 34.67 6.22
CA GLU D 239 28.33 35.26 5.19
C GLU D 239 27.60 35.48 3.87
N ASN D 240 26.37 35.00 3.74
CA ASN D 240 25.61 35.06 2.49
C ASN D 240 26.40 34.41 1.36
N ILE D 241 26.82 33.17 1.59
CA ILE D 241 27.46 32.37 0.55
C ILE D 241 26.38 31.98 -0.45
N GLU D 242 26.50 32.49 -1.69
CA GLU D 242 25.43 32.36 -2.67
C GLU D 242 25.65 31.22 -3.66
N VAL D 243 26.85 30.62 -3.69
CA VAL D 243 27.14 29.50 -4.57
C VAL D 243 27.52 28.31 -3.69
N LEU D 244 26.71 27.25 -3.75
CA LEU D 244 26.92 26.05 -2.95
C LEU D 244 27.16 24.86 -3.87
N SER D 245 28.05 23.97 -3.45
CA SER D 245 28.37 22.75 -4.19
C SER D 245 28.29 21.57 -3.23
N PHE D 246 27.33 20.68 -3.45
CA PHE D 246 27.12 19.52 -2.60
C PHE D 246 27.00 18.27 -3.44
N PRO D 247 27.44 17.12 -2.92
CA PRO D 247 27.15 15.85 -3.59
C PRO D 247 25.67 15.55 -3.57
N VAL D 248 25.22 14.78 -4.57
CA VAL D 248 23.80 14.45 -4.68
C VAL D 248 23.31 13.74 -3.42
N ALA D 249 24.14 12.86 -2.86
CA ALA D 249 23.75 12.15 -1.64
C ALA D 249 23.50 13.11 -0.49
N PHE D 250 24.29 14.20 -0.42
CA PHE D 250 24.09 15.18 0.64
C PHE D 250 22.73 15.87 0.51
N LEU D 251 22.37 16.27 -0.72
CA LEU D 251 21.09 16.94 -0.93
C LEU D 251 19.92 16.01 -0.63
N LYS D 252 20.03 14.74 -1.04
CA LYS D 252 19.00 13.76 -0.69
C LYS D 252 18.85 13.64 0.82
N PHE D 253 19.99 13.64 1.53
CA PHE D 253 19.96 13.56 2.99
C PHE D 253 19.30 14.78 3.61
N ILE D 254 19.57 15.96 3.06
CA ILE D 254 19.03 17.20 3.63
C ILE D 254 17.52 17.23 3.51
N PHE D 255 16.99 16.90 2.34
CA PHE D 255 15.56 17.05 2.08
C PHE D 255 14.76 15.80 2.44
N ASN D 256 15.38 14.84 3.11
CA ASN D 256 14.66 13.75 3.76
C ASN D 256 14.37 14.03 5.23
N GLU D 257 14.94 15.09 5.80
CA GLU D 257 14.80 15.42 7.20
C GLU D 257 14.14 16.80 7.32
N ARG D 258 13.00 16.85 8.00
CA ARG D 258 12.31 18.12 8.19
C ARG D 258 13.16 19.12 8.96
N GLU D 259 13.98 18.62 9.89
CA GLU D 259 14.84 19.51 10.68
C GLU D 259 15.82 20.27 9.79
N PHE D 260 16.43 19.59 8.82
CA PHE D 260 17.41 20.22 7.97
C PHE D 260 16.78 21.07 6.88
N ILE D 261 15.58 20.70 6.41
CA ILE D 261 14.87 21.54 5.44
C ILE D 261 14.58 22.91 6.03
N ASN D 262 14.18 22.94 7.31
CA ASN D 262 13.86 24.21 7.96
C ASN D 262 15.09 25.11 8.04
N ARG D 263 16.26 24.53 8.30
CA ARG D 263 17.49 25.29 8.48
C ARG D 263 18.27 25.48 7.18
N PHE D 264 17.78 24.97 6.07
CA PHE D 264 18.53 25.11 4.82
C PHE D 264 18.58 26.57 4.41
N PRO D 265 19.74 27.08 3.99
CA PRO D 265 19.83 28.49 3.59
C PRO D 265 18.89 28.80 2.43
N THR D 266 18.20 29.95 2.54
CA THR D 266 17.15 30.31 1.60
C THR D 266 17.58 31.37 0.59
N CYS D 267 18.83 31.84 0.68
CA CYS D 267 19.29 33.02 -0.05
C CYS D 267 20.29 32.62 -1.13
N VAL D 268 20.43 31.34 -1.37
CA VAL D 268 21.49 30.86 -2.24
C VAL D 268 21.04 31.06 -3.67
N LYS D 269 21.95 31.51 -4.52
CA LYS D 269 21.60 31.72 -5.91
C LYS D 269 21.74 30.47 -6.75
N HIS D 270 22.80 29.68 -6.52
CA HIS D 270 23.06 28.49 -7.32
C HIS D 270 23.53 27.35 -6.43
N ILE D 271 23.01 26.16 -6.69
CA ILE D 271 23.48 24.93 -6.07
C ILE D 271 23.97 24.01 -7.18
N ILE D 272 25.22 23.56 -7.08
CA ILE D 272 25.82 22.65 -8.04
C ILE D 272 25.96 21.29 -7.39
N THR D 273 25.51 20.25 -8.09
CA THR D 273 25.52 18.90 -7.52
C THR D 273 26.03 17.90 -8.54
N ALA D 274 26.55 16.79 -8.02
CA ALA D 274 27.07 15.71 -8.85
C ALA D 274 27.14 14.46 -7.99
N GLY D 275 27.28 13.31 -8.67
CA GLY D 275 27.30 12.04 -7.97
C GLY D 275 26.34 11.05 -8.59
N GLU D 276 25.62 10.31 -7.76
CA GLU D 276 24.59 9.41 -8.26
C GLU D 276 23.43 10.24 -8.81
N GLN D 277 22.44 9.56 -9.39
CA GLN D 277 21.33 10.24 -10.03
C GLN D 277 20.61 11.13 -9.04
N LEU D 278 20.36 12.38 -9.45
CA LEU D 278 19.71 13.36 -8.59
C LEU D 278 18.22 13.06 -8.51
N VAL D 279 17.69 13.06 -7.29
CA VAL D 279 16.26 12.88 -7.04
C VAL D 279 15.77 14.12 -6.29
N VAL D 280 14.78 14.79 -6.85
CA VAL D 280 14.26 16.03 -6.31
C VAL D 280 12.84 15.74 -5.83
N ASN D 281 12.67 15.57 -4.51
CA ASN D 281 11.35 15.31 -3.96
C ASN D 281 10.54 16.59 -3.91
N ASN D 282 9.30 16.48 -3.40
CA ASN D 282 8.39 17.61 -3.46
C ASN D 282 8.86 18.77 -2.58
N GLU D 283 9.46 18.47 -1.44
CA GLU D 283 10.00 19.54 -0.59
C GLU D 283 11.18 20.23 -1.26
N PHE D 284 12.02 19.46 -1.97
CA PHE D 284 13.11 20.05 -2.73
C PHE D 284 12.58 20.90 -3.89
N LYS D 285 11.56 20.42 -4.56
CA LYS D 285 10.95 21.21 -5.66
C LYS D 285 10.36 22.49 -5.06
N ARG D 286 9.66 22.37 -3.94
CA ARG D 286 9.05 23.54 -3.30
C ARG D 286 10.11 24.57 -2.94
N TYR D 287 11.25 24.13 -2.40
CA TYR D 287 12.33 25.05 -2.06
C TYR D 287 12.84 25.78 -3.30
N LEU D 288 13.08 25.03 -4.38
CA LEU D 288 13.62 25.64 -5.59
C LEU D 288 12.67 26.67 -6.18
N HIS D 289 11.37 26.37 -6.21
CA HIS D 289 10.40 27.32 -6.73
C HIS D 289 10.19 28.49 -5.77
N GLU D 290 10.17 28.21 -4.46
CA GLU D 290 9.92 29.25 -3.47
C GLU D 290 10.97 30.36 -3.55
N HIS D 291 12.25 29.98 -3.59
CA HIS D 291 13.34 30.95 -3.52
C HIS D 291 14.05 31.15 -4.85
N ASN D 292 13.57 30.51 -5.93
CA ASN D 292 14.18 30.64 -7.26
C ASN D 292 15.66 30.27 -7.23
N VAL D 293 15.99 29.19 -6.54
CA VAL D 293 17.36 28.69 -6.50
C VAL D 293 17.59 27.82 -7.73
N HIS D 294 18.68 28.08 -8.44
CA HIS D 294 19.01 27.33 -9.66
C HIS D 294 19.87 26.14 -9.27
N LEU D 295 19.34 24.94 -9.47
CA LEU D 295 20.07 23.70 -9.20
C LEU D 295 20.71 23.21 -10.49
N HIS D 296 22.01 22.94 -10.44
CA HIS D 296 22.78 22.52 -11.60
C HIS D 296 23.22 21.08 -11.41
N ASN D 297 22.78 20.21 -12.32
CA ASN D 297 23.13 18.79 -12.30
C ASN D 297 24.33 18.56 -13.21
N HIS D 298 25.44 18.12 -12.63
CA HIS D 298 26.67 17.89 -13.35
C HIS D 298 26.99 16.40 -13.39
N TYR D 299 27.59 15.96 -14.50
CA TYR D 299 28.02 14.59 -14.66
C TYR D 299 29.42 14.55 -15.25
N GLY D 300 30.22 13.58 -14.79
CA GLY D 300 31.49 13.30 -15.41
C GLY D 300 32.37 12.39 -14.57
N PRO D 301 33.03 11.44 -15.22
CA PRO D 301 34.01 10.62 -14.50
C PRO D 301 35.27 11.43 -14.21
N SER D 302 36.07 10.90 -13.27
CA SER D 302 37.33 11.55 -12.92
C SER D 302 38.26 11.64 -14.11
N GLU D 303 38.18 10.67 -15.04
CA GLU D 303 39.03 10.69 -16.22
C GLU D 303 38.74 11.87 -17.14
N THR D 304 37.53 12.45 -17.05
CA THR D 304 37.16 13.57 -17.92
C THR D 304 36.58 14.77 -17.17
N HIS D 305 36.34 14.67 -15.86
CA HIS D 305 35.66 15.70 -15.08
C HIS D 305 34.28 16.00 -15.67
N VAL D 306 33.68 17.12 -15.26
CA VAL D 306 32.32 17.42 -15.68
C VAL D 306 32.28 17.69 -17.18
N VAL D 307 31.43 16.96 -17.89
CA VAL D 307 31.28 17.12 -19.33
C VAL D 307 29.85 17.36 -19.76
N THR D 308 28.85 17.06 -18.95
CA THR D 308 27.46 17.37 -19.25
C THR D 308 26.84 18.11 -18.08
N THR D 309 25.98 19.07 -18.37
CA THR D 309 25.34 19.88 -17.34
C THR D 309 23.86 20.05 -17.68
N TYR D 310 23.05 20.25 -16.65
CA TYR D 310 21.63 20.52 -16.80
C TYR D 310 21.19 21.42 -15.66
N THR D 311 20.71 22.61 -16.00
CA THR D 311 20.26 23.58 -15.00
C THR D 311 18.74 23.51 -14.91
N ILE D 312 18.25 23.22 -13.71
CA ILE D 312 16.80 23.15 -13.49
C ILE D 312 16.24 24.56 -13.46
N ASN D 313 15.23 24.81 -14.28
CA ASN D 313 14.57 26.11 -14.28
C ASN D 313 13.53 26.13 -13.16
N PRO D 314 13.75 26.92 -12.11
CA PRO D 314 12.84 26.85 -10.95
C PRO D 314 11.46 27.42 -11.21
N GLU D 315 11.29 28.26 -12.23
CA GLU D 315 9.97 28.78 -12.55
C GLU D 315 9.18 27.86 -13.48
N ALA D 316 9.84 26.88 -14.09
CA ALA D 316 9.18 25.85 -14.88
C ALA D 316 8.94 24.62 -14.01
N GLU D 317 8.36 23.60 -14.61
CA GLU D 317 8.16 22.34 -13.90
C GLU D 317 9.50 21.64 -13.68
N ILE D 318 9.76 21.26 -12.44
CA ILE D 318 11.02 20.62 -12.08
C ILE D 318 10.84 19.11 -12.26
N PRO D 319 11.72 18.44 -13.01
CA PRO D 319 11.67 16.98 -13.05
C PRO D 319 12.18 16.38 -11.75
N GLU D 320 11.48 15.34 -11.27
CA GLU D 320 11.91 14.68 -10.05
C GLU D 320 13.21 13.90 -10.23
N LEU D 321 13.52 13.49 -11.46
CA LEU D 321 14.78 12.83 -11.80
C LEU D 321 15.38 13.58 -12.97
N PRO D 322 15.98 14.75 -12.72
CA PRO D 322 16.44 15.60 -13.82
C PRO D 322 17.54 14.93 -14.61
N PRO D 323 17.57 15.12 -15.92
CA PRO D 323 18.65 14.55 -16.73
C PRO D 323 19.99 15.20 -16.43
N ILE D 324 21.06 14.53 -16.87
CA ILE D 324 22.40 15.10 -16.72
C ILE D 324 22.72 16.08 -17.83
N GLY D 325 21.79 16.34 -18.74
CA GLY D 325 21.90 17.45 -19.68
C GLY D 325 22.62 17.19 -20.97
N LYS D 326 23.39 18.17 -21.42
CA LYS D 326 24.01 18.20 -22.74
C LYS D 326 25.49 18.47 -22.60
N PRO D 327 26.28 18.08 -23.61
CA PRO D 327 27.74 18.25 -23.51
C PRO D 327 28.14 19.71 -23.41
N ILE D 328 29.20 19.96 -22.65
CA ILE D 328 29.81 21.29 -22.54
C ILE D 328 30.63 21.57 -23.79
N SER D 329 31.05 22.82 -23.95
CA SER D 329 31.79 23.23 -25.13
C SER D 329 33.01 22.34 -25.38
N ASN D 330 33.28 22.07 -26.66
CA ASN D 330 34.41 21.25 -27.08
C ASN D 330 34.33 19.84 -26.51
N THR D 331 33.13 19.33 -26.32
CA THR D 331 32.91 17.98 -25.81
C THR D 331 31.77 17.34 -26.59
N TRP D 332 31.97 16.08 -26.97
CA TRP D 332 30.96 15.32 -27.70
C TRP D 332 30.67 14.02 -26.97
N ILE D 333 29.39 13.68 -26.88
CA ILE D 333 28.92 12.54 -26.10
C ILE D 333 28.24 11.56 -27.04
N TYR D 334 28.67 10.31 -27.01
CA TYR D 334 28.08 9.24 -27.81
C TYR D 334 27.49 8.18 -26.88
N ILE D 335 26.31 7.69 -27.24
CA ILE D 335 25.66 6.58 -26.54
C ILE D 335 25.74 5.38 -27.48
N LEU D 336 26.62 4.45 -27.19
CA LEU D 336 26.96 3.37 -28.11
C LEU D 336 26.44 2.03 -27.60
N ASP D 337 26.43 1.05 -28.50
CA ASP D 337 26.14 -0.33 -28.17
C ASP D 337 27.45 -1.09 -27.94
N GLN D 338 27.36 -2.41 -27.79
CA GLN D 338 28.55 -3.21 -27.58
C GLN D 338 29.45 -3.27 -28.81
N GLU D 339 28.94 -2.88 -29.98
CA GLU D 339 29.73 -2.79 -31.19
C GLU D 339 30.13 -1.36 -31.52
N GLN D 340 30.12 -0.47 -30.51
CA GLN D 340 30.54 0.92 -30.66
C GLN D 340 29.73 1.65 -31.74
N GLN D 341 28.50 1.19 -31.98
CA GLN D 341 27.61 1.81 -32.95
C GLN D 341 26.64 2.74 -32.25
N LEU D 342 26.33 3.86 -32.89
CA LEU D 342 25.47 4.87 -32.29
C LEU D 342 24.08 4.32 -32.02
N GLN D 343 23.58 4.57 -30.81
CA GLN D 343 22.26 4.12 -30.38
C GLN D 343 21.19 5.17 -30.73
N PRO D 344 20.04 4.73 -31.23
CA PRO D 344 18.94 5.67 -31.46
C PRO D 344 18.43 6.23 -30.14
N GLN D 345 17.70 7.34 -30.24
CA GLN D 345 17.19 8.00 -29.04
C GLN D 345 16.24 7.06 -28.29
N GLY D 346 16.40 7.03 -26.97
CA GLY D 346 15.57 6.21 -26.12
C GLY D 346 16.08 4.81 -25.84
N ILE D 347 17.21 4.42 -26.44
CA ILE D 347 17.75 3.08 -26.29
C ILE D 347 18.93 3.15 -25.33
N VAL D 348 18.94 2.25 -24.33
CA VAL D 348 20.02 2.22 -23.36
C VAL D 348 21.33 1.88 -24.05
N GLY D 349 22.38 2.63 -23.73
CA GLY D 349 23.70 2.40 -24.27
C GLY D 349 24.76 2.88 -23.31
N GLU D 350 26.02 2.74 -23.72
CA GLU D 350 27.15 3.08 -22.88
C GLU D 350 27.67 4.46 -23.23
N LEU D 351 28.05 5.21 -22.21
CA LEU D 351 28.49 6.60 -22.39
C LEU D 351 29.93 6.65 -22.87
N TYR D 352 30.16 7.38 -23.96
CA TYR D 352 31.49 7.65 -24.48
C TYR D 352 31.70 9.15 -24.52
N ILE D 353 32.83 9.63 -24.01
CA ILE D 353 33.11 11.05 -23.88
C ILE D 353 34.31 11.39 -24.75
N SER D 354 34.19 12.46 -25.53
CA SER D 354 35.25 12.90 -26.43
C SER D 354 35.36 14.42 -26.37
N GLY D 355 36.56 14.91 -26.66
CA GLY D 355 36.79 16.34 -26.77
C GLY D 355 37.93 16.79 -25.87
N ALA D 356 37.92 18.08 -25.53
CA ALA D 356 39.02 18.69 -24.81
C ALA D 356 39.10 18.21 -23.35
N ASN D 357 38.02 17.67 -22.80
CA ASN D 357 38.02 17.27 -21.40
C ASN D 357 38.71 15.94 -21.16
N VAL D 358 38.90 15.12 -22.20
CA VAL D 358 39.44 13.78 -22.03
C VAL D 358 40.87 13.87 -21.52
N GLY D 359 41.14 13.23 -20.39
CA GLY D 359 42.44 13.29 -19.75
C GLY D 359 43.45 12.40 -20.44
N ARG D 360 44.60 12.24 -19.77
CA ARG D 360 45.73 11.52 -20.34
C ARG D 360 45.74 10.04 -20.01
N GLY D 361 44.90 9.58 -19.08
CA GLY D 361 44.79 8.16 -18.77
C GLY D 361 45.16 7.87 -17.32
N TYR D 362 45.67 6.66 -17.11
CA TYR D 362 46.00 6.16 -15.78
C TYR D 362 47.51 6.08 -15.60
N LEU D 363 47.99 6.54 -14.44
CA LEU D 363 49.41 6.63 -14.19
C LEU D 363 50.07 5.26 -14.17
N ASN D 364 51.11 5.09 -14.99
CA ASN D 364 51.97 3.91 -15.01
C ASN D 364 51.19 2.63 -15.32
N ASN D 365 50.02 2.75 -15.93
CA ASN D 365 49.22 1.58 -16.31
C ASN D 365 48.45 1.96 -17.57
N GLN D 366 48.99 1.61 -18.73
CA GLN D 366 48.33 1.92 -20.00
C GLN D 366 47.86 0.69 -20.74
N GLU D 367 47.96 -0.50 -20.14
CA GLU D 367 47.12 -1.59 -20.59
C GLU D 367 45.65 -1.30 -20.26
N LEU D 368 45.42 -0.75 -19.06
CA LEU D 368 44.08 -0.27 -18.71
C LEU D 368 43.71 0.96 -19.51
N THR D 369 44.66 1.88 -19.71
CA THR D 369 44.39 3.08 -20.50
C THR D 369 44.01 2.72 -21.92
N ALA D 370 44.65 1.69 -22.48
CA ALA D 370 44.28 1.23 -23.82
C ALA D 370 42.87 0.64 -23.83
N GLU D 371 42.42 0.08 -22.70
CA GLU D 371 41.06 -0.45 -22.61
C GLU D 371 40.01 0.65 -22.51
N LYS D 372 40.36 1.79 -21.92
CA LYS D 372 39.38 2.83 -21.62
C LYS D 372 39.48 4.07 -22.49
N PHE D 373 40.63 4.32 -23.13
CA PHE D 373 40.83 5.52 -23.92
C PHE D 373 41.06 5.12 -25.37
N PHE D 374 40.23 5.65 -26.27
CA PHE D 374 40.25 5.32 -27.69
C PHE D 374 40.43 6.59 -28.50
N ALA D 375 40.60 6.41 -29.80
CA ALA D 375 40.51 7.51 -30.74
C ALA D 375 39.07 7.64 -31.21
N ASP D 376 38.59 8.86 -31.32
CA ASP D 376 37.19 9.09 -31.69
C ASP D 376 36.99 8.69 -33.14
N PRO D 377 36.14 7.69 -33.43
CA PRO D 377 35.90 7.33 -34.83
C PRO D 377 35.21 8.42 -35.63
N PHE D 378 34.35 9.21 -35.00
CA PHE D 378 33.61 10.25 -35.71
C PHE D 378 34.41 11.53 -35.86
N ARG D 379 35.31 11.82 -34.91
CA ARG D 379 36.18 12.99 -34.96
C ARG D 379 37.61 12.52 -34.74
N PRO D 380 38.35 12.25 -35.81
CA PRO D 380 39.62 11.52 -35.66
C PRO D 380 40.65 12.24 -34.81
N ASN D 381 40.59 13.57 -34.73
CA ASN D 381 41.56 14.33 -33.95
C ASN D 381 41.32 14.25 -32.45
N GLU D 382 40.18 13.69 -32.02
CA GLU D 382 39.76 13.76 -30.63
C GLU D 382 40.03 12.45 -29.90
N ARG D 383 40.35 12.57 -28.62
CA ARG D 383 40.48 11.43 -27.73
C ARG D 383 39.12 11.07 -27.15
N MET D 384 38.90 9.77 -26.95
CA MET D 384 37.63 9.26 -26.45
C MET D 384 37.85 8.43 -25.20
N TYR D 385 36.92 8.53 -24.26
CA TYR D 385 36.97 7.75 -23.03
C TYR D 385 35.70 6.92 -22.90
N ARG D 386 35.85 5.69 -22.41
CA ARG D 386 34.74 4.77 -22.21
C ARG D 386 34.41 4.74 -20.72
N THR D 387 33.20 5.19 -20.37
CA THR D 387 32.86 5.39 -18.97
C THR D 387 32.39 4.10 -18.31
N GLY D 388 31.68 3.24 -19.04
CA GLY D 388 30.99 2.14 -18.42
C GLY D 388 29.66 2.50 -17.82
N ASP D 389 29.21 3.74 -18.00
CA ASP D 389 27.92 4.19 -17.48
C ASP D 389 26.85 4.06 -18.56
N LEU D 390 25.62 3.82 -18.12
CA LEU D 390 24.50 3.55 -19.01
C LEU D 390 23.60 4.78 -19.07
N ALA D 391 23.13 5.11 -20.27
CA ALA D 391 22.35 6.33 -20.46
C ALA D 391 21.45 6.18 -21.68
N ARG D 392 20.58 7.17 -21.85
CA ARG D 392 19.68 7.25 -22.99
C ARG D 392 19.65 8.68 -23.51
N TRP D 393 19.43 8.82 -24.81
CA TRP D 393 19.15 10.12 -25.39
C TRP D 393 17.66 10.42 -25.23
N LEU D 394 17.36 11.59 -24.69
CA LEU D 394 15.97 12.02 -24.61
C LEU D 394 15.59 12.78 -25.88
N PRO D 395 14.29 12.86 -26.19
CA PRO D 395 13.88 13.54 -27.44
C PRO D 395 14.29 15.00 -27.51
N ASP D 396 14.54 15.66 -26.37
CA ASP D 396 14.93 17.05 -26.35
C ASP D 396 16.45 17.25 -26.41
N GLY D 397 17.21 16.17 -26.61
CA GLY D 397 18.65 16.25 -26.67
C GLY D 397 19.36 16.08 -25.34
N ASN D 398 18.62 16.00 -24.23
CA ASN D 398 19.24 15.79 -22.94
C ASN D 398 19.55 14.32 -22.71
N ILE D 399 20.61 14.06 -21.96
CA ILE D 399 21.04 12.70 -21.64
C ILE D 399 20.41 12.29 -20.32
N GLU D 400 19.77 11.12 -20.31
CA GLU D 400 19.21 10.54 -19.09
C GLU D 400 20.21 9.53 -18.53
N PHE D 401 20.72 9.81 -17.34
CA PHE D 401 21.70 8.93 -16.71
C PHE D 401 21.00 7.80 -15.98
N LEU D 402 21.49 6.58 -16.19
CA LEU D 402 20.87 5.39 -15.60
C LEU D 402 21.81 4.57 -14.73
N GLY D 403 23.10 4.51 -15.05
CA GLY D 403 24.04 3.73 -14.27
C GLY D 403 25.42 3.67 -14.89
#